data_2CTQ
#
_entry.id   2CTQ
#
_entity_poly.entity_id   1
_entity_poly.type   'polypeptide(L)'
_entity_poly.pdbx_seq_one_letter_code
;GSSGSSGMDAILNYRSEDTEDYYTLLGCDELSSVEQILAEFKVRALECHPDKHPENPKAVETFQKLQKAKEILTNEESRA
RYDHWRRSQMSMPFQQWEALNDSVKTSGPSSG
;
_entity_poly.pdbx_strand_id   A
#
# COMPACT_ATOMS: atom_id res chain seq x y z
N GLY A 1 41.38 -25.69 -27.78
CA GLY A 1 41.21 -25.81 -26.34
C GLY A 1 39.87 -25.32 -25.87
N SER A 2 39.70 -25.24 -24.55
CA SER A 2 38.45 -24.78 -23.96
C SER A 2 38.57 -24.64 -22.45
N SER A 3 38.36 -23.43 -21.95
CA SER A 3 38.45 -23.16 -20.52
C SER A 3 37.79 -21.83 -20.18
N GLY A 4 37.67 -21.55 -18.88
CA GLY A 4 37.06 -20.31 -18.44
C GLY A 4 36.04 -20.53 -17.34
N SER A 5 36.06 -19.66 -16.34
CA SER A 5 35.14 -19.77 -15.22
C SER A 5 35.18 -18.50 -14.36
N SER A 6 34.02 -17.85 -14.22
CA SER A 6 33.92 -16.63 -13.43
C SER A 6 32.50 -16.44 -12.92
N GLY A 7 32.38 -15.88 -11.71
CA GLY A 7 31.08 -15.64 -11.13
C GLY A 7 31.15 -15.34 -9.65
N MET A 8 31.87 -14.26 -9.31
CA MET A 8 32.02 -13.85 -7.92
C MET A 8 31.12 -12.66 -7.60
N ASP A 9 29.93 -12.65 -8.18
CA ASP A 9 28.98 -11.57 -7.95
C ASP A 9 27.95 -11.94 -6.90
N ALA A 10 28.43 -12.25 -5.69
CA ALA A 10 27.55 -12.62 -4.59
C ALA A 10 27.17 -11.42 -3.74
N ILE A 11 26.76 -10.34 -4.41
CA ILE A 11 26.37 -9.12 -3.73
C ILE A 11 24.94 -8.72 -4.08
N LEU A 12 24.07 -8.72 -3.08
CA LEU A 12 22.67 -8.36 -3.30
C LEU A 12 22.19 -7.41 -2.20
N ASN A 13 21.15 -6.64 -2.51
CA ASN A 13 20.59 -5.69 -1.55
C ASN A 13 19.11 -5.97 -1.31
N TYR A 14 18.82 -6.75 -0.27
CA TYR A 14 17.46 -7.09 0.08
C TYR A 14 17.02 -6.40 1.36
N ARG A 15 17.60 -5.24 1.62
CA ARG A 15 17.27 -4.47 2.82
C ARG A 15 15.77 -4.27 2.94
N SER A 16 15.34 -3.75 4.09
CA SER A 16 13.91 -3.52 4.33
C SER A 16 13.59 -2.03 4.23
N GLU A 17 12.31 -1.70 4.33
CA GLU A 17 11.86 -0.32 4.25
C GLU A 17 10.69 -0.06 5.19
N ASP A 18 10.89 0.83 6.16
CA ASP A 18 9.86 1.16 7.13
C ASP A 18 9.12 2.43 6.72
N THR A 19 8.08 2.25 5.90
CA THR A 19 7.29 3.38 5.43
C THR A 19 5.90 2.93 5.00
N GLU A 20 4.94 3.84 5.10
CA GLU A 20 3.55 3.54 4.73
C GLU A 20 3.13 4.37 3.52
N ASP A 21 3.79 4.15 2.40
CA ASP A 21 3.48 4.88 1.17
C ASP A 21 2.73 3.99 0.18
N TYR A 22 1.49 4.34 -0.11
CA TYR A 22 0.67 3.57 -1.03
C TYR A 22 1.45 3.26 -2.32
N TYR A 23 2.39 4.12 -2.65
CA TYR A 23 3.21 3.94 -3.85
C TYR A 23 4.31 2.91 -3.61
N THR A 24 4.82 2.86 -2.37
CA THR A 24 5.87 1.92 -2.02
C THR A 24 5.34 0.50 -1.95
N LEU A 25 4.13 0.35 -1.41
CA LEU A 25 3.51 -0.97 -1.29
C LEU A 25 3.64 -1.76 -2.59
N LEU A 26 3.43 -1.06 -3.71
CA LEU A 26 3.52 -1.70 -5.02
C LEU A 26 4.85 -1.36 -5.70
N GLY A 27 5.65 -0.54 -5.03
CA GLY A 27 6.95 -0.15 -5.58
C GLY A 27 6.82 0.54 -6.93
N CYS A 28 5.80 1.38 -7.06
CA CYS A 28 5.57 2.11 -8.31
C CYS A 28 5.44 3.61 -8.05
N ASP A 29 5.13 4.36 -9.09
CA ASP A 29 4.98 5.81 -8.98
C ASP A 29 4.03 6.34 -10.05
N GLU A 30 3.88 7.66 -10.09
CA GLU A 30 2.99 8.30 -11.07
C GLU A 30 3.38 7.88 -12.49
N LEU A 31 4.63 7.49 -12.67
CA LEU A 31 5.12 7.07 -13.98
C LEU A 31 4.56 5.69 -14.35
N SER A 32 4.45 4.82 -13.36
CA SER A 32 3.94 3.47 -13.58
C SER A 32 2.48 3.52 -14.06
N SER A 33 2.14 2.62 -14.97
CA SER A 33 0.79 2.56 -15.51
C SER A 33 -0.07 1.59 -14.70
N VAL A 34 -1.37 1.61 -14.97
CA VAL A 34 -2.30 0.73 -14.27
C VAL A 34 -1.96 -0.74 -14.49
N GLU A 35 -1.87 -1.13 -15.76
CA GLU A 35 -1.55 -2.50 -16.12
C GLU A 35 -0.40 -3.03 -15.27
N GLN A 36 0.71 -2.30 -15.26
CA GLN A 36 1.88 -2.70 -14.49
C GLN A 36 1.56 -2.74 -13.00
N ILE A 37 1.01 -1.63 -12.49
CA ILE A 37 0.64 -1.55 -11.07
C ILE A 37 -0.09 -2.80 -10.61
N LEU A 38 -0.84 -3.40 -11.53
CA LEU A 38 -1.60 -4.60 -11.22
C LEU A 38 -0.70 -5.83 -11.20
N ALA A 39 0.11 -5.97 -12.24
CA ALA A 39 1.03 -7.11 -12.35
C ALA A 39 1.87 -7.25 -11.08
N GLU A 40 2.46 -6.14 -10.64
CA GLU A 40 3.29 -6.14 -9.44
C GLU A 40 2.46 -6.48 -8.20
N PHE A 41 1.22 -6.00 -8.18
CA PHE A 41 0.33 -6.24 -7.06
C PHE A 41 -0.02 -7.72 -6.95
N LYS A 42 -0.15 -8.37 -8.10
CA LYS A 42 -0.47 -9.80 -8.14
C LYS A 42 0.69 -10.63 -7.61
N VAL A 43 1.88 -10.38 -8.13
CA VAL A 43 3.07 -11.11 -7.71
C VAL A 43 3.42 -10.80 -6.25
N ARG A 44 3.46 -9.52 -5.93
CA ARG A 44 3.79 -9.07 -4.57
C ARG A 44 2.75 -9.56 -3.58
N ALA A 45 1.49 -9.59 -4.02
CA ALA A 45 0.39 -10.04 -3.17
C ALA A 45 0.40 -11.55 -3.02
N LEU A 46 0.63 -12.25 -4.13
CA LEU A 46 0.65 -13.71 -4.13
C LEU A 46 1.87 -14.23 -3.38
N GLU A 47 3.01 -13.57 -3.57
CA GLU A 47 4.25 -13.96 -2.91
C GLU A 47 4.08 -13.96 -1.40
N CYS A 48 3.08 -13.22 -0.91
CA CYS A 48 2.82 -13.14 0.52
C CYS A 48 1.34 -13.36 0.81
N HIS A 49 0.69 -14.15 -0.03
CA HIS A 49 -0.72 -14.45 0.14
C HIS A 49 -0.98 -15.18 1.44
N PRO A 50 -2.08 -14.82 2.13
CA PRO A 50 -2.46 -15.43 3.40
C PRO A 50 -2.92 -16.88 3.24
N ASP A 51 -3.84 -17.10 2.32
CA ASP A 51 -4.36 -18.44 2.07
C ASP A 51 -3.22 -19.45 1.92
N LYS A 52 -2.23 -19.10 1.10
CA LYS A 52 -1.08 -19.97 0.88
C LYS A 52 -0.36 -20.25 2.17
N HIS A 53 -0.09 -19.21 2.94
CA HIS A 53 0.61 -19.33 4.22
C HIS A 53 -0.35 -19.13 5.39
N PRO A 54 -1.08 -20.19 5.75
CA PRO A 54 -2.05 -20.15 6.85
C PRO A 54 -1.37 -20.02 8.22
N GLU A 55 -0.08 -20.36 8.27
CA GLU A 55 0.68 -20.30 9.51
C GLU A 55 1.05 -18.85 9.83
N ASN A 56 1.18 -18.03 8.79
CA ASN A 56 1.54 -16.63 8.97
C ASN A 56 0.33 -15.73 8.77
N PRO A 57 -0.31 -15.34 9.89
CA PRO A 57 -1.49 -14.48 9.87
C PRO A 57 -1.17 -13.06 9.44
N LYS A 58 -0.11 -12.49 10.03
CA LYS A 58 0.31 -11.14 9.71
C LYS A 58 0.20 -10.87 8.21
N ALA A 59 0.55 -11.86 7.40
CA ALA A 59 0.49 -11.74 5.95
C ALA A 59 -0.78 -11.01 5.52
N VAL A 60 -1.91 -11.42 6.10
CA VAL A 60 -3.19 -10.80 5.77
C VAL A 60 -3.05 -9.29 5.60
N GLU A 61 -2.34 -8.67 6.53
CA GLU A 61 -2.13 -7.22 6.48
C GLU A 61 -1.48 -6.81 5.17
N THR A 62 -0.34 -7.41 4.85
CA THR A 62 0.38 -7.10 3.63
C THR A 62 -0.55 -7.17 2.42
N PHE A 63 -1.47 -8.13 2.43
CA PHE A 63 -2.40 -8.31 1.34
C PHE A 63 -3.53 -7.27 1.42
N GLN A 64 -3.82 -6.83 2.63
CA GLN A 64 -4.88 -5.84 2.84
C GLN A 64 -4.44 -4.45 2.35
N LYS A 65 -3.15 -4.17 2.51
CA LYS A 65 -2.59 -2.89 2.09
C LYS A 65 -2.25 -2.91 0.61
N LEU A 66 -2.06 -4.10 0.06
CA LEU A 66 -1.72 -4.27 -1.35
C LEU A 66 -2.96 -4.13 -2.22
N GLN A 67 -4.06 -4.74 -1.78
CA GLN A 67 -5.32 -4.68 -2.52
C GLN A 67 -5.92 -3.28 -2.46
N LYS A 68 -5.80 -2.64 -1.31
CA LYS A 68 -6.33 -1.29 -1.12
C LYS A 68 -5.60 -0.29 -2.01
N ALA A 69 -4.30 -0.13 -1.78
CA ALA A 69 -3.50 0.79 -2.56
C ALA A 69 -3.69 0.55 -4.06
N LYS A 70 -3.50 -0.69 -4.48
CA LYS A 70 -3.65 -1.05 -5.89
C LYS A 70 -4.92 -0.45 -6.47
N GLU A 71 -5.98 -0.43 -5.67
CA GLU A 71 -7.26 0.11 -6.11
C GLU A 71 -7.20 1.64 -6.21
N ILE A 72 -6.79 2.28 -5.11
CA ILE A 72 -6.69 3.73 -5.07
C ILE A 72 -5.85 4.25 -6.23
N LEU A 73 -4.88 3.45 -6.66
CA LEU A 73 -4.00 3.82 -7.76
C LEU A 73 -4.64 3.49 -9.10
N THR A 74 -4.94 2.21 -9.30
CA THR A 74 -5.56 1.76 -10.54
C THR A 74 -6.54 2.79 -11.09
N ASN A 75 -7.39 3.32 -10.20
CA ASN A 75 -8.38 4.32 -10.59
C ASN A 75 -7.76 5.71 -10.62
N GLU A 76 -7.82 6.36 -11.78
CA GLU A 76 -7.26 7.70 -11.94
C GLU A 76 -8.03 8.71 -11.08
N GLU A 77 -9.32 8.46 -10.90
CA GLU A 77 -10.17 9.34 -10.10
C GLU A 77 -9.75 9.33 -8.64
N SER A 78 -9.67 8.15 -8.06
CA SER A 78 -9.29 8.00 -6.67
C SER A 78 -7.84 8.46 -6.44
N ARG A 79 -6.95 8.02 -7.31
CA ARG A 79 -5.54 8.39 -7.22
C ARG A 79 -5.37 9.92 -7.26
N ALA A 80 -5.98 10.54 -8.26
CA ALA A 80 -5.90 11.99 -8.41
C ALA A 80 -6.07 12.69 -7.07
N ARG A 81 -7.03 12.23 -6.28
CA ARG A 81 -7.29 12.82 -4.98
C ARG A 81 -6.11 12.58 -4.03
N TYR A 82 -5.57 11.37 -4.06
CA TYR A 82 -4.44 11.01 -3.21
C TYR A 82 -3.30 12.00 -3.38
N ASP A 83 -2.85 12.17 -4.62
CA ASP A 83 -1.75 13.08 -4.92
C ASP A 83 -2.02 14.46 -4.33
N HIS A 84 -3.24 14.96 -4.53
CA HIS A 84 -3.62 16.27 -4.02
C HIS A 84 -3.38 16.36 -2.52
N TRP A 85 -3.84 15.36 -1.78
CA TRP A 85 -3.67 15.33 -0.34
C TRP A 85 -2.18 15.36 0.03
N ARG A 86 -1.35 14.79 -0.84
CA ARG A 86 0.09 14.76 -0.59
C ARG A 86 0.69 16.15 -0.72
N ARG A 87 0.46 16.80 -1.86
CA ARG A 87 0.99 18.14 -2.11
C ARG A 87 0.58 19.09 -0.99
N SER A 88 -0.51 18.76 -0.30
CA SER A 88 -1.01 19.59 0.78
C SER A 88 -0.51 19.08 2.13
N GLN A 89 0.04 17.88 2.13
CA GLN A 89 0.56 17.28 3.36
C GLN A 89 -0.33 17.61 4.55
N MET A 90 -1.64 17.39 4.39
CA MET A 90 -2.60 17.66 5.45
C MET A 90 -2.18 16.99 6.75
N SER A 91 -2.60 17.56 7.87
CA SER A 91 -2.27 17.02 9.18
C SER A 91 -2.78 15.59 9.33
N MET A 92 -4.04 15.37 8.95
CA MET A 92 -4.65 14.06 9.04
C MET A 92 -4.23 13.18 7.85
N PRO A 93 -4.29 11.86 8.04
CA PRO A 93 -3.91 10.89 7.00
C PRO A 93 -4.92 10.87 5.86
N PHE A 94 -4.46 10.45 4.68
CA PHE A 94 -5.32 10.38 3.51
C PHE A 94 -6.65 9.72 3.85
N GLN A 95 -6.59 8.61 4.56
CA GLN A 95 -7.79 7.88 4.96
C GLN A 95 -8.88 8.85 5.42
N GLN A 96 -8.59 9.62 6.46
CA GLN A 96 -9.55 10.57 6.99
C GLN A 96 -10.09 11.47 5.89
N TRP A 97 -9.21 12.24 5.26
CA TRP A 97 -9.59 13.14 4.19
C TRP A 97 -10.56 12.46 3.23
N GLU A 98 -10.12 11.35 2.64
CA GLU A 98 -10.94 10.60 1.70
C GLU A 98 -12.41 10.64 2.11
N ALA A 99 -12.67 10.27 3.35
CA ALA A 99 -14.04 10.26 3.88
C ALA A 99 -14.70 11.62 3.71
N LEU A 100 -13.98 12.67 4.12
CA LEU A 100 -14.49 14.03 4.01
C LEU A 100 -14.93 14.35 2.59
N ASN A 101 -14.06 14.07 1.64
CA ASN A 101 -14.34 14.32 0.23
C ASN A 101 -15.71 13.75 -0.15
N ASP A 102 -15.86 12.43 0.00
CA ASP A 102 -17.11 11.76 -0.33
C ASP A 102 -18.27 12.37 0.46
N SER A 103 -18.09 12.50 1.77
CA SER A 103 -19.13 13.07 2.62
C SER A 103 -18.51 13.67 3.88
N VAL A 104 -19.12 14.76 4.36
CA VAL A 104 -18.63 15.43 5.56
C VAL A 104 -19.20 14.79 6.81
N LYS A 105 -19.61 13.53 6.70
CA LYS A 105 -20.16 12.79 7.83
C LYS A 105 -19.30 11.58 8.17
N THR A 106 -19.55 11.00 9.35
CA THR A 106 -18.80 9.84 9.79
C THR A 106 -18.99 8.67 8.83
N SER A 107 -17.91 8.28 8.14
CA SER A 107 -17.96 7.18 7.20
C SER A 107 -16.93 6.12 7.54
N GLY A 108 -17.37 4.87 7.64
CA GLY A 108 -16.46 3.78 7.96
C GLY A 108 -15.98 3.84 9.40
N PRO A 109 -16.80 3.30 10.31
CA PRO A 109 -16.47 3.28 11.75
C PRO A 109 -15.32 2.33 12.06
N SER A 110 -15.27 1.22 11.35
CA SER A 110 -14.22 0.22 11.56
C SER A 110 -12.84 0.80 11.24
N SER A 111 -12.02 0.97 12.28
CA SER A 111 -10.69 1.52 12.11
C SER A 111 -9.62 0.48 12.44
N GLY A 112 -9.65 0.00 13.67
CA GLY A 112 -8.67 -1.00 14.09
C GLY A 112 -7.59 -0.42 14.98
N GLY A 1 -16.98 -7.02 14.55
CA GLY A 1 -16.72 -5.63 14.89
C GLY A 1 -17.81 -5.07 15.80
N SER A 2 -17.39 -4.55 16.95
CA SER A 2 -18.33 -3.98 17.92
C SER A 2 -17.80 -2.66 18.48
N SER A 3 -18.54 -1.58 18.23
CA SER A 3 -18.14 -0.26 18.72
C SER A 3 -19.37 0.62 18.96
N GLY A 4 -19.18 1.67 19.75
CA GLY A 4 -20.27 2.56 20.05
C GLY A 4 -20.57 2.64 21.54
N SER A 5 -19.55 2.97 22.33
CA SER A 5 -19.70 3.06 23.78
C SER A 5 -18.59 3.90 24.39
N SER A 6 -18.74 4.23 25.67
CA SER A 6 -17.75 5.04 26.37
C SER A 6 -16.84 4.17 27.22
N GLY A 7 -17.45 3.33 28.05
CA GLY A 7 -16.68 2.45 28.91
C GLY A 7 -15.59 3.18 29.66
N MET A 8 -14.42 2.55 29.77
CA MET A 8 -13.29 3.15 30.47
C MET A 8 -12.11 3.34 29.53
N ASP A 9 -11.80 2.30 28.75
CA ASP A 9 -10.70 2.35 27.81
C ASP A 9 -11.03 3.25 26.62
N ALA A 10 -10.53 4.47 26.65
CA ALA A 10 -10.77 5.42 25.56
C ALA A 10 -9.58 5.51 24.62
N ILE A 11 -8.96 4.37 24.36
CA ILE A 11 -7.80 4.31 23.47
C ILE A 11 -8.22 3.93 22.06
N LEU A 12 -8.01 4.85 21.12
CA LEU A 12 -8.36 4.61 19.73
C LEU A 12 -7.71 3.33 19.21
N ASN A 13 -8.18 2.84 18.07
CA ASN A 13 -7.64 1.62 17.48
C ASN A 13 -6.28 1.90 16.83
N TYR A 14 -5.22 1.80 17.62
CA TYR A 14 -3.88 2.04 17.11
C TYR A 14 -3.35 0.82 16.34
N ARG A 15 -2.75 1.07 15.19
CA ARG A 15 -2.22 0.00 14.37
C ARG A 15 -0.75 0.26 14.02
N SER A 16 0.02 -0.81 13.87
CA SER A 16 1.44 -0.69 13.56
C SER A 16 1.72 -1.20 12.15
N GLU A 17 2.95 -1.01 11.68
CA GLU A 17 3.35 -1.45 10.35
C GLU A 17 2.20 -1.31 9.36
N ASP A 18 1.46 -0.21 9.48
CA ASP A 18 0.33 0.05 8.59
C ASP A 18 0.79 0.66 7.28
N THR A 19 -0.16 0.97 6.40
CA THR A 19 0.15 1.55 5.10
C THR A 19 1.36 2.47 5.20
N GLU A 20 2.44 2.11 4.51
CA GLU A 20 3.66 2.90 4.52
C GLU A 20 3.63 3.96 3.42
N ASP A 21 3.18 3.56 2.23
CA ASP A 21 3.09 4.48 1.11
C ASP A 21 2.42 3.81 -0.09
N TYR A 22 1.23 4.27 -0.44
CA TYR A 22 0.49 3.71 -1.56
C TYR A 22 1.43 3.28 -2.68
N TYR A 23 2.43 4.11 -2.95
CA TYR A 23 3.40 3.80 -4.00
C TYR A 23 4.33 2.68 -3.57
N THR A 24 4.80 2.74 -2.32
CA THR A 24 5.71 1.74 -1.78
C THR A 24 5.04 0.37 -1.77
N LEU A 25 3.83 0.31 -1.24
CA LEU A 25 3.08 -0.95 -1.17
C LEU A 25 3.22 -1.73 -2.47
N LEU A 26 3.02 -1.05 -3.59
CA LEU A 26 3.11 -1.68 -4.91
C LEU A 26 4.49 -1.43 -5.52
N GLY A 27 5.34 -0.70 -4.81
CA GLY A 27 6.66 -0.41 -5.31
C GLY A 27 6.64 0.24 -6.67
N CYS A 28 5.64 1.08 -6.91
CA CYS A 28 5.50 1.77 -8.19
C CYS A 28 5.75 3.26 -8.04
N ASP A 29 5.65 4.00 -9.14
CA ASP A 29 5.86 5.44 -9.13
C ASP A 29 4.97 6.13 -10.15
N GLU A 30 5.10 7.45 -10.26
CA GLU A 30 4.30 8.22 -11.20
C GLU A 30 4.66 7.88 -12.64
N LEU A 31 5.81 7.23 -12.81
CA LEU A 31 6.27 6.85 -14.14
C LEU A 31 5.68 5.50 -14.55
N SER A 32 5.30 4.70 -13.56
CA SER A 32 4.72 3.39 -13.82
C SER A 32 3.27 3.51 -14.29
N SER A 33 2.85 2.59 -15.16
CA SER A 33 1.49 2.60 -15.69
C SER A 33 0.63 1.56 -14.99
N VAL A 34 -0.67 1.82 -14.94
CA VAL A 34 -1.60 0.89 -14.30
C VAL A 34 -1.28 -0.55 -14.66
N GLU A 35 -1.02 -0.79 -15.94
CA GLU A 35 -0.69 -2.13 -16.42
C GLU A 35 0.44 -2.74 -15.59
N GLN A 36 1.55 -2.04 -15.53
CA GLN A 36 2.71 -2.51 -14.77
C GLN A 36 2.41 -2.58 -13.29
N ILE A 37 1.76 -1.53 -12.77
CA ILE A 37 1.40 -1.48 -11.36
C ILE A 37 0.67 -2.74 -10.93
N LEU A 38 -0.46 -3.01 -11.57
CA LEU A 38 -1.26 -4.19 -11.26
C LEU A 38 -0.38 -5.43 -11.11
N ALA A 39 0.61 -5.55 -12.00
CA ALA A 39 1.53 -6.67 -11.97
C ALA A 39 2.27 -6.75 -10.64
N GLU A 40 2.78 -5.61 -10.18
CA GLU A 40 3.50 -5.54 -8.92
C GLU A 40 2.60 -5.92 -7.76
N PHE A 41 1.33 -5.56 -7.86
CA PHE A 41 0.35 -5.86 -6.80
C PHE A 41 0.08 -7.36 -6.73
N LYS A 42 0.23 -8.04 -7.86
CA LYS A 42 0.00 -9.48 -7.92
C LYS A 42 1.18 -10.24 -7.33
N VAL A 43 2.38 -9.97 -7.83
CA VAL A 43 3.58 -10.64 -7.34
C VAL A 43 3.81 -10.34 -5.87
N ARG A 44 3.46 -9.13 -5.44
CA ARG A 44 3.62 -8.72 -4.06
C ARG A 44 2.53 -9.32 -3.18
N ALA A 45 1.33 -9.46 -3.75
CA ALA A 45 0.20 -10.02 -3.03
C ALA A 45 0.27 -11.53 -2.98
N LEU A 46 0.95 -12.12 -3.96
CA LEU A 46 1.10 -13.58 -4.02
C LEU A 46 2.17 -14.06 -3.05
N GLU A 47 3.33 -13.42 -3.11
CA GLU A 47 4.45 -13.78 -2.24
C GLU A 47 4.05 -13.65 -0.77
N CYS A 48 3.06 -12.82 -0.50
CA CYS A 48 2.59 -12.59 0.86
C CYS A 48 1.08 -12.77 0.95
N HIS A 49 0.56 -13.75 0.21
CA HIS A 49 -0.88 -14.01 0.21
C HIS A 49 -1.28 -14.84 1.43
N PRO A 50 -2.44 -14.51 2.01
CA PRO A 50 -2.97 -15.20 3.19
C PRO A 50 -3.41 -16.63 2.87
N ASP A 51 -4.14 -16.78 1.77
CA ASP A 51 -4.63 -18.09 1.36
C ASP A 51 -3.50 -19.12 1.37
N LYS A 52 -2.54 -18.95 0.46
CA LYS A 52 -1.41 -19.86 0.36
C LYS A 52 -0.77 -20.07 1.73
N HIS A 53 -0.67 -19.01 2.51
CA HIS A 53 -0.08 -19.08 3.84
C HIS A 53 -1.15 -18.92 4.92
N PRO A 54 -1.84 -20.01 5.24
CA PRO A 54 -2.90 -20.02 6.25
C PRO A 54 -2.34 -19.85 7.66
N GLU A 55 -3.23 -19.55 8.61
CA GLU A 55 -2.84 -19.36 9.99
C GLU A 55 -1.76 -18.28 10.11
N ASN A 56 -1.79 -17.33 9.18
CA ASN A 56 -0.82 -16.24 9.18
C ASN A 56 -1.51 -14.91 8.93
N PRO A 57 -1.82 -14.18 10.02
CA PRO A 57 -2.49 -12.88 9.95
C PRO A 57 -1.58 -11.79 9.38
N LYS A 58 -0.29 -11.88 9.69
CA LYS A 58 0.69 -10.92 9.20
C LYS A 58 0.50 -10.66 7.71
N ALA A 59 0.29 -11.73 6.95
CA ALA A 59 0.10 -11.61 5.51
C ALA A 59 -1.23 -10.94 5.19
N VAL A 60 -2.28 -11.33 5.91
CA VAL A 60 -3.61 -10.76 5.69
C VAL A 60 -3.56 -9.24 5.70
N GLU A 61 -2.79 -8.68 6.64
CA GLU A 61 -2.66 -7.23 6.75
C GLU A 61 -1.95 -6.65 5.53
N THR A 62 -0.86 -7.30 5.14
CA THR A 62 -0.08 -6.85 3.98
C THR A 62 -0.90 -6.92 2.70
N PHE A 63 -1.90 -7.79 2.69
CA PHE A 63 -2.77 -7.96 1.54
C PHE A 63 -3.85 -6.88 1.49
N GLN A 64 -4.28 -6.44 2.68
CA GLN A 64 -5.30 -5.42 2.77
C GLN A 64 -4.79 -4.07 2.26
N LYS A 65 -3.51 -3.82 2.47
CA LYS A 65 -2.88 -2.57 2.02
C LYS A 65 -2.45 -2.67 0.57
N LEU A 66 -2.32 -3.89 0.08
CA LEU A 66 -1.92 -4.12 -1.31
C LEU A 66 -3.10 -3.96 -2.26
N GLN A 67 -4.24 -4.51 -1.87
CA GLN A 67 -5.44 -4.42 -2.68
C GLN A 67 -5.99 -3.00 -2.69
N LYS A 68 -5.95 -2.34 -1.54
CA LYS A 68 -6.44 -0.98 -1.42
C LYS A 68 -5.73 -0.05 -2.40
N ALA A 69 -4.43 0.15 -2.18
CA ALA A 69 -3.63 1.00 -3.05
C ALA A 69 -3.89 0.69 -4.53
N LYS A 70 -3.86 -0.60 -4.86
CA LYS A 70 -4.10 -1.04 -6.23
C LYS A 70 -5.38 -0.42 -6.79
N GLU A 71 -6.40 -0.33 -5.94
CA GLU A 71 -7.68 0.25 -6.36
C GLU A 71 -7.61 1.76 -6.41
N ILE A 72 -6.81 2.34 -5.52
CA ILE A 72 -6.65 3.79 -5.45
C ILE A 72 -5.95 4.32 -6.70
N LEU A 73 -4.91 3.60 -7.13
CA LEU A 73 -4.15 3.99 -8.32
C LEU A 73 -4.88 3.60 -9.59
N THR A 74 -5.06 2.29 -9.79
CA THR A 74 -5.75 1.79 -10.97
C THR A 74 -6.87 2.73 -11.40
N ASN A 75 -7.67 3.17 -10.43
CA ASN A 75 -8.78 4.08 -10.71
C ASN A 75 -8.33 5.53 -10.65
N GLU A 76 -8.65 6.30 -11.68
CA GLU A 76 -8.27 7.70 -11.75
C GLU A 76 -8.99 8.51 -10.67
N GLU A 77 -10.31 8.55 -10.76
CA GLU A 77 -11.13 9.29 -9.81
C GLU A 77 -10.53 9.18 -8.39
N SER A 78 -10.02 8.00 -8.07
CA SER A 78 -9.42 7.77 -6.75
C SER A 78 -7.97 8.22 -6.73
N ARG A 79 -7.21 7.83 -7.75
CA ARG A 79 -5.80 8.20 -7.84
C ARG A 79 -5.63 9.70 -7.66
N ALA A 80 -6.54 10.47 -8.24
CA ALA A 80 -6.49 11.92 -8.14
C ALA A 80 -6.62 12.39 -6.70
N ARG A 81 -7.54 11.77 -5.96
CA ARG A 81 -7.76 12.12 -4.56
C ARG A 81 -6.47 11.98 -3.75
N TYR A 82 -5.83 10.83 -3.87
CA TYR A 82 -4.59 10.57 -3.13
C TYR A 82 -3.55 11.63 -3.46
N ASP A 83 -3.17 11.72 -4.73
CA ASP A 83 -2.18 12.69 -5.17
C ASP A 83 -2.42 14.05 -4.52
N HIS A 84 -3.68 14.51 -4.59
CA HIS A 84 -4.04 15.79 -4.01
C HIS A 84 -3.61 15.89 -2.55
N TRP A 85 -3.70 14.77 -1.84
CA TRP A 85 -3.31 14.72 -0.43
C TRP A 85 -1.80 14.68 -0.30
N ARG A 86 -1.16 13.83 -1.08
CA ARG A 86 0.30 13.69 -1.05
C ARG A 86 0.97 15.06 -1.13
N ARG A 87 0.61 15.83 -2.15
CA ARG A 87 1.19 17.16 -2.34
C ARG A 87 0.87 18.06 -1.16
N SER A 88 -0.15 17.70 -0.39
CA SER A 88 -0.55 18.48 0.76
C SER A 88 0.25 18.08 2.00
N GLN A 89 0.95 16.95 1.90
CA GLN A 89 1.75 16.46 3.02
C GLN A 89 1.06 16.71 4.35
N MET A 90 -0.22 16.34 4.42
CA MET A 90 -0.99 16.52 5.64
C MET A 90 -0.52 15.57 6.74
N SER A 91 -0.76 15.95 7.99
CA SER A 91 -0.36 15.13 9.12
C SER A 91 -0.98 13.74 9.05
N MET A 92 -2.30 13.70 8.87
CA MET A 92 -3.01 12.44 8.77
C MET A 92 -2.86 11.83 7.37
N PRO A 93 -3.01 10.50 7.29
CA PRO A 93 -2.90 9.77 6.02
C PRO A 93 -4.06 10.07 5.08
N PHE A 94 -3.80 9.99 3.78
CA PHE A 94 -4.82 10.23 2.77
C PHE A 94 -6.12 9.51 3.12
N GLN A 95 -6.00 8.26 3.54
CA GLN A 95 -7.16 7.46 3.90
C GLN A 95 -8.12 8.25 4.78
N GLN A 96 -7.58 8.88 5.82
CA GLN A 96 -8.39 9.67 6.73
C GLN A 96 -9.05 10.84 6.01
N TRP A 97 -8.27 11.56 5.21
CA TRP A 97 -8.80 12.69 4.46
C TRP A 97 -10.04 12.31 3.67
N GLU A 98 -9.98 11.15 3.01
CA GLU A 98 -11.11 10.66 2.21
C GLU A 98 -12.38 10.63 3.06
N ALA A 99 -12.24 10.29 4.34
CA ALA A 99 -13.37 10.22 5.24
C ALA A 99 -14.13 11.55 5.27
N LEU A 100 -13.39 12.64 5.38
CA LEU A 100 -14.00 13.97 5.42
C LEU A 100 -14.71 14.29 4.10
N ASN A 101 -14.16 13.78 3.01
CA ASN A 101 -14.75 14.01 1.69
C ASN A 101 -16.12 13.35 1.59
N ASP A 102 -16.20 12.09 2.01
CA ASP A 102 -17.45 11.35 1.96
C ASP A 102 -18.48 11.95 2.92
N SER A 103 -18.05 12.25 4.14
CA SER A 103 -18.93 12.82 5.15
C SER A 103 -18.39 14.16 5.63
N VAL A 104 -19.19 15.21 5.46
CA VAL A 104 -18.79 16.55 5.87
C VAL A 104 -19.17 16.80 7.33
N LYS A 105 -19.41 15.72 8.07
CA LYS A 105 -19.78 15.82 9.48
C LYS A 105 -18.90 14.91 10.33
N THR A 106 -18.48 15.41 11.48
CA THR A 106 -17.63 14.65 12.39
C THR A 106 -18.45 13.58 13.12
N SER A 107 -18.00 12.34 13.02
CA SER A 107 -18.69 11.23 13.68
C SER A 107 -18.53 11.30 15.19
N GLY A 108 -17.31 11.58 15.64
CA GLY A 108 -17.05 11.69 17.06
C GLY A 108 -15.73 12.35 17.37
N PRO A 109 -15.34 12.36 18.65
CA PRO A 109 -14.09 12.96 19.10
C PRO A 109 -12.86 12.18 18.63
N SER A 110 -11.84 12.89 18.17
CA SER A 110 -10.62 12.25 17.69
C SER A 110 -9.39 12.95 18.27
N SER A 111 -8.24 12.30 18.14
CA SER A 111 -6.98 12.85 18.65
C SER A 111 -6.17 13.48 17.52
N GLY A 112 -6.85 14.20 16.64
CA GLY A 112 -6.18 14.84 15.52
C GLY A 112 -5.71 13.85 14.48
N GLY A 1 36.00 -28.17 -14.96
CA GLY A 1 34.68 -28.17 -14.37
C GLY A 1 34.16 -26.78 -14.10
N SER A 2 33.32 -26.63 -13.08
CA SER A 2 32.75 -25.34 -12.73
C SER A 2 32.30 -25.32 -11.28
N SER A 3 32.30 -24.13 -10.67
CA SER A 3 31.89 -23.98 -9.28
C SER A 3 31.82 -22.50 -8.90
N GLY A 4 31.39 -22.24 -7.67
CA GLY A 4 31.27 -20.87 -7.20
C GLY A 4 30.89 -20.79 -5.73
N SER A 5 31.25 -19.68 -5.10
CA SER A 5 30.95 -19.49 -3.68
C SER A 5 31.16 -18.03 -3.28
N SER A 6 30.08 -17.36 -2.89
CA SER A 6 30.15 -15.97 -2.49
C SER A 6 29.81 -15.81 -1.00
N GLY A 7 30.65 -15.09 -0.27
CA GLY A 7 30.43 -14.88 1.14
C GLY A 7 30.44 -13.42 1.52
N MET A 8 29.43 -12.67 1.06
CA MET A 8 29.33 -11.25 1.36
C MET A 8 28.78 -11.03 2.77
N ASP A 9 29.05 -9.84 3.32
CA ASP A 9 28.59 -9.50 4.66
C ASP A 9 27.08 -9.74 4.78
N ALA A 10 26.70 -10.51 5.79
CA ALA A 10 25.29 -10.81 6.02
C ALA A 10 24.58 -9.65 6.70
N ILE A 11 24.82 -8.44 6.19
CA ILE A 11 24.20 -7.25 6.74
C ILE A 11 23.62 -6.37 5.64
N LEU A 12 22.45 -5.77 5.93
CA LEU A 12 21.79 -4.90 4.96
C LEU A 12 22.56 -3.61 4.78
N ASN A 13 22.82 -2.91 5.88
CA ASN A 13 23.54 -1.64 5.84
C ASN A 13 22.79 -0.61 5.02
N TYR A 14 21.52 -0.42 5.35
CA TYR A 14 20.68 0.55 4.64
C TYR A 14 19.54 1.04 5.52
N ARG A 15 19.35 2.36 5.55
CA ARG A 15 18.29 2.96 6.36
C ARG A 15 17.60 4.07 5.60
N SER A 16 16.27 4.08 5.65
CA SER A 16 15.48 5.10 4.96
C SER A 16 14.20 5.42 5.74
N GLU A 17 13.49 6.45 5.28
CA GLU A 17 12.25 6.86 5.94
C GLU A 17 11.06 6.14 5.33
N ASP A 18 10.12 5.76 6.19
CA ASP A 18 8.91 5.06 5.74
C ASP A 18 7.66 5.88 6.03
N THR A 19 7.09 6.48 4.98
CA THR A 19 5.89 7.29 5.13
C THR A 19 4.65 6.56 4.63
N GLU A 20 4.59 5.26 4.91
CA GLU A 20 3.47 4.43 4.49
C GLU A 20 2.95 4.89 3.13
N ASP A 21 3.85 5.35 2.28
CA ASP A 21 3.48 5.81 0.95
C ASP A 21 2.79 4.71 0.16
N TYR A 22 1.61 5.01 -0.37
CA TYR A 22 0.84 4.04 -1.14
C TYR A 22 1.68 3.48 -2.29
N TYR A 23 2.56 4.31 -2.84
CA TYR A 23 3.41 3.91 -3.95
C TYR A 23 4.36 2.78 -3.52
N THR A 24 4.88 2.90 -2.31
CA THR A 24 5.80 1.90 -1.77
C THR A 24 5.15 0.52 -1.73
N LEU A 25 3.94 0.46 -1.19
CA LEU A 25 3.21 -0.80 -1.09
C LEU A 25 3.31 -1.59 -2.38
N LEU A 26 3.07 -0.92 -3.50
CA LEU A 26 3.13 -1.56 -4.81
C LEU A 26 4.50 -1.35 -5.46
N GLY A 27 5.32 -0.52 -4.82
CA GLY A 27 6.65 -0.25 -5.34
C GLY A 27 6.61 0.34 -6.74
N CYS A 28 5.72 1.29 -6.94
CA CYS A 28 5.58 1.94 -8.26
C CYS A 28 5.80 3.44 -8.14
N ASP A 29 5.70 4.14 -9.27
CA ASP A 29 5.90 5.59 -9.29
C ASP A 29 5.06 6.22 -10.40
N GLU A 30 5.11 7.55 -10.48
CA GLU A 30 4.35 8.28 -11.48
C GLU A 30 4.74 7.82 -12.89
N LEU A 31 5.85 7.11 -12.99
CA LEU A 31 6.34 6.60 -14.27
C LEU A 31 5.64 5.29 -14.63
N SER A 32 5.50 4.41 -13.65
CA SER A 32 4.86 3.12 -13.87
C SER A 32 3.42 3.30 -14.31
N SER A 33 2.90 2.33 -15.07
CA SER A 33 1.53 2.39 -15.56
C SER A 33 0.66 1.37 -14.83
N VAL A 34 -0.65 1.44 -15.08
CA VAL A 34 -1.60 0.53 -14.45
C VAL A 34 -1.26 -0.92 -14.77
N GLU A 35 -0.84 -1.16 -16.01
CA GLU A 35 -0.48 -2.51 -16.45
C GLU A 35 0.53 -3.14 -15.51
N GLN A 36 1.57 -2.38 -15.16
CA GLN A 36 2.60 -2.87 -14.27
C GLN A 36 2.12 -2.88 -12.82
N ILE A 37 1.57 -1.76 -12.38
CA ILE A 37 1.07 -1.63 -11.02
C ILE A 37 0.17 -2.81 -10.65
N LEU A 38 -0.68 -3.20 -11.59
CA LEU A 38 -1.60 -4.32 -11.37
C LEU A 38 -0.83 -5.64 -11.28
N ALA A 39 0.09 -5.85 -12.22
CA ALA A 39 0.88 -7.07 -12.24
C ALA A 39 1.64 -7.26 -10.92
N GLU A 40 2.44 -6.26 -10.56
CA GLU A 40 3.22 -6.32 -9.33
C GLU A 40 2.31 -6.60 -8.13
N PHE A 41 1.10 -6.06 -8.18
CA PHE A 41 0.14 -6.24 -7.09
C PHE A 41 -0.23 -7.71 -6.94
N LYS A 42 -0.36 -8.40 -8.07
CA LYS A 42 -0.71 -9.82 -8.05
C LYS A 42 0.39 -10.64 -7.39
N VAL A 43 1.61 -10.51 -7.91
CA VAL A 43 2.75 -11.23 -7.36
C VAL A 43 3.01 -10.85 -5.92
N ARG A 44 3.10 -9.55 -5.66
CA ARG A 44 3.35 -9.05 -4.31
C ARG A 44 2.31 -9.58 -3.33
N ALA A 45 1.05 -9.58 -3.77
CA ALA A 45 -0.05 -10.07 -2.92
C ALA A 45 0.03 -11.58 -2.74
N LEU A 46 0.20 -12.30 -3.84
CA LEU A 46 0.29 -13.76 -3.79
C LEU A 46 1.38 -14.20 -2.82
N GLU A 47 2.57 -13.63 -2.97
CA GLU A 47 3.69 -13.96 -2.11
C GLU A 47 3.34 -13.76 -0.64
N CYS A 48 2.57 -12.72 -0.36
CA CYS A 48 2.15 -12.41 1.00
C CYS A 48 0.64 -12.44 1.12
N HIS A 49 0.01 -13.43 0.49
CA HIS A 49 -1.44 -13.58 0.54
C HIS A 49 -1.87 -14.36 1.78
N PRO A 50 -2.98 -13.93 2.39
CA PRO A 50 -3.52 -14.57 3.59
C PRO A 50 -4.11 -15.96 3.30
N ASP A 51 -4.96 -16.02 2.27
CA ASP A 51 -5.58 -17.29 1.89
C ASP A 51 -4.56 -18.42 1.87
N LYS A 52 -3.53 -18.27 1.04
CA LYS A 52 -2.48 -19.28 0.93
C LYS A 52 -1.84 -19.54 2.29
N HIS A 53 -1.51 -18.46 3.00
CA HIS A 53 -0.89 -18.58 4.32
C HIS A 53 -1.82 -18.06 5.41
N PRO A 54 -2.81 -18.88 5.79
CA PRO A 54 -3.79 -18.52 6.82
C PRO A 54 -3.16 -18.47 8.21
N GLU A 55 -3.83 -17.78 9.14
CA GLU A 55 -3.34 -17.65 10.50
C GLU A 55 -2.10 -16.76 10.55
N ASN A 56 -2.07 -15.75 9.70
CA ASN A 56 -0.94 -14.83 9.65
C ASN A 56 -1.41 -13.38 9.61
N PRO A 57 -0.95 -12.58 10.58
CA PRO A 57 -1.31 -11.16 10.68
C PRO A 57 -0.70 -10.33 9.57
N LYS A 58 0.59 -10.50 9.34
CA LYS A 58 1.30 -9.76 8.30
C LYS A 58 0.64 -9.98 6.93
N ALA A 59 0.30 -11.23 6.64
CA ALA A 59 -0.34 -11.58 5.38
C ALA A 59 -1.62 -10.78 5.17
N VAL A 60 -2.49 -10.78 6.18
CA VAL A 60 -3.75 -10.05 6.11
C VAL A 60 -3.51 -8.54 6.03
N GLU A 61 -2.46 -8.08 6.70
CA GLU A 61 -2.12 -6.66 6.70
C GLU A 61 -1.41 -6.27 5.41
N THR A 62 -0.75 -7.24 4.80
CA THR A 62 -0.01 -6.99 3.56
C THR A 62 -0.96 -6.98 2.35
N PHE A 63 -2.00 -7.80 2.42
CA PHE A 63 -2.98 -7.87 1.34
C PHE A 63 -3.99 -6.73 1.43
N GLN A 64 -4.26 -6.29 2.65
CA GLN A 64 -5.20 -5.20 2.87
C GLN A 64 -4.62 -3.87 2.40
N LYS A 65 -3.29 -3.77 2.43
CA LYS A 65 -2.61 -2.55 2.01
C LYS A 65 -2.34 -2.57 0.50
N LEU A 66 -2.16 -3.77 -0.04
CA LEU A 66 -1.89 -3.93 -1.47
C LEU A 66 -3.17 -3.76 -2.28
N GLN A 67 -4.20 -4.53 -1.92
CA GLN A 67 -5.47 -4.46 -2.61
C GLN A 67 -6.03 -3.04 -2.60
N LYS A 68 -5.80 -2.33 -1.50
CA LYS A 68 -6.27 -0.96 -1.36
C LYS A 68 -5.55 -0.03 -2.32
N ALA A 69 -4.26 0.20 -2.07
CA ALA A 69 -3.46 1.06 -2.90
C ALA A 69 -3.75 0.84 -4.38
N LYS A 70 -3.64 -0.41 -4.82
CA LYS A 70 -3.90 -0.77 -6.21
C LYS A 70 -5.18 -0.09 -6.71
N GLU A 71 -6.27 -0.32 -6.00
CA GLU A 71 -7.56 0.27 -6.37
C GLU A 71 -7.46 1.79 -6.45
N ILE A 72 -6.88 2.39 -5.42
CA ILE A 72 -6.72 3.84 -5.36
C ILE A 72 -5.99 4.35 -6.60
N LEU A 73 -4.87 3.71 -6.93
CA LEU A 73 -4.08 4.10 -8.08
C LEU A 73 -4.80 3.76 -9.39
N THR A 74 -5.00 2.46 -9.63
CA THR A 74 -5.67 2.00 -10.84
C THR A 74 -6.78 2.97 -11.24
N ASN A 75 -7.44 3.57 -10.26
CA ASN A 75 -8.51 4.52 -10.52
C ASN A 75 -7.96 5.93 -10.69
N GLU A 76 -8.41 6.61 -11.74
CA GLU A 76 -7.96 7.97 -12.02
C GLU A 76 -8.54 8.95 -11.00
N GLU A 77 -9.85 8.85 -10.78
CA GLU A 77 -10.53 9.73 -9.83
C GLU A 77 -9.87 9.66 -8.47
N SER A 78 -9.60 8.44 -8.00
CA SER A 78 -8.97 8.25 -6.70
C SER A 78 -7.50 8.65 -6.73
N ARG A 79 -6.79 8.17 -7.74
CA ARG A 79 -5.37 8.48 -7.89
C ARG A 79 -5.13 9.99 -7.87
N ALA A 80 -5.94 10.71 -8.63
CA ALA A 80 -5.83 12.16 -8.70
C ALA A 80 -6.09 12.80 -7.35
N ARG A 81 -7.17 12.37 -6.70
CA ARG A 81 -7.53 12.91 -5.38
C ARG A 81 -6.40 12.68 -4.37
N TYR A 82 -5.75 11.52 -4.48
CA TYR A 82 -4.66 11.18 -3.57
C TYR A 82 -3.50 12.17 -3.72
N ASP A 83 -3.10 12.39 -4.97
CA ASP A 83 -2.00 13.32 -5.25
C ASP A 83 -2.20 14.65 -4.55
N HIS A 84 -3.41 15.19 -4.65
CA HIS A 84 -3.74 16.46 -4.02
C HIS A 84 -3.37 16.44 -2.54
N TRP A 85 -3.81 15.40 -1.85
CA TRP A 85 -3.52 15.26 -0.41
C TRP A 85 -2.03 15.06 -0.17
N ARG A 86 -1.41 14.25 -1.02
CA ARG A 86 0.02 13.97 -0.90
C ARG A 86 0.81 15.26 -0.72
N ARG A 87 0.47 16.26 -1.54
CA ARG A 87 1.15 17.56 -1.48
C ARG A 87 0.79 18.30 -0.21
N SER A 88 -0.45 18.11 0.25
CA SER A 88 -0.93 18.78 1.45
C SER A 88 -0.25 18.23 2.69
N GLN A 89 0.28 17.01 2.58
CA GLN A 89 0.95 16.37 3.70
C GLN A 89 0.25 16.66 5.01
N MET A 90 -1.07 16.47 5.04
CA MET A 90 -1.86 16.72 6.23
C MET A 90 -1.35 15.89 7.40
N SER A 91 -1.58 16.38 8.62
CA SER A 91 -1.14 15.68 9.82
C SER A 91 -1.58 14.23 9.80
N MET A 92 -2.84 14.00 9.44
CA MET A 92 -3.39 12.65 9.38
C MET A 92 -3.12 12.02 8.01
N PRO A 93 -3.11 10.68 7.97
CA PRO A 93 -2.87 9.92 6.74
C PRO A 93 -4.03 10.03 5.75
N PHE A 94 -3.72 9.92 4.47
CA PHE A 94 -4.74 10.01 3.43
C PHE A 94 -5.96 9.17 3.80
N GLN A 95 -5.72 7.96 4.28
CA GLN A 95 -6.81 7.06 4.66
C GLN A 95 -7.93 7.83 5.36
N GLN A 96 -7.59 8.44 6.49
CA GLN A 96 -8.57 9.21 7.25
C GLN A 96 -9.37 10.13 6.35
N TRP A 97 -8.67 10.88 5.51
CA TRP A 97 -9.31 11.81 4.58
C TRP A 97 -10.26 11.07 3.65
N GLU A 98 -9.72 10.13 2.89
CA GLU A 98 -10.53 9.35 1.96
C GLU A 98 -11.93 9.10 2.52
N ALA A 99 -11.99 8.52 3.72
CA ALA A 99 -13.26 8.23 4.36
C ALA A 99 -14.20 9.41 4.26
N LEU A 100 -13.74 10.57 4.73
CA LEU A 100 -14.56 11.79 4.70
C LEU A 100 -14.99 12.12 3.27
N ASN A 101 -14.02 12.14 2.36
CA ASN A 101 -14.30 12.44 0.96
C ASN A 101 -15.64 11.86 0.53
N ASP A 102 -15.78 10.54 0.66
CA ASP A 102 -17.02 9.87 0.29
C ASP A 102 -18.16 10.26 1.23
N SER A 103 -17.92 10.13 2.52
CA SER A 103 -18.93 10.48 3.52
C SER A 103 -18.35 10.39 4.93
N VAL A 104 -19.14 10.79 5.92
CA VAL A 104 -18.71 10.77 7.31
C VAL A 104 -19.06 9.43 7.96
N LYS A 105 -18.16 8.46 7.83
CA LYS A 105 -18.37 7.14 8.41
C LYS A 105 -17.05 6.51 8.84
N THR A 106 -16.91 6.28 10.14
CA THR A 106 -15.70 5.69 10.68
C THR A 106 -15.43 4.32 10.07
N SER A 107 -14.15 3.96 9.98
CA SER A 107 -13.76 2.68 9.39
C SER A 107 -13.23 1.74 10.48
N GLY A 108 -12.18 2.16 11.16
CA GLY A 108 -11.59 1.35 12.21
C GLY A 108 -10.28 0.71 11.80
N PRO A 109 -9.22 1.53 11.71
CA PRO A 109 -7.89 1.07 11.32
C PRO A 109 -7.25 0.19 12.39
N SER A 110 -7.69 0.35 13.63
CA SER A 110 -7.15 -0.43 14.74
C SER A 110 -5.64 -0.61 14.60
N SER A 111 -4.96 0.47 14.22
CA SER A 111 -3.51 0.44 14.06
C SER A 111 -2.82 -0.01 15.34
N GLY A 112 -1.62 -0.55 15.21
CA GLY A 112 -0.88 -1.01 16.36
C GLY A 112 -1.09 -0.12 17.58
N GLY A 1 -8.07 -21.55 18.16
CA GLY A 1 -7.62 -22.35 17.03
C GLY A 1 -6.17 -22.13 16.71
N SER A 2 -5.57 -23.10 16.01
CA SER A 2 -4.16 -23.01 15.65
C SER A 2 -3.76 -24.15 14.71
N SER A 3 -2.73 -23.92 13.92
CA SER A 3 -2.26 -24.92 12.97
C SER A 3 -0.75 -25.14 13.11
N GLY A 4 -0.23 -26.11 12.36
CA GLY A 4 1.19 -26.40 12.41
C GLY A 4 1.73 -26.87 11.08
N SER A 5 2.30 -25.95 10.32
CA SER A 5 2.86 -26.27 9.00
C SER A 5 4.31 -25.83 8.91
N SER A 6 5.04 -26.38 7.93
CA SER A 6 6.44 -26.04 7.74
C SER A 6 6.63 -24.54 7.60
N GLY A 7 7.64 -24.01 8.29
CA GLY A 7 7.91 -22.58 8.22
C GLY A 7 9.38 -22.27 8.34
N MET A 8 9.92 -21.59 7.33
CA MET A 8 11.34 -21.22 7.33
C MET A 8 11.51 -19.73 7.08
N ASP A 9 12.49 -19.14 7.76
CA ASP A 9 12.76 -17.71 7.61
C ASP A 9 14.24 -17.46 7.29
N ALA A 10 14.55 -17.38 6.00
CA ALA A 10 15.92 -17.15 5.58
C ALA A 10 16.13 -15.69 5.16
N ILE A 11 15.59 -14.77 5.95
CA ILE A 11 15.72 -13.35 5.68
C ILE A 11 17.01 -12.79 6.28
N LEU A 12 17.76 -12.06 5.47
CA LEU A 12 19.01 -11.46 5.91
C LEU A 12 18.76 -10.46 7.05
N ASN A 13 19.80 -10.19 7.83
CA ASN A 13 19.69 -9.26 8.95
C ASN A 13 19.79 -7.82 8.47
N TYR A 14 18.67 -7.28 7.99
CA TYR A 14 18.64 -5.91 7.50
C TYR A 14 17.43 -5.16 8.04
N ARG A 15 17.63 -3.90 8.42
CA ARG A 15 16.55 -3.08 8.94
C ARG A 15 16.09 -2.06 7.92
N SER A 16 14.77 -1.98 7.73
CA SER A 16 14.19 -1.04 6.77
C SER A 16 13.71 0.23 7.46
N GLU A 17 13.84 1.36 6.78
CA GLU A 17 13.42 2.64 7.34
C GLU A 17 11.92 2.62 7.66
N ASP A 18 11.41 3.75 8.12
CA ASP A 18 10.00 3.87 8.45
C ASP A 18 9.27 4.78 7.46
N THR A 19 8.84 4.19 6.35
CA THR A 19 8.14 4.95 5.32
C THR A 19 6.87 4.23 4.88
N GLU A 20 5.75 4.96 4.86
CA GLU A 20 4.48 4.39 4.46
C GLU A 20 3.88 5.16 3.28
N ASP A 21 4.13 4.66 2.07
CA ASP A 21 3.61 5.30 0.87
C ASP A 21 2.89 4.29 -0.02
N TYR A 22 1.76 4.70 -0.57
CA TYR A 22 0.97 3.82 -1.44
C TYR A 22 1.78 3.38 -2.65
N TYR A 23 2.74 4.22 -3.05
CA TYR A 23 3.59 3.91 -4.20
C TYR A 23 4.58 2.80 -3.86
N THR A 24 5.02 2.77 -2.61
CA THR A 24 5.97 1.76 -2.16
C THR A 24 5.31 0.39 -2.06
N LEU A 25 4.11 0.35 -1.49
CA LEU A 25 3.37 -0.89 -1.32
C LEU A 25 3.36 -1.68 -2.63
N LEU A 26 3.08 -1.01 -3.73
CA LEU A 26 3.03 -1.64 -5.04
C LEU A 26 4.36 -1.46 -5.78
N GLY A 27 5.27 -0.71 -5.17
CA GLY A 27 6.56 -0.47 -5.79
C GLY A 27 6.44 0.19 -7.14
N CYS A 28 5.47 1.08 -7.29
CA CYS A 28 5.26 1.78 -8.56
C CYS A 28 5.52 3.27 -8.41
N ASP A 29 5.34 4.01 -9.50
CA ASP A 29 5.56 5.45 -9.48
C ASP A 29 4.58 6.16 -10.41
N GLU A 30 4.70 7.47 -10.50
CA GLU A 30 3.82 8.27 -11.36
C GLU A 30 4.07 7.96 -12.84
N LEU A 31 5.19 7.29 -13.11
CA LEU A 31 5.55 6.93 -14.47
C LEU A 31 4.87 5.64 -14.90
N SER A 32 4.83 4.68 -13.99
CA SER A 32 4.21 3.38 -14.27
C SER A 32 2.69 3.53 -14.47
N SER A 33 2.12 2.68 -15.30
CA SER A 33 0.69 2.72 -15.58
C SER A 33 -0.03 1.56 -14.90
N VAL A 34 -1.36 1.61 -14.91
CA VAL A 34 -2.17 0.57 -14.29
C VAL A 34 -1.74 -0.82 -14.78
N GLU A 35 -1.18 -0.86 -15.98
CA GLU A 35 -0.73 -2.13 -16.55
C GLU A 35 0.43 -2.72 -15.75
N GLN A 36 1.42 -1.88 -15.45
CA GLN A 36 2.58 -2.32 -14.69
C GLN A 36 2.24 -2.47 -13.21
N ILE A 37 1.73 -1.39 -12.61
CA ILE A 37 1.35 -1.40 -11.20
C ILE A 37 0.73 -2.73 -10.82
N LEU A 38 -0.38 -3.07 -11.46
CA LEU A 38 -1.08 -4.31 -11.18
C LEU A 38 -0.10 -5.48 -11.07
N ALA A 39 0.61 -5.76 -12.16
CA ALA A 39 1.57 -6.85 -12.18
C ALA A 39 2.33 -6.94 -10.85
N GLU A 40 2.81 -5.80 -10.37
CA GLU A 40 3.55 -5.75 -9.12
C GLU A 40 2.62 -6.01 -7.94
N PHE A 41 1.39 -5.52 -8.03
CA PHE A 41 0.41 -5.70 -6.97
C PHE A 41 0.06 -7.17 -6.79
N LYS A 42 -0.12 -7.87 -7.91
CA LYS A 42 -0.46 -9.29 -7.89
C LYS A 42 0.66 -10.10 -7.23
N VAL A 43 1.87 -9.94 -7.74
CA VAL A 43 3.03 -10.65 -7.20
C VAL A 43 3.24 -10.33 -5.73
N ARG A 44 3.20 -9.04 -5.41
CA ARG A 44 3.40 -8.58 -4.03
C ARG A 44 2.31 -9.14 -3.12
N ALA A 45 1.09 -9.26 -3.66
CA ALA A 45 -0.04 -9.77 -2.90
C ALA A 45 0.08 -11.27 -2.69
N LEU A 46 0.43 -11.99 -3.75
CA LEU A 46 0.58 -13.44 -3.69
C LEU A 46 1.70 -13.83 -2.73
N GLU A 47 2.85 -13.19 -2.89
CA GLU A 47 4.01 -13.47 -2.05
C GLU A 47 3.63 -13.37 -0.56
N CYS A 48 2.80 -12.39 -0.24
CA CYS A 48 2.36 -12.18 1.13
C CYS A 48 0.85 -12.38 1.26
N HIS A 49 0.34 -13.39 0.57
CA HIS A 49 -1.09 -13.69 0.61
C HIS A 49 -1.46 -14.43 1.89
N PRO A 50 -2.63 -14.07 2.45
CA PRO A 50 -3.12 -14.68 3.69
C PRO A 50 -3.54 -16.14 3.49
N ASP A 51 -4.36 -16.36 2.47
CA ASP A 51 -4.84 -17.72 2.17
C ASP A 51 -3.70 -18.72 2.23
N LYS A 52 -2.55 -18.34 1.69
CA LYS A 52 -1.38 -19.20 1.68
C LYS A 52 -0.73 -19.27 3.06
N HIS A 53 -0.61 -18.11 3.70
CA HIS A 53 -0.01 -18.03 5.02
C HIS A 53 -1.03 -17.60 6.06
N PRO A 54 -1.98 -18.50 6.37
CA PRO A 54 -3.04 -18.25 7.34
C PRO A 54 -2.51 -18.17 8.78
N GLU A 55 -1.47 -18.97 9.05
CA GLU A 55 -0.87 -18.99 10.39
C GLU A 55 -0.40 -17.60 10.80
N ASN A 56 -0.15 -16.76 9.80
CA ASN A 56 0.32 -15.39 10.06
C ASN A 56 -0.79 -14.38 9.76
N PRO A 57 -1.15 -13.58 10.78
CA PRO A 57 -2.20 -12.56 10.65
C PRO A 57 -1.76 -11.40 9.77
N LYS A 58 -0.54 -10.93 9.98
CA LYS A 58 0.01 -9.82 9.21
C LYS A 58 -0.37 -9.95 7.73
N ALA A 59 -0.20 -11.15 7.18
CA ALA A 59 -0.54 -11.40 5.78
C ALA A 59 -1.82 -10.67 5.38
N VAL A 60 -2.89 -10.95 6.09
CA VAL A 60 -4.18 -10.31 5.81
C VAL A 60 -4.03 -8.81 5.65
N GLU A 61 -3.27 -8.20 6.55
CA GLU A 61 -3.04 -6.76 6.51
C GLU A 61 -2.23 -6.37 5.28
N THR A 62 -1.18 -7.15 5.01
CA THR A 62 -0.31 -6.88 3.87
C THR A 62 -1.11 -6.90 2.56
N PHE A 63 -2.16 -7.71 2.53
CA PHE A 63 -3.01 -7.81 1.34
C PHE A 63 -4.07 -6.72 1.33
N GLN A 64 -4.51 -6.31 2.52
CA GLN A 64 -5.53 -5.27 2.64
C GLN A 64 -4.99 -3.93 2.19
N LYS A 65 -3.71 -3.68 2.46
CA LYS A 65 -3.07 -2.44 2.09
C LYS A 65 -2.75 -2.42 0.60
N LEU A 66 -2.30 -3.56 0.08
CA LEU A 66 -1.96 -3.68 -1.33
C LEU A 66 -3.18 -3.42 -2.22
N GLN A 67 -4.26 -4.16 -1.95
CA GLN A 67 -5.49 -4.02 -2.71
C GLN A 67 -5.95 -2.56 -2.72
N LYS A 68 -5.78 -1.88 -1.60
CA LYS A 68 -6.18 -0.49 -1.48
C LYS A 68 -5.36 0.40 -2.40
N ALA A 69 -4.07 0.54 -2.08
CA ALA A 69 -3.17 1.36 -2.89
C ALA A 69 -3.44 1.18 -4.38
N LYS A 70 -3.63 -0.07 -4.79
CA LYS A 70 -3.90 -0.39 -6.18
C LYS A 70 -5.18 0.29 -6.66
N GLU A 71 -6.31 -0.11 -6.10
CA GLU A 71 -7.59 0.47 -6.46
C GLU A 71 -7.51 1.98 -6.56
N ILE A 72 -6.79 2.58 -5.61
CA ILE A 72 -6.62 4.03 -5.59
C ILE A 72 -5.87 4.52 -6.82
N LEU A 73 -4.76 3.86 -7.12
CA LEU A 73 -3.94 4.23 -8.28
C LEU A 73 -4.61 3.78 -9.58
N THR A 74 -4.73 2.46 -9.74
CA THR A 74 -5.35 1.90 -10.93
C THR A 74 -6.47 2.80 -11.45
N ASN A 75 -7.37 3.19 -10.55
CA ASN A 75 -8.49 4.05 -10.91
C ASN A 75 -8.06 5.52 -10.92
N GLU A 76 -8.25 6.18 -12.07
CA GLU A 76 -7.88 7.58 -12.21
C GLU A 76 -8.66 8.44 -11.22
N GLU A 77 -9.95 8.16 -11.08
CA GLU A 77 -10.81 8.91 -10.16
C GLU A 77 -10.15 9.04 -8.80
N SER A 78 -9.84 7.92 -8.18
CA SER A 78 -9.21 7.91 -6.86
C SER A 78 -7.78 8.43 -6.94
N ARG A 79 -7.00 7.88 -7.88
CA ARG A 79 -5.61 8.29 -8.06
C ARG A 79 -5.50 9.81 -8.07
N ALA A 80 -6.46 10.46 -8.72
CA ALA A 80 -6.46 11.93 -8.81
C ALA A 80 -6.63 12.56 -7.45
N ARG A 81 -7.51 11.98 -6.64
CA ARG A 81 -7.78 12.49 -5.30
C ARG A 81 -6.60 12.23 -4.38
N TYR A 82 -6.04 11.03 -4.47
CA TYR A 82 -4.90 10.65 -3.64
C TYR A 82 -3.76 11.64 -3.79
N ASP A 83 -3.42 11.95 -5.04
CA ASP A 83 -2.34 12.90 -5.31
C ASP A 83 -2.56 14.22 -4.57
N HIS A 84 -3.76 14.77 -4.70
CA HIS A 84 -4.09 16.03 -4.05
C HIS A 84 -3.65 16.01 -2.59
N TRP A 85 -3.83 14.87 -1.92
CA TRP A 85 -3.45 14.73 -0.52
C TRP A 85 -1.94 14.73 -0.37
N ARG A 86 -1.26 13.94 -1.20
CA ARG A 86 0.19 13.85 -1.16
C ARG A 86 0.82 15.24 -1.14
N ARG A 87 0.55 16.02 -2.18
CA ARG A 87 1.08 17.37 -2.28
C ARG A 87 0.74 18.19 -1.03
N SER A 88 -0.44 17.93 -0.48
CA SER A 88 -0.89 18.65 0.71
C SER A 88 -0.03 18.29 1.92
N GLN A 89 0.82 17.28 1.76
CA GLN A 89 1.68 16.83 2.84
C GLN A 89 0.99 16.96 4.19
N MET A 90 -0.21 16.41 4.29
CA MET A 90 -0.99 16.46 5.52
C MET A 90 -0.25 15.73 6.65
N SER A 91 -0.63 16.04 7.88
CA SER A 91 -0.01 15.43 9.05
C SER A 91 -0.47 13.97 9.20
N MET A 92 -1.77 13.76 9.05
CA MET A 92 -2.33 12.42 9.17
C MET A 92 -2.23 11.67 7.85
N PRO A 93 -2.23 10.32 7.94
CA PRO A 93 -2.13 9.46 6.76
C PRO A 93 -3.39 9.50 5.91
N PHE A 94 -3.23 9.26 4.61
CA PHE A 94 -4.36 9.26 3.68
C PHE A 94 -5.52 8.44 4.24
N GLN A 95 -5.19 7.48 5.10
CA GLN A 95 -6.21 6.62 5.69
C GLN A 95 -7.38 7.44 6.22
N GLN A 96 -7.07 8.57 6.87
CA GLN A 96 -8.10 9.44 7.41
C GLN A 96 -8.83 10.19 6.30
N TRP A 97 -8.08 10.90 5.48
CA TRP A 97 -8.66 11.66 4.38
C TRP A 97 -9.75 10.85 3.67
N GLU A 98 -9.50 9.55 3.52
CA GLU A 98 -10.46 8.66 2.86
C GLU A 98 -11.85 8.82 3.46
N ALA A 99 -11.99 8.47 4.74
CA ALA A 99 -13.26 8.59 5.43
C ALA A 99 -13.94 9.92 5.13
N LEU A 100 -13.13 10.99 5.08
CA LEU A 100 -13.65 12.32 4.80
C LEU A 100 -14.26 12.40 3.40
N ASN A 101 -13.59 11.76 2.44
CA ASN A 101 -14.07 11.76 1.06
C ASN A 101 -15.48 11.19 0.97
N ASP A 102 -15.66 9.99 1.53
CA ASP A 102 -16.96 9.33 1.52
C ASP A 102 -17.89 9.94 2.57
N SER A 103 -19.20 9.84 2.34
CA SER A 103 -20.18 10.38 3.27
C SER A 103 -20.16 9.61 4.59
N VAL A 104 -20.01 10.34 5.69
CA VAL A 104 -19.98 9.72 7.02
C VAL A 104 -21.38 9.52 7.56
N LYS A 105 -22.08 8.52 7.03
CA LYS A 105 -23.44 8.21 7.47
C LYS A 105 -23.54 8.23 8.98
N THR A 106 -22.48 7.78 9.65
CA THR A 106 -22.45 7.75 11.10
C THR A 106 -23.79 7.35 11.67
N SER A 107 -24.33 6.23 11.19
CA SER A 107 -25.63 5.73 11.65
C SER A 107 -25.51 4.30 12.17
N GLY A 108 -24.85 3.45 11.39
CA GLY A 108 -24.67 2.06 11.78
C GLY A 108 -23.24 1.74 12.16
N PRO A 109 -23.08 0.84 13.13
CA PRO A 109 -21.76 0.42 13.62
C PRO A 109 -20.99 -0.40 12.58
N SER A 110 -21.62 -0.63 11.44
CA SER A 110 -21.00 -1.40 10.36
C SER A 110 -19.51 -1.11 10.28
N SER A 111 -18.70 -2.15 10.50
CA SER A 111 -17.25 -2.00 10.46
C SER A 111 -16.77 -1.76 9.03
N GLY A 112 -15.46 -1.60 8.88
CA GLY A 112 -14.89 -1.38 7.56
C GLY A 112 -13.57 -2.08 7.37
N GLY A 1 57.23 -5.55 -31.50
CA GLY A 1 55.87 -5.56 -30.99
C GLY A 1 55.81 -5.86 -29.50
N SER A 2 54.66 -5.63 -28.90
CA SER A 2 54.47 -5.88 -27.47
C SER A 2 52.99 -5.92 -27.11
N SER A 3 52.70 -6.22 -25.85
CA SER A 3 51.33 -6.30 -25.37
C SER A 3 51.28 -6.24 -23.85
N GLY A 4 50.07 -6.04 -23.31
CA GLY A 4 49.90 -5.97 -21.87
C GLY A 4 48.72 -5.12 -21.46
N SER A 5 47.86 -5.67 -20.62
CA SER A 5 46.68 -4.96 -20.15
C SER A 5 46.05 -5.66 -18.95
N SER A 6 45.68 -4.87 -17.95
CA SER A 6 45.08 -5.42 -16.73
C SER A 6 43.84 -4.63 -16.34
N GLY A 7 42.81 -5.33 -15.87
CA GLY A 7 41.58 -4.69 -15.47
C GLY A 7 41.02 -5.24 -14.17
N MET A 8 40.15 -4.47 -13.53
CA MET A 8 39.55 -4.89 -12.26
C MET A 8 38.41 -3.96 -11.87
N ASP A 9 37.27 -4.54 -11.50
CA ASP A 9 36.12 -3.77 -11.10
C ASP A 9 35.53 -4.30 -9.79
N ALA A 10 35.96 -3.70 -8.68
CA ALA A 10 35.48 -4.11 -7.36
C ALA A 10 34.52 -3.09 -6.78
N ILE A 11 33.31 -3.05 -7.32
CA ILE A 11 32.29 -2.12 -6.85
C ILE A 11 30.95 -2.81 -6.66
N LEU A 12 30.21 -2.39 -5.64
CA LEU A 12 28.89 -2.97 -5.35
C LEU A 12 27.78 -1.96 -5.61
N ASN A 13 26.55 -2.45 -5.61
CA ASN A 13 25.39 -1.58 -5.85
C ASN A 13 24.18 -2.05 -5.04
N TYR A 14 23.76 -1.22 -4.09
CA TYR A 14 22.62 -1.55 -3.24
C TYR A 14 21.88 -0.29 -2.81
N ARG A 15 20.57 -0.28 -3.01
CA ARG A 15 19.75 0.86 -2.65
C ARG A 15 18.60 0.43 -1.74
N SER A 16 18.39 1.18 -0.66
CA SER A 16 17.32 0.87 0.28
C SER A 16 16.74 2.16 0.88
N GLU A 17 15.43 2.16 1.10
CA GLU A 17 14.75 3.32 1.67
C GLU A 17 13.58 2.90 2.54
N ASP A 18 13.37 3.63 3.63
CA ASP A 18 12.27 3.33 4.55
C ASP A 18 11.21 4.41 4.50
N THR A 19 10.01 4.04 4.06
CA THR A 19 8.90 4.98 3.96
C THR A 19 7.60 4.26 3.60
N GLU A 20 6.50 4.73 4.16
CA GLU A 20 5.20 4.14 3.89
C GLU A 20 4.44 4.94 2.84
N ASP A 21 4.58 4.53 1.58
CA ASP A 21 3.91 5.20 0.48
C ASP A 21 3.12 4.21 -0.36
N TYR A 22 1.97 4.66 -0.88
CA TYR A 22 1.12 3.81 -1.69
C TYR A 22 1.86 3.31 -2.93
N TYR A 23 2.83 4.10 -3.39
CA TYR A 23 3.61 3.75 -4.56
C TYR A 23 4.61 2.64 -4.24
N THR A 24 4.98 2.54 -2.96
CA THR A 24 5.92 1.52 -2.51
C THR A 24 5.23 0.18 -2.32
N LEU A 25 4.05 0.21 -1.71
CA LEU A 25 3.28 -1.01 -1.47
C LEU A 25 3.26 -1.90 -2.70
N LEU A 26 3.11 -1.27 -3.87
CA LEU A 26 3.07 -2.01 -5.12
C LEU A 26 4.38 -1.84 -5.89
N GLY A 27 5.30 -1.08 -5.31
CA GLY A 27 6.59 -0.85 -5.96
C GLY A 27 6.44 -0.25 -7.34
N CYS A 28 5.51 0.69 -7.48
CA CYS A 28 5.28 1.35 -8.76
C CYS A 28 5.49 2.85 -8.64
N ASP A 29 5.30 3.56 -9.75
CA ASP A 29 5.47 5.00 -9.77
C ASP A 29 4.44 5.66 -10.67
N GLU A 30 4.53 6.99 -10.80
CA GLU A 30 3.60 7.74 -11.63
C GLU A 30 3.80 7.41 -13.11
N LEU A 31 4.98 6.88 -13.43
CA LEU A 31 5.32 6.53 -14.81
C LEU A 31 4.70 5.18 -15.18
N SER A 32 4.50 4.33 -14.18
CA SER A 32 3.91 3.01 -14.41
C SER A 32 2.41 3.12 -14.66
N SER A 33 1.91 2.27 -15.54
CA SER A 33 0.49 2.28 -15.88
C SER A 33 -0.24 1.16 -15.13
N VAL A 34 -1.53 1.38 -14.88
CA VAL A 34 -2.34 0.38 -14.18
C VAL A 34 -1.95 -1.03 -14.57
N GLU A 35 -1.67 -1.24 -15.85
CA GLU A 35 -1.28 -2.55 -16.35
C GLU A 35 -0.07 -3.08 -15.59
N GLN A 36 0.97 -2.26 -15.47
CA GLN A 36 2.17 -2.64 -14.76
C GLN A 36 1.91 -2.77 -13.26
N ILE A 37 1.12 -1.85 -12.73
CA ILE A 37 0.79 -1.85 -11.30
C ILE A 37 0.11 -3.16 -10.91
N LEU A 38 -1.00 -3.46 -11.58
CA LEU A 38 -1.74 -4.69 -11.30
C LEU A 38 -0.80 -5.87 -11.11
N ALA A 39 -0.10 -6.24 -12.18
CA ALA A 39 0.84 -7.35 -12.14
C ALA A 39 1.67 -7.31 -10.86
N GLU A 40 2.22 -6.15 -10.55
CA GLU A 40 3.04 -5.98 -9.35
C GLU A 40 2.23 -6.30 -8.09
N PHE A 41 0.95 -5.99 -8.12
CA PHE A 41 0.07 -6.22 -6.99
C PHE A 41 -0.23 -7.72 -6.85
N LYS A 42 -0.29 -8.42 -7.98
CA LYS A 42 -0.57 -9.84 -7.98
C LYS A 42 0.61 -10.63 -7.43
N VAL A 43 1.82 -10.24 -7.84
CA VAL A 43 3.04 -10.91 -7.39
C VAL A 43 3.33 -10.58 -5.93
N ARG A 44 3.25 -9.30 -5.59
CA ARG A 44 3.51 -8.85 -4.23
C ARG A 44 2.47 -9.43 -3.26
N ALA A 45 1.24 -9.53 -3.73
CA ALA A 45 0.15 -10.05 -2.91
C ALA A 45 0.28 -11.57 -2.75
N LEU A 46 0.65 -12.25 -3.82
CA LEU A 46 0.81 -13.69 -3.79
C LEU A 46 1.96 -14.11 -2.89
N GLU A 47 3.10 -13.42 -3.05
CA GLU A 47 4.28 -13.71 -2.24
C GLU A 47 3.97 -13.57 -0.76
N CYS A 48 3.11 -12.61 -0.42
CA CYS A 48 2.73 -12.37 0.96
C CYS A 48 1.22 -12.57 1.17
N HIS A 49 0.70 -13.65 0.60
CA HIS A 49 -0.72 -13.96 0.71
C HIS A 49 -1.00 -14.84 1.93
N PRO A 50 -2.10 -14.54 2.64
CA PRO A 50 -2.50 -15.29 3.83
C PRO A 50 -2.96 -16.70 3.50
N ASP A 51 -3.75 -16.83 2.44
CA ASP A 51 -4.26 -18.13 2.01
C ASP A 51 -3.11 -19.14 1.86
N LYS A 52 -2.06 -18.72 1.16
CA LYS A 52 -0.91 -19.58 0.94
C LYS A 52 -0.17 -19.86 2.24
N HIS A 53 -0.12 -18.86 3.11
CA HIS A 53 0.55 -19.01 4.40
C HIS A 53 -0.43 -18.75 5.55
N PRO A 54 -1.20 -19.79 5.90
CA PRO A 54 -2.19 -19.71 6.99
C PRO A 54 -1.52 -19.61 8.36
N GLU A 55 -2.33 -19.28 9.37
CA GLU A 55 -1.82 -19.15 10.74
C GLU A 55 -0.83 -17.99 10.84
N ASN A 56 -1.06 -16.95 10.05
CA ASN A 56 -0.19 -15.77 10.05
C ASN A 56 -0.96 -14.52 9.66
N PRO A 57 -1.26 -13.67 10.65
CA PRO A 57 -2.00 -12.42 10.43
C PRO A 57 -1.18 -11.40 9.67
N LYS A 58 0.13 -11.40 9.89
CA LYS A 58 1.03 -10.47 9.23
C LYS A 58 0.75 -10.42 7.72
N ALA A 59 0.46 -11.58 7.14
CA ALA A 59 0.17 -11.67 5.72
C ALA A 59 -1.12 -10.95 5.37
N VAL A 60 -2.14 -11.14 6.21
CA VAL A 60 -3.44 -10.50 6.00
C VAL A 60 -3.27 -9.01 5.78
N GLU A 61 -2.62 -8.34 6.73
CA GLU A 61 -2.40 -6.90 6.65
C GLU A 61 -1.83 -6.51 5.29
N THR A 62 -0.61 -6.98 5.02
CA THR A 62 0.05 -6.68 3.75
C THR A 62 -0.91 -6.84 2.58
N PHE A 63 -1.82 -7.79 2.69
CA PHE A 63 -2.80 -8.04 1.64
C PHE A 63 -3.85 -6.94 1.59
N GLN A 64 -4.18 -6.39 2.76
CA GLN A 64 -5.16 -5.33 2.86
C GLN A 64 -4.59 -4.01 2.37
N LYS A 65 -3.31 -3.78 2.62
CA LYS A 65 -2.64 -2.56 2.21
C LYS A 65 -2.20 -2.65 0.76
N LEU A 66 -2.07 -3.87 0.25
CA LEU A 66 -1.66 -4.09 -1.13
C LEU A 66 -2.82 -3.87 -2.08
N GLN A 67 -3.95 -4.54 -1.81
CA GLN A 67 -5.12 -4.42 -2.66
C GLN A 67 -5.70 -3.00 -2.58
N LYS A 68 -5.26 -2.24 -1.58
CA LYS A 68 -5.73 -0.87 -1.41
C LYS A 68 -5.04 0.07 -2.38
N ALA A 69 -3.73 0.25 -2.21
CA ALA A 69 -2.96 1.12 -3.08
C ALA A 69 -3.32 0.90 -4.55
N LYS A 70 -3.47 -0.36 -4.93
CA LYS A 70 -3.82 -0.70 -6.31
C LYS A 70 -5.09 0.01 -6.74
N GLU A 71 -6.19 -0.25 -6.03
CA GLU A 71 -7.47 0.38 -6.34
C GLU A 71 -7.32 1.90 -6.48
N ILE A 72 -6.73 2.51 -5.47
CA ILE A 72 -6.53 3.96 -5.47
C ILE A 72 -5.80 4.40 -6.73
N LEU A 73 -4.73 3.70 -7.07
CA LEU A 73 -3.94 4.02 -8.26
C LEU A 73 -4.73 3.70 -9.53
N THR A 74 -4.95 2.42 -9.77
CA THR A 74 -5.69 1.98 -10.96
C THR A 74 -6.77 2.97 -11.32
N ASN A 75 -7.51 3.45 -10.31
CA ASN A 75 -8.58 4.41 -10.53
C ASN A 75 -8.05 5.84 -10.50
N GLU A 76 -8.22 6.55 -11.61
CA GLU A 76 -7.76 7.93 -11.72
C GLU A 76 -8.49 8.82 -10.71
N GLU A 77 -9.76 8.53 -10.48
CA GLU A 77 -10.56 9.31 -9.53
C GLU A 77 -9.88 9.38 -8.18
N SER A 78 -9.56 8.22 -7.61
CA SER A 78 -8.91 8.14 -6.31
C SER A 78 -7.43 8.51 -6.42
N ARG A 79 -6.80 8.09 -7.50
CA ARG A 79 -5.39 8.37 -7.73
C ARG A 79 -5.12 9.88 -7.69
N ALA A 80 -6.03 10.65 -8.31
CA ALA A 80 -5.89 12.10 -8.34
C ALA A 80 -5.96 12.69 -6.94
N ARG A 81 -6.98 12.31 -6.18
CA ARG A 81 -7.15 12.81 -4.83
C ARG A 81 -5.89 12.57 -3.99
N TYR A 82 -5.47 11.31 -3.91
CA TYR A 82 -4.27 10.97 -3.15
C TYR A 82 -3.21 12.04 -3.27
N ASP A 83 -2.73 12.25 -4.49
CA ASP A 83 -1.70 13.25 -4.75
C ASP A 83 -2.06 14.59 -4.09
N HIS A 84 -3.27 15.06 -4.37
CA HIS A 84 -3.74 16.32 -3.80
C HIS A 84 -3.47 16.38 -2.30
N TRP A 85 -3.65 15.24 -1.63
CA TRP A 85 -3.43 15.16 -0.19
C TRP A 85 -1.95 14.97 0.12
N ARG A 86 -1.19 14.50 -0.87
CA ARG A 86 0.23 14.27 -0.70
C ARG A 86 0.97 15.58 -0.49
N ARG A 87 0.59 16.61 -1.25
CA ARG A 87 1.22 17.91 -1.15
C ARG A 87 0.80 18.62 0.14
N SER A 88 -0.41 18.35 0.58
CA SER A 88 -0.93 18.97 1.80
C SER A 88 -0.29 18.36 3.04
N GLN A 89 0.26 17.16 2.88
CA GLN A 89 0.92 16.46 3.98
C GLN A 89 0.16 16.69 5.29
N MET A 90 -1.16 16.81 5.20
CA MET A 90 -2.00 17.03 6.36
C MET A 90 -1.57 16.13 7.51
N SER A 91 -2.04 16.45 8.71
CA SER A 91 -1.70 15.66 9.90
C SER A 91 -2.28 14.25 9.79
N MET A 92 -3.57 14.17 9.46
CA MET A 92 -4.23 12.88 9.32
C MET A 92 -3.91 12.24 7.98
N PRO A 93 -4.01 10.90 7.92
CA PRO A 93 -3.73 10.13 6.70
C PRO A 93 -4.77 10.36 5.62
N PHE A 94 -4.36 10.26 4.36
CA PHE A 94 -5.26 10.45 3.24
C PHE A 94 -6.54 9.65 3.43
N GLN A 95 -6.40 8.39 3.82
CA GLN A 95 -7.55 7.52 4.04
C GLN A 95 -8.67 8.26 4.76
N GLN A 96 -8.30 8.99 5.82
CA GLN A 96 -9.28 9.75 6.58
C GLN A 96 -9.87 10.88 5.76
N TRP A 97 -9.03 11.50 4.93
CA TRP A 97 -9.48 12.59 4.08
C TRP A 97 -10.50 12.12 3.05
N GLU A 98 -10.20 11.00 2.40
CA GLU A 98 -11.10 10.43 1.40
C GLU A 98 -12.32 9.79 2.05
N ALA A 99 -12.18 9.44 3.33
CA ALA A 99 -13.27 8.82 4.07
C ALA A 99 -14.43 9.80 4.26
N LEU A 100 -14.10 11.05 4.51
CA LEU A 100 -15.10 12.09 4.71
C LEU A 100 -16.07 12.16 3.53
N ASN A 101 -15.52 12.11 2.33
CA ASN A 101 -16.33 12.15 1.11
C ASN A 101 -17.52 11.19 1.22
N ASP A 102 -17.26 9.97 1.66
CA ASP A 102 -18.31 8.98 1.82
C ASP A 102 -19.15 9.25 3.06
N SER A 103 -20.42 9.59 2.85
CA SER A 103 -21.33 9.89 3.95
C SER A 103 -21.39 8.71 4.93
N VAL A 104 -22.14 8.89 6.01
CA VAL A 104 -22.30 7.85 7.02
C VAL A 104 -23.71 7.86 7.60
N LYS A 105 -24.45 6.78 7.34
CA LYS A 105 -25.81 6.65 7.84
C LYS A 105 -25.83 5.97 9.20
N THR A 106 -26.89 6.21 9.96
CA THR A 106 -27.03 5.62 11.29
C THR A 106 -26.56 4.18 11.30
N SER A 107 -26.02 3.74 12.44
CA SER A 107 -25.54 2.38 12.58
C SER A 107 -26.50 1.53 13.39
N GLY A 108 -26.14 0.27 13.63
CA GLY A 108 -26.99 -0.62 14.39
C GLY A 108 -26.40 -0.94 15.75
N PRO A 109 -26.88 -2.04 16.36
CA PRO A 109 -26.42 -2.48 17.68
C PRO A 109 -24.99 -3.01 17.64
N SER A 110 -24.61 -3.59 16.51
CA SER A 110 -23.27 -4.15 16.34
C SER A 110 -22.21 -3.14 16.77
N SER A 111 -21.81 -3.20 18.04
CA SER A 111 -20.81 -2.29 18.58
C SER A 111 -19.43 -2.94 18.59
N GLY A 112 -18.42 -2.16 18.94
CA GLY A 112 -17.06 -2.69 18.99
C GLY A 112 -16.11 -1.78 19.75
N GLY A 1 39.23 -29.24 -13.33
CA GLY A 1 38.52 -27.97 -13.32
C GLY A 1 37.82 -27.72 -12.00
N SER A 2 37.00 -26.67 -11.96
CA SER A 2 36.27 -26.31 -10.75
C SER A 2 34.84 -25.91 -11.08
N SER A 3 33.94 -26.10 -10.11
CA SER A 3 32.54 -25.77 -10.30
C SER A 3 31.85 -25.55 -8.96
N GLY A 4 31.12 -24.44 -8.85
CA GLY A 4 30.42 -24.13 -7.62
C GLY A 4 29.86 -22.72 -7.60
N SER A 5 29.14 -22.37 -6.55
CA SER A 5 28.54 -21.05 -6.42
C SER A 5 28.30 -20.69 -4.95
N SER A 6 28.82 -19.53 -4.55
CA SER A 6 28.67 -19.08 -3.17
C SER A 6 28.91 -17.58 -3.07
N GLY A 7 28.13 -16.91 -2.23
CA GLY A 7 28.27 -15.47 -2.06
C GLY A 7 27.47 -14.95 -0.88
N MET A 8 27.78 -13.74 -0.45
CA MET A 8 27.08 -13.12 0.67
C MET A 8 26.48 -11.78 0.26
N ASP A 9 25.54 -11.29 1.06
CA ASP A 9 24.89 -10.02 0.80
C ASP A 9 25.39 -8.93 1.75
N ALA A 10 26.32 -8.11 1.27
CA ALA A 10 26.87 -7.03 2.08
C ALA A 10 26.39 -5.67 1.59
N ILE A 11 25.13 -5.60 1.18
CA ILE A 11 24.56 -4.36 0.68
C ILE A 11 23.20 -4.09 1.33
N LEU A 12 23.19 -4.05 2.66
CA LEU A 12 21.96 -3.80 3.40
C LEU A 12 21.12 -2.73 2.72
N ASN A 13 19.84 -2.69 3.04
CA ASN A 13 18.92 -1.71 2.46
C ASN A 13 19.16 -0.33 3.05
N TYR A 14 19.71 0.57 2.24
CA TYR A 14 19.99 1.94 2.69
C TYR A 14 18.73 2.79 2.67
N ARG A 15 18.82 3.96 3.27
CA ARG A 15 17.67 4.88 3.32
C ARG A 15 16.47 4.21 3.98
N SER A 16 16.72 3.48 5.06
CA SER A 16 15.65 2.80 5.78
C SER A 16 15.08 3.68 6.89
N GLU A 17 13.94 4.30 6.62
CA GLU A 17 13.29 5.17 7.59
C GLU A 17 11.80 4.85 7.70
N ASP A 18 11.16 5.38 8.73
CA ASP A 18 9.74 5.16 8.95
C ASP A 18 8.90 5.95 7.97
N THR A 19 8.66 5.38 6.80
CA THR A 19 7.86 6.04 5.77
C THR A 19 6.75 5.12 5.25
N GLU A 20 5.60 5.71 4.95
CA GLU A 20 4.47 4.94 4.45
C GLU A 20 3.87 5.61 3.20
N ASP A 21 4.09 4.99 2.06
CA ASP A 21 3.59 5.52 0.79
C ASP A 21 2.84 4.44 0.01
N TYR A 22 1.76 4.84 -0.65
CA TYR A 22 0.96 3.90 -1.43
C TYR A 22 1.72 3.40 -2.64
N TYR A 23 2.66 4.21 -3.13
CA TYR A 23 3.47 3.85 -4.28
C TYR A 23 4.43 2.71 -3.93
N THR A 24 4.97 2.75 -2.71
CA THR A 24 5.90 1.73 -2.26
C THR A 24 5.21 0.38 -2.11
N LEU A 25 4.05 0.37 -1.49
CA LEU A 25 3.29 -0.86 -1.29
C LEU A 25 3.37 -1.75 -2.52
N LEU A 26 3.20 -1.15 -3.69
CA LEU A 26 3.25 -1.90 -4.94
C LEU A 26 4.61 -1.74 -5.60
N GLY A 27 5.43 -0.84 -5.07
CA GLY A 27 6.75 -0.61 -5.63
C GLY A 27 6.70 -0.03 -7.02
N CYS A 28 5.75 0.88 -7.25
CA CYS A 28 5.60 1.52 -8.56
C CYS A 28 5.94 3.01 -8.48
N ASP A 29 5.84 3.68 -9.62
CA ASP A 29 6.14 5.11 -9.68
C ASP A 29 5.15 5.83 -10.58
N GLU A 30 5.17 7.16 -10.53
CA GLU A 30 4.26 7.96 -11.35
C GLU A 30 4.43 7.64 -12.83
N LEU A 31 5.57 7.04 -13.18
CA LEU A 31 5.86 6.67 -14.55
C LEU A 31 5.11 5.41 -14.96
N SER A 32 5.04 4.45 -14.03
CA SER A 32 4.35 3.20 -14.28
C SER A 32 2.86 3.42 -14.49
N SER A 33 2.23 2.52 -15.25
CA SER A 33 0.81 2.63 -15.52
C SER A 33 0.03 1.48 -14.87
N VAL A 34 -1.28 1.62 -14.80
CA VAL A 34 -2.13 0.60 -14.20
C VAL A 34 -1.80 -0.78 -14.77
N GLU A 35 -1.37 -0.82 -16.02
CA GLU A 35 -1.02 -2.07 -16.67
C GLU A 35 0.17 -2.73 -15.98
N GLN A 36 1.10 -1.91 -15.52
CA GLN A 36 2.29 -2.41 -14.85
C GLN A 36 2.03 -2.60 -13.35
N ILE A 37 1.47 -1.58 -12.72
CA ILE A 37 1.17 -1.63 -11.29
C ILE A 37 0.45 -2.93 -10.93
N LEU A 38 -0.60 -3.24 -11.67
CA LEU A 38 -1.37 -4.46 -11.42
C LEU A 38 -0.45 -5.67 -11.26
N ALA A 39 0.28 -5.99 -12.32
CA ALA A 39 1.21 -7.11 -12.30
C ALA A 39 1.93 -7.20 -10.97
N GLU A 40 2.57 -6.11 -10.56
CA GLU A 40 3.30 -6.07 -9.30
C GLU A 40 2.35 -6.36 -8.12
N PHE A 41 1.16 -5.78 -8.17
CA PHE A 41 0.17 -5.97 -7.12
C PHE A 41 -0.20 -7.45 -6.98
N LYS A 42 -0.21 -8.16 -8.10
CA LYS A 42 -0.56 -9.57 -8.11
C LYS A 42 0.55 -10.39 -7.45
N VAL A 43 1.76 -10.28 -7.97
CA VAL A 43 2.90 -11.01 -7.43
C VAL A 43 3.15 -10.64 -5.97
N ARG A 44 3.12 -9.34 -5.69
CA ARG A 44 3.35 -8.86 -4.32
C ARG A 44 2.27 -9.38 -3.38
N ALA A 45 1.04 -9.44 -3.87
CA ALA A 45 -0.08 -9.91 -3.07
C ALA A 45 -0.01 -11.43 -2.87
N LEU A 46 0.33 -12.14 -3.94
CA LEU A 46 0.43 -13.60 -3.89
C LEU A 46 1.53 -14.03 -2.94
N GLU A 47 2.74 -13.51 -3.16
CA GLU A 47 3.88 -13.85 -2.32
C GLU A 47 3.58 -13.57 -0.85
N CYS A 48 2.80 -12.51 -0.61
CA CYS A 48 2.45 -12.13 0.75
C CYS A 48 0.95 -12.31 0.98
N HIS A 49 0.40 -13.40 0.45
CA HIS A 49 -1.02 -13.70 0.61
C HIS A 49 -1.28 -14.43 1.92
N PRO A 50 -2.39 -14.07 2.57
CA PRO A 50 -2.78 -14.68 3.86
C PRO A 50 -3.22 -16.13 3.70
N ASP A 51 -4.10 -16.37 2.73
CA ASP A 51 -4.59 -17.73 2.47
C ASP A 51 -3.44 -18.69 2.22
N LYS A 52 -2.47 -18.25 1.42
CA LYS A 52 -1.32 -19.09 1.10
C LYS A 52 -0.51 -19.40 2.36
N HIS A 53 -0.30 -18.38 3.19
CA HIS A 53 0.46 -18.55 4.43
C HIS A 53 -0.42 -18.23 5.65
N PRO A 54 -1.26 -19.19 6.02
CA PRO A 54 -2.17 -19.04 7.18
C PRO A 54 -1.43 -19.03 8.51
N GLU A 55 -0.11 -19.29 8.44
CA GLU A 55 0.71 -19.31 9.65
C GLU A 55 0.97 -17.90 10.15
N ASN A 56 1.43 -17.03 9.26
CA ASN A 56 1.72 -15.65 9.63
C ASN A 56 0.47 -14.78 9.50
N PRO A 57 -0.03 -14.31 10.66
CA PRO A 57 -1.23 -13.47 10.70
C PRO A 57 -0.99 -12.07 10.13
N LYS A 58 0.28 -11.65 10.13
CA LYS A 58 0.65 -10.35 9.61
C LYS A 58 0.33 -10.24 8.13
N ALA A 59 0.59 -11.30 7.39
CA ALA A 59 0.33 -11.33 5.96
C ALA A 59 -0.97 -10.62 5.63
N VAL A 60 -2.05 -11.02 6.29
CA VAL A 60 -3.36 -10.42 6.07
C VAL A 60 -3.24 -8.93 5.80
N GLU A 61 -2.47 -8.24 6.64
CA GLU A 61 -2.26 -6.80 6.49
C GLU A 61 -1.58 -6.49 5.16
N THR A 62 -0.42 -7.08 4.94
CA THR A 62 0.33 -6.85 3.72
C THR A 62 -0.57 -6.97 2.49
N PHE A 63 -1.63 -7.75 2.61
CA PHE A 63 -2.57 -7.95 1.52
C PHE A 63 -3.68 -6.91 1.56
N GLN A 64 -4.10 -6.54 2.77
CA GLN A 64 -5.15 -5.55 2.95
C GLN A 64 -4.70 -4.18 2.47
N LYS A 65 -3.39 -3.95 2.48
CA LYS A 65 -2.82 -2.68 2.04
C LYS A 65 -2.58 -2.68 0.54
N LEU A 66 -2.16 -3.82 0.01
CA LEU A 66 -1.89 -3.95 -1.41
C LEU A 66 -3.17 -3.79 -2.23
N GLN A 67 -4.22 -4.49 -1.80
CA GLN A 67 -5.51 -4.43 -2.48
C GLN A 67 -6.13 -3.04 -2.37
N LYS A 68 -5.76 -2.32 -1.31
CA LYS A 68 -6.28 -0.98 -1.09
C LYS A 68 -5.65 0.01 -2.07
N ALA A 69 -4.34 0.20 -1.95
CA ALA A 69 -3.63 1.12 -2.84
C ALA A 69 -3.84 0.76 -4.30
N LYS A 70 -3.67 -0.52 -4.62
CA LYS A 70 -3.85 -0.99 -5.99
C LYS A 70 -5.08 -0.36 -6.62
N GLU A 71 -6.17 -0.32 -5.88
CA GLU A 71 -7.41 0.27 -6.38
C GLU A 71 -7.29 1.78 -6.48
N ILE A 72 -6.66 2.39 -5.49
CA ILE A 72 -6.48 3.84 -5.48
C ILE A 72 -5.69 4.31 -6.70
N LEU A 73 -4.70 3.52 -7.09
CA LEU A 73 -3.87 3.86 -8.25
C LEU A 73 -4.58 3.47 -9.55
N THR A 74 -4.89 2.18 -9.69
CA THR A 74 -5.56 1.69 -10.89
C THR A 74 -6.61 2.69 -11.38
N ASN A 75 -7.35 3.25 -10.44
CA ASN A 75 -8.40 4.22 -10.78
C ASN A 75 -7.83 5.64 -10.82
N GLU A 76 -8.10 6.34 -11.92
CA GLU A 76 -7.61 7.70 -12.09
C GLU A 76 -8.35 8.67 -11.16
N GLU A 77 -9.65 8.45 -11.03
CA GLU A 77 -10.48 9.30 -10.17
C GLU A 77 -9.89 9.40 -8.77
N SER A 78 -9.58 8.24 -8.19
CA SER A 78 -9.02 8.19 -6.86
C SER A 78 -7.54 8.59 -6.86
N ARG A 79 -6.78 8.02 -7.79
CA ARG A 79 -5.37 8.32 -7.91
C ARG A 79 -5.13 9.83 -7.95
N ALA A 80 -6.02 10.54 -8.63
CA ALA A 80 -5.91 11.99 -8.74
C ALA A 80 -6.01 12.65 -7.38
N ARG A 81 -7.03 12.26 -6.61
CA ARG A 81 -7.23 12.83 -5.27
C ARG A 81 -6.04 12.54 -4.37
N TYR A 82 -5.67 11.27 -4.27
CA TYR A 82 -4.54 10.87 -3.45
C TYR A 82 -3.42 11.91 -3.50
N ASP A 83 -2.98 12.21 -4.72
CA ASP A 83 -1.91 13.19 -4.92
C ASP A 83 -2.23 14.50 -4.22
N HIS A 84 -3.47 14.96 -4.38
CA HIS A 84 -3.91 16.20 -3.76
C HIS A 84 -3.61 16.20 -2.26
N TRP A 85 -3.81 15.06 -1.62
CA TRP A 85 -3.56 14.93 -0.20
C TRP A 85 -2.07 14.78 0.08
N ARG A 86 -1.35 14.12 -0.83
CA ARG A 86 0.08 13.91 -0.67
C ARG A 86 0.82 15.25 -0.63
N ARG A 87 0.42 16.17 -1.50
CA ARG A 87 1.04 17.49 -1.57
C ARG A 87 0.57 18.37 -0.43
N SER A 88 -0.52 17.97 0.22
CA SER A 88 -1.08 18.73 1.33
C SER A 88 -0.31 18.45 2.62
N GLN A 89 0.46 17.36 2.63
CA GLN A 89 1.24 16.98 3.80
C GLN A 89 0.38 17.06 5.06
N MET A 90 -0.90 16.76 4.92
CA MET A 90 -1.82 16.79 6.05
C MET A 90 -1.29 15.92 7.20
N SER A 91 -1.77 16.19 8.40
CA SER A 91 -1.36 15.44 9.58
C SER A 91 -1.95 14.04 9.57
N MET A 92 -3.25 13.96 9.35
CA MET A 92 -3.95 12.67 9.32
C MET A 92 -3.65 11.93 8.02
N PRO A 93 -3.78 10.59 8.06
CA PRO A 93 -3.52 9.74 6.91
C PRO A 93 -4.58 9.91 5.82
N PHE A 94 -4.25 9.46 4.61
CA PHE A 94 -5.17 9.57 3.48
C PHE A 94 -6.52 8.93 3.82
N GLN A 95 -6.48 7.68 4.26
CA GLN A 95 -7.70 6.96 4.61
C GLN A 95 -8.69 7.88 5.33
N GLN A 96 -8.21 8.59 6.34
CA GLN A 96 -9.04 9.51 7.10
C GLN A 96 -9.64 10.58 6.18
N TRP A 97 -8.77 11.27 5.46
CA TRP A 97 -9.22 12.33 4.55
C TRP A 97 -10.30 11.82 3.62
N GLU A 98 -10.04 10.70 2.96
CA GLU A 98 -11.01 10.11 2.04
C GLU A 98 -12.41 10.13 2.62
N ALA A 99 -12.50 9.96 3.94
CA ALA A 99 -13.79 9.97 4.62
C ALA A 99 -14.51 11.30 4.42
N LEU A 100 -13.81 12.40 4.73
CA LEU A 100 -14.38 13.73 4.59
C LEU A 100 -14.86 13.97 3.15
N ASN A 101 -14.03 13.58 2.18
CA ASN A 101 -14.39 13.75 0.78
C ASN A 101 -15.78 13.22 0.49
N ASP A 102 -16.03 11.98 0.91
CA ASP A 102 -17.33 11.35 0.70
C ASP A 102 -18.04 11.12 2.03
N SER A 103 -18.97 12.01 2.35
CA SER A 103 -19.72 11.91 3.60
C SER A 103 -21.11 11.31 3.35
N VAL A 104 -21.14 10.21 2.61
CA VAL A 104 -22.40 9.53 2.31
C VAL A 104 -22.81 8.59 3.42
N LYS A 105 -22.08 8.65 4.54
CA LYS A 105 -22.37 7.81 5.69
C LYS A 105 -21.66 8.32 6.93
N THR A 106 -22.19 7.97 8.11
CA THR A 106 -21.60 8.40 9.37
C THR A 106 -21.60 7.27 10.38
N SER A 107 -20.53 7.19 11.18
CA SER A 107 -20.41 6.14 12.19
C SER A 107 -20.20 6.75 13.58
N GLY A 108 -19.32 7.74 13.65
CA GLY A 108 -19.04 8.39 14.92
C GLY A 108 -17.57 8.36 15.28
N PRO A 109 -17.27 8.51 16.58
CA PRO A 109 -15.89 8.50 17.08
C PRO A 109 -15.25 7.12 16.99
N SER A 110 -13.92 7.09 16.94
CA SER A 110 -13.19 5.83 16.86
C SER A 110 -12.53 5.48 18.19
N SER A 111 -11.89 6.48 18.80
CA SER A 111 -11.22 6.28 20.07
C SER A 111 -11.25 7.55 20.91
N GLY A 112 -11.42 7.40 22.22
CA GLY A 112 -11.47 8.54 23.11
C GLY A 112 -12.88 8.86 23.58
N GLY A 1 42.42 31.51 22.63
CA GLY A 1 42.85 30.15 22.91
C GLY A 1 42.06 29.12 22.12
N SER A 2 41.82 27.96 22.73
CA SER A 2 41.08 26.89 22.08
C SER A 2 40.73 25.78 23.07
N SER A 3 39.84 24.89 22.67
CA SER A 3 39.41 23.79 23.53
C SER A 3 38.99 22.59 22.69
N GLY A 4 38.96 21.42 23.31
CA GLY A 4 38.56 20.20 22.62
C GLY A 4 38.39 19.03 23.56
N SER A 5 37.87 17.92 23.02
CA SER A 5 37.64 16.73 23.82
C SER A 5 38.72 15.67 23.55
N SER A 6 38.92 14.78 24.50
CA SER A 6 39.92 13.73 24.38
C SER A 6 39.39 12.57 23.53
N GLY A 7 39.79 12.53 22.26
CA GLY A 7 39.34 11.48 21.37
C GLY A 7 37.88 11.62 21.00
N MET A 8 37.63 11.88 19.72
CA MET A 8 36.27 12.04 19.22
C MET A 8 36.09 11.35 17.87
N ASP A 9 35.22 10.36 17.83
CA ASP A 9 34.96 9.62 16.60
C ASP A 9 33.46 9.55 16.31
N ALA A 10 33.05 10.08 15.16
CA ALA A 10 31.65 10.07 14.78
C ALA A 10 31.44 9.29 13.49
N ILE A 11 32.13 8.16 13.36
CA ILE A 11 32.02 7.33 12.17
C ILE A 11 31.36 5.99 12.50
N LEU A 12 30.28 5.68 11.79
CA LEU A 12 29.55 4.44 11.99
C LEU A 12 29.05 3.87 10.68
N ASN A 13 28.58 2.62 10.71
CA ASN A 13 28.07 1.96 9.51
C ASN A 13 26.68 1.40 9.75
N TYR A 14 25.67 2.24 9.56
CA TYR A 14 24.28 1.83 9.75
C TYR A 14 23.32 2.93 9.30
N ARG A 15 22.40 2.57 8.41
CA ARG A 15 21.43 3.52 7.91
C ARG A 15 20.13 2.82 7.52
N SER A 16 19.05 3.16 8.22
CA SER A 16 17.75 2.56 7.95
C SER A 16 16.76 3.60 7.43
N GLU A 17 15.99 3.22 6.41
CA GLU A 17 15.00 4.12 5.82
C GLU A 17 13.64 3.94 6.47
N ASP A 18 13.09 5.03 7.00
CA ASP A 18 11.79 4.98 7.65
C ASP A 18 10.78 5.88 6.92
N THR A 19 9.77 5.25 6.33
CA THR A 19 8.74 5.99 5.59
C THR A 19 7.63 5.07 5.13
N GLU A 20 6.49 5.65 4.75
CA GLU A 20 5.35 4.88 4.29
C GLU A 20 4.67 5.57 3.11
N ASP A 21 4.58 4.85 1.99
CA ASP A 21 3.95 5.40 0.79
C ASP A 21 3.29 4.29 -0.02
N TYR A 22 2.17 4.62 -0.67
CA TYR A 22 1.43 3.66 -1.47
C TYR A 22 2.26 3.20 -2.68
N TYR A 23 3.02 4.13 -3.24
CA TYR A 23 3.86 3.83 -4.40
C TYR A 23 4.86 2.71 -4.07
N THR A 24 5.36 2.72 -2.85
CA THR A 24 6.31 1.71 -2.41
C THR A 24 5.67 0.33 -2.32
N LEU A 25 4.49 0.28 -1.71
CA LEU A 25 3.76 -0.97 -1.55
C LEU A 25 3.73 -1.75 -2.86
N LEU A 26 3.55 -1.04 -3.96
CA LEU A 26 3.51 -1.67 -5.29
C LEU A 26 4.80 -1.40 -6.05
N GLY A 27 5.72 -0.69 -5.42
CA GLY A 27 6.98 -0.37 -6.06
C GLY A 27 6.80 0.26 -7.44
N CYS A 28 5.80 1.12 -7.56
CA CYS A 28 5.51 1.79 -8.82
C CYS A 28 5.73 3.29 -8.71
N ASP A 29 5.64 3.98 -9.85
CA ASP A 29 5.81 5.43 -9.88
C ASP A 29 4.87 6.08 -10.88
N GLU A 30 4.80 7.41 -10.85
CA GLU A 30 3.92 8.14 -11.76
C GLU A 30 4.16 7.71 -13.20
N LEU A 31 5.29 7.06 -13.44
CA LEU A 31 5.63 6.60 -14.78
C LEU A 31 4.89 5.30 -15.12
N SER A 32 4.64 4.50 -14.09
CA SER A 32 3.94 3.23 -14.28
C SER A 32 2.43 3.45 -14.37
N SER A 33 1.75 2.54 -15.05
CA SER A 33 0.30 2.63 -15.22
C SER A 33 -0.40 1.44 -14.56
N VAL A 34 -1.72 1.52 -14.45
CA VAL A 34 -2.51 0.46 -13.86
C VAL A 34 -2.12 -0.90 -14.43
N GLU A 35 -1.70 -0.92 -15.69
CA GLU A 35 -1.30 -2.14 -16.36
C GLU A 35 -0.18 -2.83 -15.60
N GLN A 36 0.91 -2.09 -15.38
CA GLN A 36 2.06 -2.63 -14.67
C GLN A 36 1.79 -2.73 -13.17
N ILE A 37 1.41 -1.60 -12.57
CA ILE A 37 1.12 -1.55 -11.15
C ILE A 37 0.37 -2.80 -10.70
N LEU A 38 -0.71 -3.12 -11.40
CA LEU A 38 -1.51 -4.30 -11.07
C LEU A 38 -0.63 -5.53 -10.95
N ALA A 39 0.02 -5.90 -12.04
CA ALA A 39 0.90 -7.06 -12.06
C ALA A 39 1.68 -7.18 -10.75
N GLU A 40 2.41 -6.12 -10.41
CA GLU A 40 3.20 -6.10 -9.19
C GLU A 40 2.34 -6.43 -7.97
N PHE A 41 1.16 -5.80 -7.90
CA PHE A 41 0.25 -6.02 -6.79
C PHE A 41 -0.16 -7.49 -6.70
N LYS A 42 -0.25 -8.14 -7.86
CA LYS A 42 -0.62 -9.55 -7.91
C LYS A 42 0.48 -10.43 -7.36
N VAL A 43 1.70 -10.24 -7.87
CA VAL A 43 2.85 -11.02 -7.40
C VAL A 43 3.15 -10.75 -5.94
N ARG A 44 3.16 -9.48 -5.57
CA ARG A 44 3.44 -9.09 -4.19
C ARG A 44 2.36 -9.60 -3.25
N ALA A 45 1.11 -9.55 -3.71
CA ALA A 45 -0.01 -10.03 -2.91
C ALA A 45 0.04 -11.54 -2.72
N LEU A 46 0.32 -12.25 -3.80
CA LEU A 46 0.39 -13.71 -3.75
C LEU A 46 1.52 -14.17 -2.84
N GLU A 47 2.70 -13.57 -3.02
CA GLU A 47 3.86 -13.91 -2.20
C GLU A 47 3.55 -13.75 -0.71
N CYS A 48 2.70 -12.78 -0.40
CA CYS A 48 2.31 -12.52 0.99
C CYS A 48 0.82 -12.77 1.19
N HIS A 49 0.25 -13.65 0.38
CA HIS A 49 -1.16 -13.98 0.48
C HIS A 49 -1.48 -14.62 1.83
N PRO A 50 -2.64 -14.26 2.41
CA PRO A 50 -3.08 -14.79 3.69
C PRO A 50 -3.47 -16.25 3.62
N ASP A 51 -4.22 -16.61 2.58
CA ASP A 51 -4.66 -17.99 2.38
C ASP A 51 -3.47 -18.94 2.34
N LYS A 52 -2.31 -18.40 1.97
CA LYS A 52 -1.09 -19.21 1.88
C LYS A 52 -0.40 -19.30 3.23
N HIS A 53 -0.31 -18.16 3.93
CA HIS A 53 0.33 -18.11 5.24
C HIS A 53 -0.71 -17.90 6.33
N PRO A 54 -1.48 -18.96 6.65
CA PRO A 54 -2.51 -18.90 7.68
C PRO A 54 -1.93 -18.79 9.08
N GLU A 55 -0.65 -19.12 9.21
CA GLU A 55 0.02 -19.05 10.51
C GLU A 55 0.49 -17.63 10.80
N ASN A 56 0.84 -16.90 9.76
CA ASN A 56 1.30 -15.52 9.90
C ASN A 56 0.17 -14.53 9.59
N PRO A 57 -0.17 -13.70 10.58
CA PRO A 57 -1.23 -12.70 10.44
C PRO A 57 -0.83 -11.56 9.51
N LYS A 58 0.47 -11.25 9.49
CA LYS A 58 0.98 -10.18 8.63
C LYS A 58 0.48 -10.34 7.20
N ALA A 59 0.72 -11.52 6.63
CA ALA A 59 0.28 -11.80 5.26
C ALA A 59 -1.07 -11.16 4.98
N VAL A 60 -1.99 -11.25 5.92
CA VAL A 60 -3.32 -10.67 5.77
C VAL A 60 -3.26 -9.16 5.72
N GLU A 61 -2.45 -8.57 6.60
CA GLU A 61 -2.31 -7.12 6.65
C GLU A 61 -1.63 -6.59 5.39
N THR A 62 -0.60 -7.31 4.94
CA THR A 62 0.13 -6.91 3.73
C THR A 62 -0.77 -6.96 2.50
N PHE A 63 -1.63 -7.98 2.45
CA PHE A 63 -2.54 -8.14 1.32
C PHE A 63 -3.69 -7.14 1.40
N GLN A 64 -4.15 -6.87 2.61
CA GLN A 64 -5.26 -5.93 2.83
C GLN A 64 -4.86 -4.52 2.39
N LYS A 65 -3.63 -4.14 2.73
CA LYS A 65 -3.12 -2.81 2.38
C LYS A 65 -2.76 -2.74 0.90
N LEU A 66 -2.50 -3.90 0.31
CA LEU A 66 -2.14 -3.97 -1.11
C LEU A 66 -3.37 -3.76 -1.98
N GLN A 67 -4.46 -4.42 -1.63
CA GLN A 67 -5.70 -4.32 -2.39
C GLN A 67 -6.24 -2.89 -2.36
N LYS A 68 -5.82 -2.13 -1.34
CA LYS A 68 -6.24 -0.74 -1.20
C LYS A 68 -5.41 0.18 -2.08
N ALA A 69 -4.15 0.36 -1.70
CA ALA A 69 -3.24 1.22 -2.45
C ALA A 69 -3.42 1.02 -3.95
N LYS A 70 -3.52 -0.24 -4.37
CA LYS A 70 -3.69 -0.56 -5.78
C LYS A 70 -5.00 0.01 -6.31
N GLU A 71 -6.10 -0.30 -5.63
CA GLU A 71 -7.41 0.17 -6.03
C GLU A 71 -7.43 1.69 -6.17
N ILE A 72 -6.62 2.36 -5.33
CA ILE A 72 -6.54 3.81 -5.37
C ILE A 72 -5.87 4.30 -6.65
N LEU A 73 -4.80 3.63 -7.05
CA LEU A 73 -4.09 3.99 -8.27
C LEU A 73 -4.86 3.58 -9.51
N THR A 74 -5.26 2.31 -9.56
CA THR A 74 -6.01 1.78 -10.70
C THR A 74 -7.05 2.79 -11.17
N ASN A 75 -7.68 3.48 -10.23
CA ASN A 75 -8.70 4.48 -10.55
C ASN A 75 -8.10 5.87 -10.58
N GLU A 76 -8.46 6.65 -11.60
CA GLU A 76 -7.96 8.01 -11.73
C GLU A 76 -8.53 8.91 -10.63
N GLU A 77 -9.84 8.83 -10.43
CA GLU A 77 -10.51 9.64 -9.41
C GLU A 77 -9.72 9.62 -8.11
N SER A 78 -9.43 8.42 -7.62
CA SER A 78 -8.70 8.27 -6.37
C SER A 78 -7.23 8.61 -6.56
N ARG A 79 -6.63 8.10 -7.64
CA ARG A 79 -5.23 8.36 -7.94
C ARG A 79 -4.91 9.85 -7.82
N ALA A 80 -5.79 10.67 -8.39
CA ALA A 80 -5.61 12.11 -8.35
C ALA A 80 -5.75 12.65 -6.93
N ARG A 81 -6.84 12.29 -6.27
CA ARG A 81 -7.10 12.73 -4.92
C ARG A 81 -5.91 12.43 -4.01
N TYR A 82 -5.42 11.21 -4.08
CA TYR A 82 -4.28 10.79 -3.26
C TYR A 82 -3.10 11.75 -3.44
N ASP A 83 -2.79 12.07 -4.69
CA ASP A 83 -1.69 12.98 -4.99
C ASP A 83 -1.95 14.36 -4.40
N HIS A 84 -3.11 14.91 -4.69
CA HIS A 84 -3.48 16.24 -4.18
C HIS A 84 -3.38 16.28 -2.65
N TRP A 85 -3.63 15.13 -2.02
CA TRP A 85 -3.57 15.04 -0.57
C TRP A 85 -2.13 15.10 -0.08
N ARG A 86 -1.22 14.52 -0.84
CA ARG A 86 0.19 14.49 -0.49
C ARG A 86 0.75 15.91 -0.39
N ARG A 87 0.72 16.63 -1.52
CA ARG A 87 1.22 17.99 -1.57
C ARG A 87 0.66 18.82 -0.42
N SER A 88 -0.54 18.46 0.03
CA SER A 88 -1.19 19.18 1.13
C SER A 88 -0.68 18.67 2.48
N GLN A 89 -0.29 17.40 2.52
CA GLN A 89 0.21 16.79 3.75
C GLN A 89 -0.72 17.09 4.93
N MET A 90 -2.01 16.88 4.73
CA MET A 90 -3.00 17.13 5.77
C MET A 90 -2.60 16.42 7.07
N SER A 91 -3.13 16.93 8.18
CA SER A 91 -2.82 16.35 9.50
C SER A 91 -3.20 14.88 9.53
N MET A 92 -4.42 14.57 9.12
CA MET A 92 -4.91 13.20 9.12
C MET A 92 -4.43 12.46 7.87
N PRO A 93 -4.35 11.12 7.97
CA PRO A 93 -3.91 10.28 6.86
C PRO A 93 -4.92 10.23 5.73
N PHE A 94 -4.43 10.13 4.49
CA PHE A 94 -5.30 10.08 3.33
C PHE A 94 -6.56 9.27 3.62
N GLN A 95 -6.38 8.02 4.05
CA GLN A 95 -7.50 7.15 4.36
C GLN A 95 -8.64 7.94 5.00
N GLN A 96 -8.34 8.63 6.10
CA GLN A 96 -9.34 9.43 6.80
C GLN A 96 -9.99 10.43 5.86
N TRP A 97 -9.16 11.23 5.19
CA TRP A 97 -9.65 12.25 4.27
C TRP A 97 -10.61 11.62 3.25
N GLU A 98 -10.12 10.61 2.53
CA GLU A 98 -10.93 9.94 1.52
C GLU A 98 -12.39 9.82 1.98
N ALA A 99 -12.58 9.30 3.18
CA ALA A 99 -13.92 9.13 3.74
C ALA A 99 -14.73 10.42 3.61
N LEU A 100 -14.10 11.54 3.95
CA LEU A 100 -14.77 12.84 3.87
C LEU A 100 -15.16 13.16 2.44
N ASN A 101 -14.26 12.89 1.50
CA ASN A 101 -14.52 13.15 0.09
C ASN A 101 -15.81 12.48 -0.36
N ASP A 102 -15.86 11.16 -0.22
CA ASP A 102 -17.03 10.39 -0.61
C ASP A 102 -18.11 10.46 0.46
N SER A 103 -19.37 10.54 0.03
CA SER A 103 -20.49 10.60 0.96
C SER A 103 -21.07 9.22 1.22
N VAL A 104 -20.79 8.29 0.32
CA VAL A 104 -21.28 6.92 0.45
C VAL A 104 -20.32 6.07 1.29
N LYS A 105 -20.46 6.16 2.61
CA LYS A 105 -19.61 5.40 3.52
C LYS A 105 -19.96 3.91 3.47
N THR A 106 -19.08 3.12 2.85
CA THR A 106 -19.30 1.69 2.74
C THR A 106 -17.98 0.93 2.85
N SER A 107 -17.93 -0.01 3.79
CA SER A 107 -16.73 -0.80 4.01
C SER A 107 -17.06 -2.13 4.68
N GLY A 108 -16.26 -3.15 4.41
CA GLY A 108 -16.48 -4.46 5.00
C GLY A 108 -17.13 -5.42 4.03
N PRO A 109 -16.32 -5.99 3.12
CA PRO A 109 -16.80 -6.93 2.12
C PRO A 109 -17.21 -8.27 2.73
N SER A 110 -18.50 -8.45 2.94
CA SER A 110 -19.02 -9.68 3.53
C SER A 110 -19.20 -10.76 2.46
N SER A 111 -18.21 -11.63 2.32
CA SER A 111 -18.26 -12.69 1.34
C SER A 111 -17.10 -13.68 1.53
N GLY A 112 -17.40 -14.97 1.42
CA GLY A 112 -16.38 -15.98 1.59
C GLY A 112 -16.94 -17.38 1.53
N GLY A 1 37.05 -13.56 -33.99
CA GLY A 1 37.66 -13.81 -32.70
C GLY A 1 36.85 -13.23 -31.55
N SER A 2 37.02 -13.80 -30.37
CA SER A 2 36.30 -13.33 -29.19
C SER A 2 36.99 -13.79 -27.91
N SER A 3 36.65 -13.15 -26.80
CA SER A 3 37.24 -13.49 -25.51
C SER A 3 36.57 -12.71 -24.38
N GLY A 4 36.60 -13.28 -23.18
CA GLY A 4 35.99 -12.63 -22.03
C GLY A 4 36.36 -13.30 -20.72
N SER A 5 36.22 -12.57 -19.62
CA SER A 5 36.55 -13.08 -18.30
C SER A 5 35.47 -12.71 -17.28
N SER A 6 35.06 -13.70 -16.48
CA SER A 6 34.03 -13.48 -15.47
C SER A 6 34.58 -12.66 -14.30
N GLY A 7 33.71 -11.90 -13.66
CA GLY A 7 34.12 -11.09 -12.53
C GLY A 7 33.16 -11.18 -11.36
N MET A 8 33.48 -10.50 -10.27
CA MET A 8 32.64 -10.50 -9.09
C MET A 8 32.83 -9.22 -8.27
N ASP A 9 31.75 -8.50 -8.04
CA ASP A 9 31.80 -7.26 -7.28
C ASP A 9 30.40 -6.80 -6.90
N ALA A 10 30.32 -5.88 -5.95
CA ALA A 10 29.04 -5.36 -5.49
C ALA A 10 28.22 -6.43 -4.79
N ILE A 11 28.88 -7.24 -3.97
CA ILE A 11 28.21 -8.30 -3.23
C ILE A 11 27.80 -7.84 -1.84
N LEU A 12 27.10 -6.72 -1.78
CA LEU A 12 26.64 -6.17 -0.50
C LEU A 12 25.23 -5.60 -0.63
N ASN A 13 24.38 -5.93 0.33
CA ASN A 13 23.00 -5.46 0.34
C ASN A 13 22.49 -5.26 1.76
N TYR A 14 22.21 -4.02 2.11
CA TYR A 14 21.71 -3.69 3.45
C TYR A 14 20.46 -2.83 3.36
N ARG A 15 19.94 -2.66 2.16
CA ARG A 15 18.74 -1.85 1.94
C ARG A 15 17.67 -2.21 2.96
N SER A 16 17.40 -1.28 3.88
CA SER A 16 16.39 -1.49 4.92
C SER A 16 15.72 -0.17 5.30
N GLU A 17 14.41 -0.11 5.11
CA GLU A 17 13.64 1.09 5.42
C GLU A 17 12.18 0.75 5.68
N ASP A 18 11.43 1.73 6.19
CA ASP A 18 10.02 1.53 6.48
C ASP A 18 9.25 2.85 6.37
N THR A 19 8.20 2.85 5.55
CA THR A 19 7.39 4.04 5.36
C THR A 19 6.04 3.70 4.76
N GLU A 20 4.99 4.38 5.22
CA GLU A 20 3.64 4.13 4.74
C GLU A 20 3.38 4.92 3.45
N ASP A 21 3.81 4.37 2.33
CA ASP A 21 3.62 5.03 1.03
C ASP A 21 2.84 4.13 0.09
N TYR A 22 1.68 4.61 -0.34
CA TYR A 22 0.82 3.85 -1.25
C TYR A 22 1.63 3.32 -2.43
N TYR A 23 2.54 4.13 -2.94
CA TYR A 23 3.38 3.75 -4.06
C TYR A 23 4.30 2.60 -3.68
N THR A 24 4.83 2.65 -2.46
CA THR A 24 5.73 1.62 -1.97
C THR A 24 5.03 0.27 -1.88
N LEU A 25 3.79 0.29 -1.40
CA LEU A 25 3.01 -0.94 -1.26
C LEU A 25 3.03 -1.75 -2.56
N LEU A 26 2.89 -1.05 -3.69
CA LEU A 26 2.88 -1.69 -5.00
C LEU A 26 4.25 -1.55 -5.67
N GLY A 27 5.20 -0.95 -4.96
CA GLY A 27 6.52 -0.76 -5.51
C GLY A 27 6.50 -0.18 -6.91
N CYS A 28 5.68 0.85 -7.10
CA CYS A 28 5.56 1.51 -8.40
C CYS A 28 5.81 3.01 -8.28
N ASP A 29 5.68 3.71 -9.40
CA ASP A 29 5.90 5.15 -9.41
C ASP A 29 5.03 5.82 -10.47
N GLU A 30 5.06 7.15 -10.52
CA GLU A 30 4.28 7.90 -11.49
C GLU A 30 4.55 7.42 -12.91
N LEU A 31 5.77 6.93 -13.14
CA LEU A 31 6.16 6.44 -14.46
C LEU A 31 5.40 5.17 -14.80
N SER A 32 5.16 4.33 -13.80
CA SER A 32 4.43 3.08 -14.01
C SER A 32 2.99 3.35 -14.42
N SER A 33 2.41 2.41 -15.17
CA SER A 33 1.04 2.54 -15.63
C SER A 33 0.16 1.43 -15.06
N VAL A 34 -1.13 1.73 -14.86
CA VAL A 34 -2.06 0.77 -14.32
C VAL A 34 -1.76 -0.65 -14.82
N GLU A 35 -1.48 -0.76 -16.11
CA GLU A 35 -1.16 -2.05 -16.72
C GLU A 35 -0.04 -2.75 -15.94
N GLN A 36 1.04 -2.03 -15.69
CA GLN A 36 2.17 -2.57 -14.97
C GLN A 36 1.87 -2.68 -13.47
N ILE A 37 1.50 -1.55 -12.87
CA ILE A 37 1.17 -1.51 -11.45
C ILE A 37 0.39 -2.75 -11.03
N LEU A 38 -0.65 -3.06 -11.79
CA LEU A 38 -1.50 -4.22 -11.49
C LEU A 38 -0.63 -5.46 -11.24
N ALA A 39 0.14 -5.85 -12.25
CA ALA A 39 1.01 -7.02 -12.14
C ALA A 39 1.81 -6.98 -10.85
N GLU A 40 2.28 -5.79 -10.48
CA GLU A 40 3.07 -5.62 -9.26
C GLU A 40 2.19 -5.78 -8.02
N PHE A 41 0.90 -5.54 -8.19
CA PHE A 41 -0.05 -5.65 -7.08
C PHE A 41 -0.38 -7.12 -6.80
N LYS A 42 -0.67 -7.86 -7.86
CA LYS A 42 -1.00 -9.28 -7.72
C LYS A 42 0.19 -10.08 -7.20
N VAL A 43 1.32 -9.95 -7.89
CA VAL A 43 2.53 -10.65 -7.49
C VAL A 43 2.85 -10.41 -6.02
N ARG A 44 2.78 -9.15 -5.61
CA ARG A 44 3.06 -8.78 -4.22
C ARG A 44 2.00 -9.36 -3.28
N ALA A 45 0.77 -9.45 -3.77
CA ALA A 45 -0.33 -9.97 -2.97
C ALA A 45 -0.15 -11.48 -2.71
N LEU A 46 0.43 -12.17 -3.68
CA LEU A 46 0.67 -13.61 -3.56
C LEU A 46 1.87 -13.88 -2.67
N GLU A 47 2.98 -13.22 -2.97
CA GLU A 47 4.21 -13.40 -2.21
C GLU A 47 3.94 -13.24 -0.70
N CYS A 48 2.97 -12.39 -0.37
CA CYS A 48 2.62 -12.16 1.02
C CYS A 48 1.16 -12.51 1.28
N HIS A 49 0.67 -13.52 0.58
CA HIS A 49 -0.71 -13.96 0.73
C HIS A 49 -0.97 -14.47 2.14
N PRO A 50 -2.14 -14.13 2.69
CA PRO A 50 -2.54 -14.55 4.04
C PRO A 50 -2.82 -16.05 4.13
N ASP A 51 -3.61 -16.55 3.19
CA ASP A 51 -3.96 -17.97 3.16
C ASP A 51 -2.70 -18.83 3.24
N LYS A 52 -1.65 -18.40 2.55
CA LYS A 52 -0.39 -19.15 2.55
C LYS A 52 0.23 -19.17 3.93
N HIS A 53 0.33 -18.00 4.55
CA HIS A 53 0.90 -17.89 5.89
C HIS A 53 -0.18 -17.55 6.92
N PRO A 54 -0.95 -18.57 7.32
CA PRO A 54 -2.03 -18.40 8.30
C PRO A 54 -1.50 -18.12 9.71
N GLU A 55 -0.27 -18.53 9.96
CA GLU A 55 0.36 -18.33 11.26
C GLU A 55 0.74 -16.87 11.46
N ASN A 56 1.25 -16.25 10.40
CA ASN A 56 1.65 -14.84 10.46
C ASN A 56 0.48 -13.93 10.12
N PRO A 57 0.10 -13.07 11.08
CA PRO A 57 -1.00 -12.12 10.91
C PRO A 57 -0.67 -11.01 9.92
N LYS A 58 0.57 -10.55 9.96
CA LYS A 58 1.01 -9.49 9.07
C LYS A 58 0.53 -9.72 7.64
N ALA A 59 0.72 -10.95 7.15
CA ALA A 59 0.29 -11.31 5.81
C ALA A 59 -1.07 -10.71 5.49
N VAL A 60 -2.05 -10.98 6.36
CA VAL A 60 -3.41 -10.46 6.17
C VAL A 60 -3.41 -8.95 6.05
N GLU A 61 -2.51 -8.30 6.80
CA GLU A 61 -2.42 -6.85 6.78
C GLU A 61 -1.68 -6.37 5.53
N THR A 62 -0.78 -7.21 5.03
CA THR A 62 0.00 -6.87 3.84
C THR A 62 -0.89 -6.81 2.60
N PHE A 63 -1.94 -7.63 2.59
CA PHE A 63 -2.87 -7.66 1.46
C PHE A 63 -3.89 -6.52 1.56
N GLN A 64 -4.57 -6.45 2.70
CA GLN A 64 -5.57 -5.41 2.91
C GLN A 64 -5.08 -4.06 2.40
N LYS A 65 -3.79 -3.79 2.59
CA LYS A 65 -3.20 -2.54 2.14
C LYS A 65 -2.93 -2.57 0.64
N LEU A 66 -2.64 -3.76 0.12
CA LEU A 66 -2.37 -3.92 -1.31
C LEU A 66 -3.63 -3.69 -2.13
N GLN A 67 -4.68 -4.43 -1.81
CA GLN A 67 -5.94 -4.31 -2.52
C GLN A 67 -6.39 -2.85 -2.59
N LYS A 68 -5.95 -2.05 -1.63
CA LYS A 68 -6.29 -0.64 -1.58
C LYS A 68 -5.47 0.17 -2.58
N ALA A 69 -4.18 0.33 -2.26
CA ALA A 69 -3.28 1.08 -3.13
C ALA A 69 -3.56 0.77 -4.60
N LYS A 70 -3.74 -0.51 -4.91
CA LYS A 70 -4.02 -0.94 -6.28
C LYS A 70 -5.15 -0.12 -6.89
N GLU A 71 -6.32 -0.16 -6.25
CA GLU A 71 -7.48 0.58 -6.73
C GLU A 71 -7.20 2.08 -6.75
N ILE A 72 -6.63 2.58 -5.66
CA ILE A 72 -6.31 4.00 -5.55
C ILE A 72 -5.52 4.48 -6.76
N LEU A 73 -4.48 3.70 -7.12
CA LEU A 73 -3.64 4.05 -8.26
C LEU A 73 -4.32 3.68 -9.57
N THR A 74 -4.50 2.38 -9.80
CA THR A 74 -5.14 1.91 -11.02
C THR A 74 -6.27 2.84 -11.45
N ASN A 75 -6.99 3.37 -10.48
CA ASN A 75 -8.09 4.28 -10.75
C ASN A 75 -7.60 5.71 -10.93
N GLU A 76 -7.97 6.33 -12.05
CA GLU A 76 -7.56 7.70 -12.34
C GLU A 76 -8.20 8.67 -11.35
N GLU A 77 -9.47 8.45 -11.05
CA GLU A 77 -10.20 9.31 -10.12
C GLU A 77 -9.54 9.31 -8.74
N SER A 78 -9.36 8.12 -8.19
CA SER A 78 -8.75 7.97 -6.87
C SER A 78 -7.29 8.43 -6.89
N ARG A 79 -6.54 7.93 -7.87
CA ARG A 79 -5.13 8.29 -8.01
C ARG A 79 -4.96 9.81 -7.99
N ALA A 80 -5.65 10.48 -8.91
CA ALA A 80 -5.58 11.93 -9.01
C ALA A 80 -5.73 12.59 -7.64
N ARG A 81 -6.69 12.11 -6.86
CA ARG A 81 -6.95 12.64 -5.54
C ARG A 81 -5.79 12.31 -4.59
N TYR A 82 -5.51 11.02 -4.43
CA TYR A 82 -4.43 10.59 -3.55
C TYR A 82 -3.25 11.55 -3.59
N ASP A 83 -2.86 11.92 -4.81
CA ASP A 83 -1.75 12.85 -4.99
C ASP A 83 -2.03 14.19 -4.31
N HIS A 84 -3.16 14.79 -4.65
CA HIS A 84 -3.54 16.08 -4.07
C HIS A 84 -3.26 16.10 -2.57
N TRP A 85 -3.71 15.06 -1.87
CA TRP A 85 -3.50 14.96 -0.43
C TRP A 85 -2.02 14.89 -0.09
N ARG A 86 -1.28 14.09 -0.85
CA ARG A 86 0.15 13.94 -0.64
C ARG A 86 0.83 15.30 -0.52
N ARG A 87 0.62 16.14 -1.53
CA ARG A 87 1.21 17.48 -1.55
C ARG A 87 0.68 18.33 -0.40
N SER A 88 -0.54 18.02 0.04
CA SER A 88 -1.16 18.77 1.13
C SER A 88 -0.57 18.35 2.48
N GLN A 89 0.10 17.20 2.50
CA GLN A 89 0.71 16.70 3.71
C GLN A 89 -0.18 16.97 4.92
N MET A 90 -1.45 16.63 4.81
CA MET A 90 -2.40 16.85 5.90
C MET A 90 -1.89 16.21 7.19
N SER A 91 -2.15 16.88 8.31
CA SER A 91 -1.71 16.38 9.61
C SER A 91 -2.05 14.91 9.77
N MET A 92 -3.25 14.53 9.34
CA MET A 92 -3.70 13.15 9.42
C MET A 92 -3.39 12.39 8.13
N PRO A 93 -3.27 11.06 8.25
CA PRO A 93 -2.98 10.20 7.09
C PRO A 93 -4.14 10.11 6.12
N PHE A 94 -3.85 9.75 4.88
CA PHE A 94 -4.88 9.63 3.86
C PHE A 94 -6.04 8.78 4.35
N GLN A 95 -5.73 7.72 5.09
CA GLN A 95 -6.75 6.83 5.62
C GLN A 95 -7.98 7.63 6.06
N GLN A 96 -7.76 8.67 6.86
CA GLN A 96 -8.85 9.50 7.35
C GLN A 96 -9.55 10.22 6.19
N TRP A 97 -8.76 10.87 5.35
CA TRP A 97 -9.31 11.59 4.20
C TRP A 97 -10.36 10.77 3.48
N GLU A 98 -9.99 9.54 3.10
CA GLU A 98 -10.91 8.65 2.40
C GLU A 98 -12.34 8.83 2.92
N ALA A 99 -12.55 8.51 4.18
CA ALA A 99 -13.86 8.63 4.80
C ALA A 99 -14.50 9.97 4.47
N LEU A 100 -13.76 11.05 4.73
CA LEU A 100 -14.24 12.40 4.46
C LEU A 100 -14.74 12.52 3.02
N ASN A 101 -13.99 11.92 2.09
CA ASN A 101 -14.36 11.97 0.69
C ASN A 101 -14.99 10.65 0.24
N ASP A 102 -15.87 10.11 1.09
CA ASP A 102 -16.54 8.86 0.79
C ASP A 102 -17.87 8.75 1.55
N SER A 103 -18.62 7.70 1.27
CA SER A 103 -19.90 7.49 1.92
C SER A 103 -20.76 8.74 1.86
N VAL A 104 -20.78 9.39 0.70
CA VAL A 104 -21.56 10.60 0.51
C VAL A 104 -23.05 10.30 0.42
N LYS A 105 -23.61 9.79 1.51
CA LYS A 105 -25.03 9.46 1.56
C LYS A 105 -25.87 10.53 0.88
N THR A 106 -26.74 10.12 -0.04
CA THR A 106 -27.59 11.04 -0.75
C THR A 106 -28.82 11.43 0.08
N SER A 107 -29.32 12.63 -0.12
CA SER A 107 -30.49 13.12 0.61
C SER A 107 -31.46 11.98 0.89
N GLY A 108 -31.96 11.36 -0.18
CA GLY A 108 -32.90 10.26 -0.03
C GLY A 108 -34.33 10.69 -0.26
N PRO A 109 -34.65 11.06 -1.51
CA PRO A 109 -36.00 11.49 -1.89
C PRO A 109 -37.01 10.36 -1.86
N SER A 110 -36.52 9.14 -1.66
CA SER A 110 -37.38 7.96 -1.61
C SER A 110 -36.82 6.92 -0.65
N SER A 111 -37.71 6.12 -0.07
CA SER A 111 -37.30 5.08 0.86
C SER A 111 -37.27 3.71 0.18
N GLY A 112 -36.85 2.70 0.93
CA GLY A 112 -36.77 1.35 0.38
C GLY A 112 -37.45 0.33 1.27
N GLY A 1 52.12 5.92 -27.15
CA GLY A 1 52.61 6.25 -25.82
C GLY A 1 51.98 5.39 -24.75
N SER A 2 50.91 5.89 -24.14
CA SER A 2 50.22 5.17 -23.08
C SER A 2 48.90 5.84 -22.74
N SER A 3 48.09 5.18 -21.91
CA SER A 3 46.79 5.71 -21.51
C SER A 3 46.52 5.42 -20.04
N GLY A 4 45.41 5.94 -19.53
CA GLY A 4 45.06 5.73 -18.14
C GLY A 4 43.69 5.09 -17.98
N SER A 5 43.11 5.24 -16.79
CA SER A 5 41.80 4.65 -16.51
C SER A 5 41.31 5.06 -15.12
N SER A 6 40.00 5.12 -14.96
CA SER A 6 39.39 5.51 -13.69
C SER A 6 37.89 5.30 -13.71
N GLY A 7 37.30 5.09 -12.53
CA GLY A 7 35.88 4.87 -12.44
C GLY A 7 35.39 4.86 -11.00
N MET A 8 34.10 4.59 -10.82
CA MET A 8 33.51 4.55 -9.49
C MET A 8 34.07 3.38 -8.67
N ASP A 9 34.65 3.70 -7.52
CA ASP A 9 35.22 2.68 -6.65
C ASP A 9 34.78 2.89 -5.21
N ALA A 10 34.61 1.79 -4.48
CA ALA A 10 34.19 1.84 -3.08
C ALA A 10 32.76 2.33 -2.96
N ILE A 11 31.91 1.90 -3.90
CA ILE A 11 30.51 2.30 -3.89
C ILE A 11 29.65 1.25 -3.19
N LEU A 12 28.95 1.68 -2.13
CA LEU A 12 28.09 0.78 -1.37
C LEU A 12 26.64 1.20 -1.48
N ASN A 13 26.39 2.49 -1.28
CA ASN A 13 25.04 3.03 -1.35
C ASN A 13 24.13 2.38 -0.30
N TYR A 14 24.60 2.34 0.93
CA TYR A 14 23.85 1.75 2.03
C TYR A 14 22.78 2.72 2.54
N ARG A 15 22.68 3.87 1.90
CA ARG A 15 21.71 4.88 2.29
C ARG A 15 20.30 4.44 1.95
N SER A 16 19.52 4.11 2.98
CA SER A 16 18.14 3.66 2.78
C SER A 16 17.36 3.73 4.08
N GLU A 17 16.06 4.00 3.98
CA GLU A 17 15.20 4.09 5.14
C GLU A 17 13.83 3.49 4.87
N ASP A 18 12.96 3.52 5.87
CA ASP A 18 11.61 2.98 5.73
C ASP A 18 10.57 4.08 5.76
N THR A 19 9.48 3.89 5.03
CA THR A 19 8.41 4.88 4.97
C THR A 19 7.08 4.23 4.60
N GLU A 20 5.98 4.91 4.92
CA GLU A 20 4.65 4.40 4.62
C GLU A 20 3.99 5.21 3.51
N ASP A 21 4.08 4.69 2.28
CA ASP A 21 3.49 5.37 1.13
C ASP A 21 2.75 4.37 0.24
N TYR A 22 1.63 4.81 -0.34
CA TYR A 22 0.83 3.96 -1.20
C TYR A 22 1.66 3.46 -2.39
N TYR A 23 2.59 4.29 -2.83
CA TYR A 23 3.45 3.93 -3.96
C TYR A 23 4.44 2.84 -3.57
N THR A 24 4.80 2.81 -2.28
CA THR A 24 5.74 1.82 -1.78
C THR A 24 5.10 0.43 -1.72
N LEU A 25 3.91 0.37 -1.12
CA LEU A 25 3.20 -0.89 -0.99
C LEU A 25 3.32 -1.73 -2.26
N LEU A 26 3.13 -1.07 -3.41
CA LEU A 26 3.22 -1.75 -4.69
C LEU A 26 4.60 -1.53 -5.32
N GLY A 27 5.40 -0.69 -4.70
CA GLY A 27 6.73 -0.41 -5.22
C GLY A 27 6.69 0.22 -6.59
N CYS A 28 5.68 1.04 -6.85
CA CYS A 28 5.53 1.71 -8.13
C CYS A 28 5.58 3.23 -7.97
N ASP A 29 5.55 3.93 -9.09
CA ASP A 29 5.60 5.40 -9.07
C ASP A 29 4.70 5.98 -10.16
N GLU A 30 4.41 7.27 -10.04
CA GLU A 30 3.56 7.96 -11.02
C GLU A 30 3.94 7.56 -12.44
N LEU A 31 5.20 7.14 -12.62
CA LEU A 31 5.69 6.73 -13.93
C LEU A 31 5.02 5.44 -14.38
N SER A 32 4.87 4.50 -13.45
CA SER A 32 4.26 3.21 -13.74
C SER A 32 2.84 3.39 -14.26
N SER A 33 2.36 2.41 -15.01
CA SER A 33 1.02 2.45 -15.58
C SER A 33 0.06 1.56 -14.80
N VAL A 34 -1.22 1.91 -14.82
CA VAL A 34 -2.24 1.14 -14.12
C VAL A 34 -2.14 -0.35 -14.47
N GLU A 35 -1.71 -0.63 -15.69
CA GLU A 35 -1.58 -2.01 -16.15
C GLU A 35 -0.39 -2.69 -15.49
N GLN A 36 0.77 -2.04 -15.54
CA GLN A 36 1.97 -2.59 -14.94
C GLN A 36 1.78 -2.81 -13.44
N ILE A 37 1.31 -1.78 -12.74
CA ILE A 37 1.09 -1.86 -11.31
C ILE A 37 0.33 -3.14 -10.95
N LEU A 38 -0.81 -3.34 -11.60
CA LEU A 38 -1.63 -4.52 -11.35
C LEU A 38 -0.77 -5.77 -11.21
N ALA A 39 -0.16 -6.19 -12.33
CA ALA A 39 0.70 -7.36 -12.33
C ALA A 39 1.55 -7.43 -11.08
N GLU A 40 2.19 -6.31 -10.74
CA GLU A 40 3.04 -6.25 -9.56
C GLU A 40 2.25 -6.58 -8.30
N PHE A 41 1.02 -6.07 -8.23
CA PHE A 41 0.16 -6.31 -7.08
C PHE A 41 -0.18 -7.79 -6.95
N LYS A 42 -0.46 -8.42 -8.09
CA LYS A 42 -0.80 -9.84 -8.12
C LYS A 42 0.34 -10.69 -7.56
N VAL A 43 1.55 -10.42 -8.02
CA VAL A 43 2.72 -11.16 -7.57
C VAL A 43 3.09 -10.78 -6.14
N ARG A 44 3.00 -9.48 -5.83
CA ARG A 44 3.33 -8.99 -4.50
C ARG A 44 2.24 -9.38 -3.50
N ALA A 45 1.05 -9.63 -4.00
CA ALA A 45 -0.07 -10.01 -3.16
C ALA A 45 -0.18 -11.53 -3.04
N LEU A 46 0.19 -12.23 -4.11
CA LEU A 46 0.13 -13.68 -4.13
C LEU A 46 1.23 -14.29 -3.26
N GLU A 47 2.45 -13.78 -3.43
CA GLU A 47 3.58 -14.27 -2.65
C GLU A 47 3.39 -13.98 -1.17
N CYS A 48 2.38 -13.19 -0.85
CA CYS A 48 2.08 -12.84 0.53
C CYS A 48 0.60 -12.98 0.84
N HIS A 49 -0.10 -13.75 0.01
CA HIS A 49 -1.53 -13.97 0.18
C HIS A 49 -1.81 -14.71 1.48
N PRO A 50 -2.87 -14.29 2.18
CA PRO A 50 -3.28 -14.91 3.45
C PRO A 50 -3.83 -16.32 3.26
N ASP A 51 -4.78 -16.47 2.34
CA ASP A 51 -5.38 -17.77 2.07
C ASP A 51 -4.31 -18.83 1.85
N LYS A 52 -3.42 -18.58 0.90
CA LYS A 52 -2.35 -19.52 0.59
C LYS A 52 -1.55 -19.88 1.85
N HIS A 53 -1.27 -18.86 2.66
CA HIS A 53 -0.52 -19.06 3.90
C HIS A 53 -1.41 -18.81 5.12
N PRO A 54 -2.20 -19.83 5.49
CA PRO A 54 -3.10 -19.74 6.65
C PRO A 54 -2.35 -19.70 7.97
N GLU A 55 -2.96 -19.07 8.98
CA GLU A 55 -2.35 -18.96 10.30
C GLU A 55 -1.19 -17.97 10.27
N ASN A 56 -1.31 -16.95 9.42
CA ASN A 56 -0.26 -15.93 9.31
C ASN A 56 -0.87 -14.53 9.31
N PRO A 57 -0.82 -13.87 10.47
CA PRO A 57 -1.35 -12.51 10.63
C PRO A 57 -0.54 -11.47 9.88
N LYS A 58 0.72 -11.81 9.58
CA LYS A 58 1.61 -10.90 8.87
C LYS A 58 1.16 -10.73 7.42
N ALA A 59 0.97 -11.85 6.73
CA ALA A 59 0.54 -11.83 5.34
C ALA A 59 -0.75 -11.03 5.18
N VAL A 60 -1.77 -11.40 5.94
CA VAL A 60 -3.06 -10.71 5.88
C VAL A 60 -2.89 -9.20 5.97
N GLU A 61 -2.14 -8.76 6.97
CA GLU A 61 -1.89 -7.34 7.17
C GLU A 61 -1.21 -6.73 5.95
N THR A 62 -0.66 -7.58 5.10
CA THR A 62 0.02 -7.13 3.89
C THR A 62 -0.95 -7.02 2.71
N PHE A 63 -1.79 -8.04 2.56
CA PHE A 63 -2.77 -8.05 1.48
C PHE A 63 -3.74 -6.88 1.59
N GLN A 64 -3.95 -6.42 2.83
CA GLN A 64 -4.85 -5.30 3.09
C GLN A 64 -4.31 -4.01 2.46
N LYS A 65 -3.03 -3.75 2.69
CA LYS A 65 -2.39 -2.55 2.16
C LYS A 65 -2.05 -2.72 0.68
N LEU A 66 -1.95 -3.98 0.24
CA LEU A 66 -1.62 -4.29 -1.14
C LEU A 66 -2.87 -4.20 -2.02
N GLN A 67 -3.97 -4.74 -1.52
CA GLN A 67 -5.23 -4.72 -2.27
C GLN A 67 -5.83 -3.32 -2.28
N LYS A 68 -5.51 -2.53 -1.26
CA LYS A 68 -6.02 -1.17 -1.16
C LYS A 68 -5.34 -0.25 -2.18
N ALA A 69 -4.04 -0.03 -1.99
CA ALA A 69 -3.28 0.81 -2.90
C ALA A 69 -3.51 0.43 -4.35
N LYS A 70 -3.56 -0.88 -4.60
CA LYS A 70 -3.78 -1.39 -5.95
C LYS A 70 -4.97 -0.71 -6.61
N GLU A 71 -6.02 -0.47 -5.82
CA GLU A 71 -7.23 0.18 -6.32
C GLU A 71 -7.08 1.69 -6.28
N ILE A 72 -6.46 2.19 -5.22
CA ILE A 72 -6.26 3.63 -5.07
C ILE A 72 -5.42 4.19 -6.20
N LEU A 73 -4.64 3.33 -6.84
CA LEU A 73 -3.79 3.75 -7.95
C LEU A 73 -4.44 3.44 -9.29
N THR A 74 -4.70 2.16 -9.54
CA THR A 74 -5.34 1.73 -10.78
C THR A 74 -6.46 2.68 -11.18
N ASN A 75 -7.05 3.35 -10.20
CA ASN A 75 -8.13 4.28 -10.45
C ASN A 75 -7.61 5.72 -10.53
N GLU A 76 -7.87 6.36 -11.66
CA GLU A 76 -7.41 7.73 -11.88
C GLU A 76 -8.15 8.69 -10.94
N GLU A 77 -9.44 8.45 -10.74
CA GLU A 77 -10.25 9.30 -9.87
C GLU A 77 -9.64 9.37 -8.47
N SER A 78 -9.26 8.22 -7.93
CA SER A 78 -8.67 8.16 -6.60
C SER A 78 -7.21 8.61 -6.63
N ARG A 79 -6.42 7.99 -7.51
CA ARG A 79 -5.01 8.33 -7.63
C ARG A 79 -4.82 9.84 -7.72
N ALA A 80 -5.73 10.51 -8.44
CA ALA A 80 -5.66 11.95 -8.60
C ALA A 80 -5.80 12.66 -7.26
N ARG A 81 -6.89 12.39 -6.56
CA ARG A 81 -7.14 13.00 -5.26
C ARG A 81 -5.95 12.79 -4.32
N TYR A 82 -5.44 11.57 -4.29
CA TYR A 82 -4.31 11.24 -3.43
C TYR A 82 -3.18 12.24 -3.61
N ASP A 83 -2.82 12.51 -4.86
CA ASP A 83 -1.75 13.45 -5.18
C ASP A 83 -2.09 14.84 -4.66
N HIS A 84 -3.37 15.18 -4.68
CA HIS A 84 -3.84 16.48 -4.22
C HIS A 84 -3.74 16.59 -2.71
N TRP A 85 -3.82 15.44 -2.03
CA TRP A 85 -3.75 15.41 -0.58
C TRP A 85 -2.29 15.34 -0.12
N ARG A 86 -1.46 14.63 -0.89
CA ARG A 86 -0.05 14.49 -0.55
C ARG A 86 0.60 15.85 -0.32
N ARG A 87 0.30 16.80 -1.20
CA ARG A 87 0.85 18.14 -1.10
C ARG A 87 0.22 18.90 0.06
N SER A 88 -0.97 18.46 0.48
CA SER A 88 -1.68 19.11 1.57
C SER A 88 -1.11 18.68 2.91
N GLN A 89 -0.73 17.42 3.02
CA GLN A 89 -0.16 16.88 4.25
C GLN A 89 -1.05 17.21 5.44
N MET A 90 -2.33 16.88 5.33
CA MET A 90 -3.29 17.14 6.40
C MET A 90 -2.93 16.35 7.66
N SER A 91 -3.26 16.91 8.81
CA SER A 91 -2.96 16.28 10.09
C SER A 91 -3.32 14.79 10.04
N MET A 92 -4.42 14.47 9.38
CA MET A 92 -4.87 13.09 9.26
C MET A 92 -4.39 12.47 7.96
N PRO A 93 -4.27 11.13 7.94
CA PRO A 93 -3.83 10.39 6.76
C PRO A 93 -4.85 10.42 5.63
N PHE A 94 -4.39 10.30 4.39
CA PHE A 94 -5.26 10.31 3.24
C PHE A 94 -6.54 9.51 3.52
N GLN A 95 -6.37 8.31 4.05
CA GLN A 95 -7.50 7.45 4.36
C GLN A 95 -8.68 8.27 4.89
N GLN A 96 -8.50 8.85 6.07
CA GLN A 96 -9.54 9.66 6.69
C GLN A 96 -10.13 10.65 5.69
N TRP A 97 -9.29 11.55 5.19
CA TRP A 97 -9.72 12.55 4.22
C TRP A 97 -10.64 11.94 3.18
N GLU A 98 -10.16 10.90 2.50
CA GLU A 98 -10.94 10.23 1.48
C GLU A 98 -12.41 10.16 1.87
N ALA A 99 -12.66 9.84 3.14
CA ALA A 99 -14.02 9.75 3.65
C ALA A 99 -14.63 11.13 3.88
N LEU A 100 -13.82 12.03 4.41
CA LEU A 100 -14.27 13.39 4.69
C LEU A 100 -14.83 14.05 3.42
N ASN A 101 -14.02 14.10 2.37
CA ASN A 101 -14.43 14.69 1.11
C ASN A 101 -15.92 14.44 0.86
N ASP A 102 -16.35 13.20 1.02
CA ASP A 102 -17.74 12.83 0.81
C ASP A 102 -18.67 13.96 1.26
N SER A 103 -19.43 14.51 0.32
CA SER A 103 -20.35 15.59 0.62
C SER A 103 -21.79 15.15 0.46
N VAL A 104 -22.44 14.82 1.57
CA VAL A 104 -23.82 14.36 1.56
C VAL A 104 -24.78 15.51 1.89
N LYS A 105 -24.54 16.14 3.03
CA LYS A 105 -25.38 17.26 3.47
C LYS A 105 -24.57 18.55 3.54
N THR A 106 -25.17 19.65 3.08
CA THR A 106 -24.51 20.94 3.08
C THR A 106 -23.89 21.23 4.44
N SER A 107 -22.60 20.91 4.58
CA SER A 107 -21.89 21.14 5.82
C SER A 107 -20.41 20.79 5.68
N GLY A 108 -19.57 21.52 6.41
CA GLY A 108 -18.13 21.27 6.35
C GLY A 108 -17.33 22.36 7.00
N PRO A 109 -16.02 22.40 6.71
CA PRO A 109 -15.11 23.41 7.27
C PRO A 109 -15.37 24.81 6.71
N SER A 110 -16.38 24.91 5.85
CA SER A 110 -16.73 26.18 5.24
C SER A 110 -16.76 27.30 6.28
N SER A 111 -15.76 28.16 6.25
CA SER A 111 -15.66 29.27 7.19
C SER A 111 -15.60 30.60 6.45
N GLY A 112 -15.47 31.69 7.22
CA GLY A 112 -15.41 33.01 6.62
C GLY A 112 -14.68 34.00 7.50
N GLY A 1 -11.55 -9.26 1.14
CA GLY A 1 -11.71 -10.65 0.76
C GLY A 1 -11.06 -10.98 -0.57
N SER A 2 -10.36 -12.10 -0.62
CA SER A 2 -9.67 -12.53 -1.83
C SER A 2 -10.66 -12.69 -2.98
N SER A 3 -10.29 -12.15 -4.14
CA SER A 3 -11.16 -12.23 -5.32
C SER A 3 -11.38 -13.69 -5.73
N GLY A 4 -10.31 -14.47 -5.69
CA GLY A 4 -10.41 -15.87 -6.06
C GLY A 4 -9.88 -16.14 -7.46
N SER A 5 -8.55 -16.15 -7.59
CA SER A 5 -7.91 -16.39 -8.88
C SER A 5 -6.61 -17.17 -8.71
N SER A 6 -6.31 -18.01 -9.69
CA SER A 6 -5.10 -18.82 -9.64
C SER A 6 -3.87 -17.99 -9.99
N GLY A 7 -2.69 -18.54 -9.72
CA GLY A 7 -1.46 -17.82 -10.01
C GLY A 7 -0.24 -18.53 -9.44
N MET A 8 0.89 -18.38 -10.12
CA MET A 8 2.14 -19.00 -9.68
C MET A 8 3.34 -18.22 -10.19
N ASP A 9 4.31 -17.99 -9.29
CA ASP A 9 5.52 -17.27 -9.65
C ASP A 9 6.65 -17.60 -8.68
N ALA A 10 7.73 -18.16 -9.22
CA ALA A 10 8.89 -18.53 -8.41
C ALA A 10 9.93 -17.42 -8.41
N ILE A 11 9.46 -16.18 -8.38
CA ILE A 11 10.36 -15.03 -8.38
C ILE A 11 10.15 -14.17 -7.13
N LEU A 12 11.25 -13.75 -6.52
CA LEU A 12 11.19 -12.94 -5.31
C LEU A 12 11.49 -11.47 -5.63
N ASN A 13 10.45 -10.73 -5.98
CA ASN A 13 10.60 -9.31 -6.31
C ASN A 13 9.95 -8.43 -5.25
N TYR A 14 10.18 -8.79 -3.99
CA TYR A 14 9.62 -8.03 -2.87
C TYR A 14 10.72 -7.30 -2.11
N ARG A 15 10.36 -6.16 -1.52
CA ARG A 15 11.32 -5.36 -0.77
C ARG A 15 10.62 -4.60 0.36
N SER A 16 11.36 -4.32 1.43
CA SER A 16 10.80 -3.60 2.58
C SER A 16 11.40 -2.20 2.67
N GLU A 17 10.64 -1.29 3.27
CA GLU A 17 11.09 0.09 3.42
C GLU A 17 10.51 0.71 4.69
N ASP A 18 11.05 1.86 5.08
CA ASP A 18 10.59 2.55 6.27
C ASP A 18 9.48 3.54 5.92
N THR A 19 8.57 3.12 5.04
CA THR A 19 7.46 3.96 4.63
C THR A 19 6.29 3.13 4.14
N GLU A 20 5.08 3.66 4.30
CA GLU A 20 3.87 2.96 3.87
C GLU A 20 3.19 3.70 2.72
N ASP A 21 3.99 4.23 1.81
CA ASP A 21 3.48 4.96 0.66
C ASP A 21 2.68 4.04 -0.25
N TYR A 22 1.50 4.49 -0.67
CA TYR A 22 0.64 3.70 -1.54
C TYR A 22 1.40 3.23 -2.78
N TYR A 23 2.41 4.02 -3.17
CA TYR A 23 3.22 3.68 -4.34
C TYR A 23 4.23 2.58 -4.00
N THR A 24 4.65 2.54 -2.75
CA THR A 24 5.61 1.54 -2.30
C THR A 24 4.96 0.17 -2.15
N LEU A 25 3.72 0.17 -1.67
CA LEU A 25 2.98 -1.08 -1.48
C LEU A 25 3.02 -1.93 -2.74
N LEU A 26 2.80 -1.30 -3.88
CA LEU A 26 2.81 -1.99 -5.16
C LEU A 26 4.17 -1.85 -5.85
N GLY A 27 5.07 -1.13 -5.22
CA GLY A 27 6.40 -0.93 -5.77
C GLY A 27 6.35 -0.34 -7.17
N CYS A 28 5.44 0.60 -7.38
CA CYS A 28 5.29 1.25 -8.68
C CYS A 28 5.54 2.76 -8.56
N ASP A 29 5.41 3.46 -9.68
CA ASP A 29 5.63 4.90 -9.71
C ASP A 29 4.73 5.56 -10.75
N GLU A 30 4.54 6.87 -10.62
CA GLU A 30 3.71 7.62 -11.55
C GLU A 30 3.98 7.19 -12.99
N LEU A 31 5.25 6.97 -13.31
CA LEU A 31 5.64 6.56 -14.65
C LEU A 31 4.98 5.24 -15.03
N SER A 32 4.91 4.32 -14.07
CA SER A 32 4.30 3.01 -14.30
C SER A 32 2.82 3.16 -14.60
N SER A 33 2.27 2.19 -15.34
CA SER A 33 0.86 2.21 -15.71
C SER A 33 0.10 1.08 -15.01
N VAL A 34 -1.22 1.21 -14.97
CA VAL A 34 -2.06 0.20 -14.34
C VAL A 34 -1.62 -1.21 -14.73
N GLU A 35 -1.32 -1.39 -16.01
CA GLU A 35 -0.89 -2.69 -16.52
C GLU A 35 0.21 -3.27 -15.63
N GLN A 36 1.29 -2.51 -15.46
CA GLN A 36 2.42 -2.95 -14.65
C GLN A 36 2.05 -2.96 -13.17
N ILE A 37 1.51 -1.85 -12.68
CA ILE A 37 1.11 -1.74 -11.29
C ILE A 37 0.41 -3.00 -10.81
N LEU A 38 -0.52 -3.50 -11.63
CA LEU A 38 -1.26 -4.71 -11.29
C LEU A 38 -0.33 -5.89 -11.12
N ALA A 39 0.53 -6.13 -12.10
CA ALA A 39 1.48 -7.23 -12.05
C ALA A 39 2.19 -7.28 -10.70
N GLU A 40 2.89 -6.19 -10.37
CA GLU A 40 3.61 -6.11 -9.10
C GLU A 40 2.66 -6.30 -7.93
N PHE A 41 1.42 -5.83 -8.08
CA PHE A 41 0.42 -5.95 -7.03
C PHE A 41 0.07 -7.41 -6.77
N LYS A 42 -0.02 -8.18 -7.84
CA LYS A 42 -0.35 -9.60 -7.73
C LYS A 42 0.80 -10.38 -7.10
N VAL A 43 1.96 -10.33 -7.73
CA VAL A 43 3.13 -11.03 -7.23
C VAL A 43 3.37 -10.72 -5.75
N ARG A 44 3.47 -9.43 -5.44
CA ARG A 44 3.70 -9.00 -4.06
C ARG A 44 2.67 -9.62 -3.12
N ALA A 45 1.42 -9.66 -3.57
CA ALA A 45 0.34 -10.22 -2.77
C ALA A 45 0.56 -11.71 -2.51
N LEU A 46 0.88 -12.44 -3.58
CA LEU A 46 1.12 -13.88 -3.47
C LEU A 46 2.26 -14.17 -2.49
N GLU A 47 3.34 -13.40 -2.61
CA GLU A 47 4.49 -13.57 -1.73
C GLU A 47 4.14 -13.26 -0.29
N CYS A 48 3.04 -12.52 -0.10
CA CYS A 48 2.59 -12.15 1.24
C CYS A 48 1.12 -12.49 1.42
N HIS A 49 0.71 -13.63 0.88
CA HIS A 49 -0.68 -14.07 0.99
C HIS A 49 -0.90 -14.80 2.31
N PRO A 50 -2.03 -14.47 2.98
CA PRO A 50 -2.39 -15.08 4.25
C PRO A 50 -2.78 -16.55 4.11
N ASP A 51 -3.69 -16.83 3.19
CA ASP A 51 -4.14 -18.20 2.94
C ASP A 51 -2.96 -19.13 2.75
N LYS A 52 -1.99 -18.70 1.95
CA LYS A 52 -0.80 -19.51 1.69
C LYS A 52 0.10 -19.56 2.91
N HIS A 53 0.12 -18.48 3.69
CA HIS A 53 0.93 -18.40 4.89
C HIS A 53 0.08 -18.10 6.11
N PRO A 54 -0.54 -19.15 6.67
CA PRO A 54 -1.39 -19.03 7.86
C PRO A 54 -0.60 -18.70 9.12
N GLU A 55 0.60 -19.26 9.22
CA GLU A 55 1.46 -19.04 10.37
C GLU A 55 1.58 -17.54 10.67
N ASN A 56 1.78 -16.75 9.62
CA ASN A 56 1.91 -15.30 9.77
C ASN A 56 0.64 -14.59 9.31
N PRO A 57 -0.28 -14.34 10.25
CA PRO A 57 -1.55 -13.67 9.96
C PRO A 57 -1.36 -12.20 9.63
N LYS A 58 -0.31 -11.60 10.19
CA LYS A 58 -0.01 -10.19 9.95
C LYS A 58 -0.01 -9.88 8.45
N ALA A 59 0.37 -10.86 7.64
CA ALA A 59 0.41 -10.69 6.20
C ALA A 59 -0.90 -10.10 5.68
N VAL A 60 -2.01 -10.56 6.24
CA VAL A 60 -3.32 -10.08 5.83
C VAL A 60 -3.33 -8.56 5.73
N GLU A 61 -2.63 -7.90 6.63
CA GLU A 61 -2.56 -6.44 6.64
C GLU A 61 -1.95 -5.92 5.34
N THR A 62 -0.72 -6.36 5.05
CA THR A 62 -0.02 -5.94 3.85
C THR A 62 -0.91 -6.08 2.62
N PHE A 63 -1.67 -7.18 2.56
CA PHE A 63 -2.57 -7.43 1.43
C PHE A 63 -3.70 -6.41 1.41
N GLN A 64 -4.43 -6.32 2.51
CA GLN A 64 -5.54 -5.38 2.60
C GLN A 64 -5.20 -4.05 1.93
N LYS A 65 -3.94 -3.65 2.03
CA LYS A 65 -3.48 -2.41 1.43
C LYS A 65 -3.19 -2.58 -0.05
N LEU A 66 -2.51 -3.67 -0.38
CA LEU A 66 -2.17 -3.96 -1.77
C LEU A 66 -3.38 -3.76 -2.69
N GLN A 67 -4.55 -4.16 -2.19
CA GLN A 67 -5.79 -4.02 -2.97
C GLN A 67 -6.30 -2.58 -2.92
N LYS A 68 -5.91 -1.85 -1.88
CA LYS A 68 -6.33 -0.47 -1.71
C LYS A 68 -5.54 0.45 -2.65
N ALA A 69 -4.21 0.44 -2.49
CA ALA A 69 -3.35 1.28 -3.32
C ALA A 69 -3.61 1.04 -4.80
N LYS A 70 -3.85 -0.22 -5.16
CA LYS A 70 -4.12 -0.58 -6.55
C LYS A 70 -5.32 0.21 -7.09
N GLU A 71 -6.49 -0.06 -6.54
CA GLU A 71 -7.71 0.61 -6.96
C GLU A 71 -7.49 2.12 -7.05
N ILE A 72 -7.00 2.70 -5.95
CA ILE A 72 -6.75 4.13 -5.90
C ILE A 72 -5.92 4.59 -7.10
N LEU A 73 -4.84 3.87 -7.39
CA LEU A 73 -3.98 4.20 -8.50
C LEU A 73 -4.66 3.88 -9.83
N THR A 74 -4.85 2.59 -10.10
CA THR A 74 -5.48 2.15 -11.34
C THR A 74 -6.56 3.14 -11.78
N ASN A 75 -7.37 3.58 -10.83
CA ASN A 75 -8.45 4.52 -11.11
C ASN A 75 -7.93 5.96 -11.09
N GLU A 76 -8.18 6.69 -12.17
CA GLU A 76 -7.73 8.08 -12.26
C GLU A 76 -8.50 8.96 -11.28
N GLU A 77 -9.80 8.70 -11.14
CA GLU A 77 -10.63 9.48 -10.23
C GLU A 77 -10.08 9.45 -8.81
N SER A 78 -9.73 8.25 -8.35
CA SER A 78 -9.19 8.08 -7.01
C SER A 78 -7.72 8.51 -6.96
N ARG A 79 -6.95 8.07 -7.93
CA ARG A 79 -5.53 8.41 -7.99
C ARG A 79 -5.33 9.93 -7.98
N ALA A 80 -6.22 10.64 -8.67
CA ALA A 80 -6.14 12.10 -8.73
C ALA A 80 -6.26 12.71 -7.34
N ARG A 81 -7.17 12.18 -6.53
CA ARG A 81 -7.37 12.67 -5.17
C ARG A 81 -6.13 12.43 -4.31
N TYR A 82 -5.70 11.17 -4.25
CA TYR A 82 -4.53 10.82 -3.45
C TYR A 82 -3.40 11.82 -3.67
N ASP A 83 -3.19 12.20 -4.93
CA ASP A 83 -2.13 13.15 -5.27
C ASP A 83 -2.36 14.49 -4.56
N HIS A 84 -3.63 14.85 -4.40
CA HIS A 84 -3.99 16.10 -3.75
C HIS A 84 -3.60 16.09 -2.28
N TRP A 85 -3.65 14.90 -1.67
CA TRP A 85 -3.31 14.75 -0.26
C TRP A 85 -1.80 14.79 -0.07
N ARG A 86 -1.07 14.01 -0.87
CA ARG A 86 0.38 13.96 -0.77
C ARG A 86 0.95 15.35 -0.49
N ARG A 87 0.72 16.28 -1.42
CA ARG A 87 1.21 17.65 -1.26
C ARG A 87 0.73 18.26 0.04
N SER A 88 -0.54 18.02 0.38
CA SER A 88 -1.12 18.54 1.61
C SER A 88 -0.23 18.24 2.81
N GLN A 89 0.26 17.01 2.87
CA GLN A 89 1.12 16.59 3.97
C GLN A 89 0.42 16.77 5.32
N MET A 90 -0.83 16.31 5.40
CA MET A 90 -1.61 16.41 6.62
C MET A 90 -1.01 15.52 7.72
N SER A 91 -1.40 15.79 8.96
CA SER A 91 -0.91 15.02 10.09
C SER A 91 -1.40 13.57 10.02
N MET A 92 -2.64 13.39 9.61
CA MET A 92 -3.22 12.05 9.49
C MET A 92 -3.03 11.51 8.08
N PRO A 93 -3.04 10.16 7.95
CA PRO A 93 -2.87 9.49 6.67
C PRO A 93 -4.07 9.68 5.75
N PHE A 94 -3.91 9.31 4.49
CA PHE A 94 -4.98 9.45 3.50
C PHE A 94 -6.18 8.58 3.89
N GLN A 95 -5.90 7.32 4.22
CA GLN A 95 -6.95 6.39 4.62
C GLN A 95 -8.00 7.07 5.48
N GLN A 96 -7.56 8.07 6.25
CA GLN A 96 -8.46 8.82 7.12
C GLN A 96 -9.13 9.96 6.38
N TRP A 97 -8.36 10.63 5.54
CA TRP A 97 -8.88 11.76 4.76
C TRP A 97 -10.12 11.36 3.99
N GLU A 98 -10.16 10.11 3.53
CA GLU A 98 -11.30 9.61 2.77
C GLU A 98 -12.60 9.82 3.55
N ALA A 99 -12.55 9.59 4.85
CA ALA A 99 -13.72 9.76 5.70
C ALA A 99 -14.30 11.16 5.57
N LEU A 100 -13.44 12.17 5.74
CA LEU A 100 -13.87 13.56 5.64
C LEU A 100 -14.58 13.82 4.32
N ASN A 101 -13.88 13.57 3.22
CA ASN A 101 -14.44 13.77 1.88
C ASN A 101 -15.90 13.33 1.84
N ASP A 102 -16.16 12.13 2.37
CA ASP A 102 -17.51 11.58 2.38
C ASP A 102 -18.31 12.16 3.55
N SER A 103 -19.60 11.82 3.59
CA SER A 103 -20.47 12.30 4.65
C SER A 103 -21.38 11.18 5.17
N VAL A 104 -21.16 10.79 6.41
CA VAL A 104 -21.95 9.73 7.03
C VAL A 104 -22.05 9.93 8.54
N LYS A 105 -23.28 10.13 9.03
CA LYS A 105 -23.52 10.33 10.44
C LYS A 105 -23.98 9.04 11.11
N THR A 106 -24.91 8.34 10.46
CA THR A 106 -25.43 7.09 10.98
C THR A 106 -25.42 6.00 9.92
N SER A 107 -24.60 4.97 10.13
CA SER A 107 -24.50 3.86 9.19
C SER A 107 -24.80 2.54 9.88
N GLY A 108 -24.87 1.48 9.08
CA GLY A 108 -25.15 0.16 9.64
C GLY A 108 -24.01 -0.81 9.42
N PRO A 109 -24.22 -2.08 9.80
CA PRO A 109 -23.21 -3.13 9.66
C PRO A 109 -22.97 -3.51 8.20
N SER A 110 -21.73 -3.87 7.89
CA SER A 110 -21.37 -4.25 6.52
C SER A 110 -21.03 -5.74 6.45
N SER A 111 -21.07 -6.29 5.25
CA SER A 111 -20.76 -7.71 5.05
C SER A 111 -19.38 -8.04 5.59
N GLY A 112 -19.35 -8.86 6.64
CA GLY A 112 -18.08 -9.24 7.24
C GLY A 112 -17.70 -8.35 8.41
N GLY A 1 -14.89 35.44 39.35
CA GLY A 1 -13.72 34.59 39.48
C GLY A 1 -13.58 33.61 38.33
N SER A 2 -12.34 33.26 38.01
CA SER A 2 -12.08 32.34 36.91
C SER A 2 -10.70 31.70 37.06
N SER A 3 -10.48 30.58 36.40
CA SER A 3 -9.21 29.87 36.46
C SER A 3 -8.80 29.36 35.08
N GLY A 4 -7.52 29.07 34.92
CA GLY A 4 -7.03 28.57 33.64
C GLY A 4 -6.63 27.11 33.71
N SER A 5 -5.79 26.68 32.77
CA SER A 5 -5.34 25.29 32.71
C SER A 5 -3.91 25.21 32.19
N SER A 6 -3.13 24.29 32.74
CA SER A 6 -1.75 24.10 32.34
C SER A 6 -1.64 23.10 31.20
N GLY A 7 -0.46 23.00 30.61
CA GLY A 7 -0.24 22.06 29.52
C GLY A 7 0.86 21.08 29.80
N MET A 8 1.14 20.21 28.83
CA MET A 8 2.19 19.21 28.99
C MET A 8 2.94 19.00 27.68
N ASP A 9 4.15 18.45 27.77
CA ASP A 9 4.98 18.20 26.60
C ASP A 9 5.40 16.74 26.53
N ALA A 10 4.42 15.84 26.52
CA ALA A 10 4.69 14.41 26.47
C ALA A 10 4.76 13.92 25.02
N ILE A 11 5.41 14.71 24.16
CA ILE A 11 5.53 14.35 22.76
C ILE A 11 6.99 14.19 22.36
N LEU A 12 7.33 13.04 21.78
CA LEU A 12 8.69 12.76 21.36
C LEU A 12 8.72 12.22 19.93
N ASN A 13 9.89 12.25 19.31
CA ASN A 13 10.04 11.77 17.94
C ASN A 13 10.86 10.47 17.92
N TYR A 14 10.18 9.34 18.11
CA TYR A 14 10.84 8.04 18.11
C TYR A 14 10.33 7.18 16.96
N ARG A 15 11.22 6.88 16.01
CA ARG A 15 10.86 6.05 14.87
C ARG A 15 12.10 5.70 14.05
N SER A 16 12.04 4.54 13.40
CA SER A 16 13.16 4.09 12.58
C SER A 16 12.69 3.67 11.19
N GLU A 17 12.00 2.53 11.12
CA GLU A 17 11.50 2.02 9.85
C GLU A 17 9.98 2.08 9.82
N ASP A 18 9.44 3.26 9.54
CA ASP A 18 7.99 3.45 9.48
C ASP A 18 7.61 4.40 8.36
N THR A 19 7.08 3.84 7.26
CA THR A 19 6.68 4.64 6.11
C THR A 19 5.62 3.93 5.29
N GLU A 20 4.51 4.61 5.04
CA GLU A 20 3.41 4.04 4.27
C GLU A 20 3.19 4.81 2.98
N ASP A 21 3.81 4.36 1.90
CA ASP A 21 3.68 5.01 0.60
C ASP A 21 2.91 4.13 -0.37
N TYR A 22 1.72 4.58 -0.75
CA TYR A 22 0.88 3.83 -1.68
C TYR A 22 1.69 3.35 -2.87
N TYR A 23 2.61 4.19 -3.33
CA TYR A 23 3.45 3.84 -4.48
C TYR A 23 4.40 2.69 -4.13
N THR A 24 4.89 2.70 -2.90
CA THR A 24 5.81 1.66 -2.45
C THR A 24 5.08 0.34 -2.23
N LEU A 25 3.91 0.41 -1.60
CA LEU A 25 3.12 -0.79 -1.35
C LEU A 25 3.15 -1.73 -2.54
N LEU A 26 2.80 -1.21 -3.71
CA LEU A 26 2.78 -2.00 -4.93
C LEU A 26 4.14 -1.94 -5.64
N GLY A 27 5.02 -1.09 -5.12
CA GLY A 27 6.34 -0.96 -5.72
C GLY A 27 6.29 -0.37 -7.11
N CYS A 28 5.42 0.61 -7.31
CA CYS A 28 5.26 1.25 -8.61
C CYS A 28 5.59 2.74 -8.52
N ASP A 29 5.84 3.36 -9.67
CA ASP A 29 6.15 4.78 -9.72
C ASP A 29 5.28 5.50 -10.75
N GLU A 30 5.30 6.83 -10.72
CA GLU A 30 4.51 7.63 -11.65
C GLU A 30 4.76 7.19 -13.09
N LEU A 31 5.92 6.62 -13.34
CA LEU A 31 6.28 6.15 -14.67
C LEU A 31 5.57 4.84 -15.01
N SER A 32 5.51 3.94 -14.03
CA SER A 32 4.86 2.66 -14.23
C SER A 32 3.39 2.84 -14.60
N SER A 33 2.96 2.12 -15.63
CA SER A 33 1.58 2.20 -16.10
C SER A 33 0.70 1.20 -15.37
N VAL A 34 -0.60 1.46 -15.36
CA VAL A 34 -1.56 0.58 -14.70
C VAL A 34 -1.24 -0.88 -14.97
N GLU A 35 -1.15 -1.24 -16.24
CA GLU A 35 -0.85 -2.62 -16.63
C GLU A 35 0.26 -3.19 -15.77
N GLN A 36 1.33 -2.42 -15.59
CA GLN A 36 2.46 -2.85 -14.79
C GLN A 36 2.11 -2.88 -13.31
N ILE A 37 1.49 -1.81 -12.83
CA ILE A 37 1.09 -1.72 -11.43
C ILE A 37 0.34 -2.97 -10.99
N LEU A 38 -0.72 -3.31 -11.71
CA LEU A 38 -1.53 -4.47 -11.39
C LEU A 38 -0.63 -5.68 -11.08
N ALA A 39 0.01 -6.21 -12.12
CA ALA A 39 0.89 -7.36 -11.96
C ALA A 39 1.69 -7.26 -10.66
N GLU A 40 2.33 -6.12 -10.45
CA GLU A 40 3.13 -5.91 -9.25
C GLU A 40 2.30 -6.18 -8.00
N PHE A 41 1.06 -5.71 -8.01
CA PHE A 41 0.16 -5.89 -6.87
C PHE A 41 -0.16 -7.36 -6.66
N LYS A 42 -0.36 -8.08 -7.77
CA LYS A 42 -0.67 -9.50 -7.72
C LYS A 42 0.48 -10.29 -7.11
N VAL A 43 1.67 -10.13 -7.67
CA VAL A 43 2.86 -10.82 -7.17
C VAL A 43 3.15 -10.44 -5.73
N ARG A 44 3.16 -9.15 -5.46
CA ARG A 44 3.43 -8.64 -4.11
C ARG A 44 2.39 -9.16 -3.12
N ALA A 45 1.13 -9.18 -3.55
CA ALA A 45 0.04 -9.64 -2.70
C ALA A 45 0.06 -11.17 -2.56
N LEU A 46 0.48 -11.83 -3.62
CA LEU A 46 0.55 -13.30 -3.63
C LEU A 46 1.69 -13.79 -2.75
N GLU A 47 2.88 -13.22 -2.95
CA GLU A 47 4.05 -13.60 -2.18
C GLU A 47 3.78 -13.48 -0.68
N CYS A 48 2.97 -12.49 -0.31
CA CYS A 48 2.63 -12.26 1.08
C CYS A 48 1.14 -12.51 1.33
N HIS A 49 0.59 -13.49 0.62
CA HIS A 49 -0.83 -13.82 0.76
C HIS A 49 -1.06 -14.71 1.98
N PRO A 50 -2.17 -14.45 2.70
CA PRO A 50 -2.52 -15.22 3.90
C PRO A 50 -2.96 -16.64 3.57
N ASP A 51 -3.84 -16.78 2.58
CA ASP A 51 -4.33 -18.08 2.16
C ASP A 51 -3.17 -19.02 1.85
N LYS A 52 -2.09 -18.46 1.32
CA LYS A 52 -0.90 -19.25 0.97
C LYS A 52 0.02 -19.40 2.17
N HIS A 53 0.12 -18.35 2.98
CA HIS A 53 0.97 -18.37 4.17
C HIS A 53 0.15 -18.13 5.43
N PRO A 54 -0.47 -19.20 5.96
CA PRO A 54 -1.29 -19.13 7.16
C PRO A 54 -0.46 -18.86 8.41
N GLU A 55 0.60 -19.65 8.59
CA GLU A 55 1.47 -19.51 9.75
C GLU A 55 1.75 -18.03 10.04
N ASN A 56 1.80 -17.22 9.00
CA ASN A 56 2.06 -15.79 9.14
C ASN A 56 0.78 -14.99 8.88
N PRO A 57 -0.04 -14.82 9.93
CA PRO A 57 -1.29 -14.07 9.85
C PRO A 57 -1.06 -12.58 9.67
N LYS A 58 0.17 -12.14 9.90
CA LYS A 58 0.52 -10.73 9.76
C LYS A 58 0.48 -10.30 8.29
N ALA A 59 0.53 -11.28 7.39
CA ALA A 59 0.50 -11.01 5.96
C ALA A 59 -0.83 -10.41 5.56
N VAL A 60 -1.89 -10.78 6.26
CA VAL A 60 -3.23 -10.28 5.97
C VAL A 60 -3.26 -8.75 5.98
N GLU A 61 -2.72 -8.17 7.04
CA GLU A 61 -2.69 -6.72 7.18
C GLU A 61 -2.20 -6.07 5.89
N THR A 62 -1.14 -6.62 5.31
CA THR A 62 -0.57 -6.10 4.07
C THR A 62 -1.56 -6.25 2.91
N PHE A 63 -2.13 -7.43 2.78
CA PHE A 63 -3.09 -7.70 1.72
C PHE A 63 -4.20 -6.65 1.70
N GLN A 64 -4.44 -6.04 2.86
CA GLN A 64 -5.48 -5.02 2.97
C GLN A 64 -5.03 -3.72 2.33
N LYS A 65 -3.78 -3.33 2.59
CA LYS A 65 -3.24 -2.09 2.03
C LYS A 65 -2.76 -2.32 0.59
N LEU A 66 -2.52 -3.57 0.24
CA LEU A 66 -2.07 -3.91 -1.10
C LEU A 66 -3.23 -3.87 -2.10
N GLN A 67 -4.40 -4.30 -1.66
CA GLN A 67 -5.58 -4.29 -2.51
C GLN A 67 -6.27 -2.93 -2.49
N LYS A 68 -5.91 -2.10 -1.52
CA LYS A 68 -6.48 -0.77 -1.39
C LYS A 68 -5.79 0.21 -2.33
N ALA A 69 -4.46 0.27 -2.22
CA ALA A 69 -3.68 1.17 -3.06
C ALA A 69 -3.94 0.92 -4.54
N LYS A 70 -4.09 -0.35 -4.90
CA LYS A 70 -4.34 -0.73 -6.29
C LYS A 70 -5.53 0.06 -6.85
N GLU A 71 -6.66 -0.03 -6.17
CA GLU A 71 -7.87 0.68 -6.61
C GLU A 71 -7.62 2.18 -6.70
N ILE A 72 -6.88 2.71 -5.72
CA ILE A 72 -6.57 4.13 -5.69
C ILE A 72 -5.79 4.55 -6.94
N LEU A 73 -4.74 3.78 -7.26
CA LEU A 73 -3.92 4.08 -8.42
C LEU A 73 -4.62 3.66 -9.71
N THR A 74 -4.87 2.35 -9.85
CA THR A 74 -5.53 1.82 -11.03
C THR A 74 -6.56 2.81 -11.57
N ASN A 75 -7.29 3.45 -10.66
CA ASN A 75 -8.30 4.43 -11.05
C ASN A 75 -7.69 5.81 -11.25
N GLU A 76 -7.91 6.39 -12.42
CA GLU A 76 -7.39 7.70 -12.73
C GLU A 76 -8.04 8.78 -11.86
N GLU A 77 -9.30 8.55 -11.51
CA GLU A 77 -10.04 9.49 -10.68
C GLU A 77 -9.47 9.54 -9.26
N SER A 78 -9.31 8.37 -8.66
CA SER A 78 -8.78 8.26 -7.31
C SER A 78 -7.30 8.65 -7.28
N ARG A 79 -6.55 8.16 -8.26
CA ARG A 79 -5.12 8.45 -8.34
C ARG A 79 -4.87 9.95 -8.27
N ALA A 80 -5.66 10.72 -9.00
CA ALA A 80 -5.53 12.16 -9.02
C ALA A 80 -5.72 12.75 -7.63
N ARG A 81 -6.84 12.40 -7.00
CA ARG A 81 -7.15 12.91 -5.66
C ARG A 81 -5.98 12.66 -4.71
N TYR A 82 -5.48 11.43 -4.70
CA TYR A 82 -4.37 11.06 -3.83
C TYR A 82 -3.26 12.10 -3.90
N ASP A 83 -2.79 12.39 -5.10
CA ASP A 83 -1.74 13.37 -5.31
C ASP A 83 -2.07 14.69 -4.60
N HIS A 84 -3.36 15.00 -4.55
CA HIS A 84 -3.81 16.23 -3.90
C HIS A 84 -3.51 16.21 -2.41
N TRP A 85 -3.69 15.04 -1.79
CA TRP A 85 -3.42 14.89 -0.37
C TRP A 85 -1.94 15.03 -0.06
N ARG A 86 -1.11 14.44 -0.91
CA ARG A 86 0.34 14.50 -0.75
C ARG A 86 0.82 15.95 -0.67
N ARG A 87 0.30 16.79 -1.56
CA ARG A 87 0.67 18.20 -1.59
C ARG A 87 0.11 18.94 -0.39
N SER A 88 -0.97 18.41 0.18
CA SER A 88 -1.60 19.03 1.33
C SER A 88 -0.85 18.69 2.61
N GLN A 89 -0.36 17.45 2.70
CA GLN A 89 0.38 17.00 3.87
C GLN A 89 -0.48 17.11 5.13
N MET A 90 -1.75 16.73 5.02
CA MET A 90 -2.67 16.78 6.14
C MET A 90 -2.05 16.13 7.37
N SER A 91 -2.54 16.52 8.55
CA SER A 91 -2.03 15.98 9.80
C SER A 91 -2.28 14.47 9.88
N MET A 92 -3.36 14.03 9.25
CA MET A 92 -3.71 12.61 9.24
C MET A 92 -3.39 11.97 7.90
N PRO A 93 -3.16 10.65 7.91
CA PRO A 93 -2.85 9.89 6.70
C PRO A 93 -4.03 9.79 5.75
N PHE A 94 -3.75 9.65 4.46
CA PHE A 94 -4.80 9.53 3.46
C PHE A 94 -5.91 8.60 3.93
N GLN A 95 -5.53 7.48 4.53
CA GLN A 95 -6.50 6.51 5.03
C GLN A 95 -7.65 7.21 5.75
N GLN A 96 -7.32 8.01 6.75
CA GLN A 96 -8.33 8.74 7.51
C GLN A 96 -9.10 9.69 6.60
N TRP A 97 -8.39 10.46 5.80
CA TRP A 97 -9.02 11.41 4.89
C TRP A 97 -10.19 10.78 4.17
N GLU A 98 -9.93 9.68 3.45
CA GLU A 98 -10.98 8.98 2.72
C GLU A 98 -12.28 8.98 3.50
N ALA A 99 -12.18 8.82 4.82
CA ALA A 99 -13.36 8.80 5.67
C ALA A 99 -14.29 9.97 5.36
N LEU A 100 -13.74 11.18 5.40
CA LEU A 100 -14.52 12.38 5.12
C LEU A 100 -15.47 12.16 3.95
N ASN A 101 -14.89 11.90 2.77
CA ASN A 101 -15.68 11.67 1.57
C ASN A 101 -16.87 10.74 1.87
N ASP A 102 -16.56 9.53 2.32
CA ASP A 102 -17.59 8.55 2.64
C ASP A 102 -17.67 8.31 4.14
N SER A 103 -18.69 8.87 4.78
CA SER A 103 -18.87 8.72 6.22
C SER A 103 -18.97 7.25 6.61
N VAL A 104 -17.89 6.73 7.20
CA VAL A 104 -17.85 5.33 7.62
C VAL A 104 -18.07 5.20 9.13
N LYS A 105 -19.32 5.01 9.52
CA LYS A 105 -19.67 4.87 10.93
C LYS A 105 -19.41 3.45 11.41
N THR A 106 -18.28 2.88 10.99
CA THR A 106 -17.91 1.53 11.38
C THR A 106 -16.46 1.46 11.84
N SER A 107 -16.20 0.66 12.86
CA SER A 107 -14.85 0.51 13.39
C SER A 107 -14.24 -0.83 12.96
N GLY A 108 -12.95 -0.80 12.61
CA GLY A 108 -12.28 -2.01 12.19
C GLY A 108 -11.30 -2.52 13.23
N PRO A 109 -11.10 -3.85 13.25
CA PRO A 109 -10.18 -4.49 14.21
C PRO A 109 -8.73 -4.18 13.91
N SER A 110 -8.24 -3.06 14.45
CA SER A 110 -6.86 -2.65 14.23
C SER A 110 -6.03 -2.83 15.50
N SER A 111 -4.84 -3.40 15.35
CA SER A 111 -3.96 -3.64 16.48
C SER A 111 -2.59 -3.03 16.24
N GLY A 112 -1.99 -2.49 17.30
CA GLY A 112 -0.68 -1.87 17.18
C GLY A 112 -0.63 -0.48 17.79
N GLY A 1 42.95 23.75 21.67
CA GLY A 1 42.67 22.52 22.36
C GLY A 1 43.05 21.30 21.55
N SER A 2 42.82 20.12 22.10
CA SER A 2 43.15 18.87 21.42
C SER A 2 41.89 18.07 21.12
N SER A 3 42.04 17.03 20.31
CA SER A 3 40.92 16.18 19.93
C SER A 3 41.39 14.81 19.46
N GLY A 4 40.44 13.92 19.16
CA GLY A 4 40.79 12.59 18.71
C GLY A 4 39.59 11.84 18.16
N SER A 5 39.87 10.79 17.40
CA SER A 5 38.80 9.99 16.80
C SER A 5 39.32 8.62 16.37
N SER A 6 38.42 7.75 15.94
CA SER A 6 38.79 6.41 15.50
C SER A 6 38.40 6.19 14.04
N GLY A 7 39.37 5.74 13.25
CA GLY A 7 39.10 5.49 11.84
C GLY A 7 37.97 4.52 11.62
N MET A 8 37.38 4.54 10.43
CA MET A 8 36.28 3.65 10.11
C MET A 8 36.06 3.58 8.60
N ASP A 9 35.99 2.36 8.07
CA ASP A 9 35.78 2.16 6.64
C ASP A 9 34.56 1.28 6.38
N ALA A 10 34.25 1.07 5.10
CA ALA A 10 33.11 0.25 4.73
C ALA A 10 31.79 0.90 5.15
N ILE A 11 31.75 2.22 5.06
CA ILE A 11 30.54 2.97 5.43
C ILE A 11 29.39 2.67 4.47
N LEU A 12 28.23 2.39 5.02
CA LEU A 12 27.04 2.09 4.21
C LEU A 12 26.02 3.22 4.31
N ASN A 13 25.36 3.51 3.20
CA ASN A 13 24.34 4.57 3.16
C ASN A 13 23.06 4.06 2.51
N TYR A 14 21.95 4.20 3.22
CA TYR A 14 20.66 3.76 2.71
C TYR A 14 19.60 4.85 2.90
N ARG A 15 18.75 5.01 1.89
CA ARG A 15 17.69 6.01 1.94
C ARG A 15 16.33 5.39 1.63
N SER A 16 16.13 4.16 2.12
CA SER A 16 14.87 3.46 1.89
C SER A 16 13.91 3.69 3.04
N GLU A 17 12.65 3.96 2.71
CA GLU A 17 11.63 4.21 3.72
C GLU A 17 10.25 3.77 3.22
N ASP A 18 9.40 3.34 4.15
CA ASP A 18 8.07 2.88 3.80
C ASP A 18 7.07 4.03 3.91
N THR A 19 7.10 4.74 5.03
CA THR A 19 6.19 5.86 5.26
C THR A 19 4.76 5.48 4.91
N GLU A 20 4.42 4.21 5.10
CA GLU A 20 3.07 3.74 4.81
C GLU A 20 2.55 4.34 3.51
N ASP A 21 3.47 4.64 2.59
CA ASP A 21 3.11 5.22 1.31
C ASP A 21 2.44 4.19 0.41
N TYR A 22 1.34 4.59 -0.23
CA TYR A 22 0.60 3.69 -1.11
C TYR A 22 1.49 3.19 -2.24
N TYR A 23 2.36 4.06 -2.73
CA TYR A 23 3.27 3.71 -3.82
C TYR A 23 4.22 2.60 -3.39
N THR A 24 4.54 2.56 -2.10
CA THR A 24 5.44 1.55 -1.56
C THR A 24 4.78 0.17 -1.56
N LEU A 25 3.54 0.12 -1.10
CA LEU A 25 2.80 -1.13 -1.04
C LEU A 25 3.00 -1.95 -2.31
N LEU A 26 2.94 -1.27 -3.46
CA LEU A 26 3.11 -1.93 -4.74
C LEU A 26 4.48 -1.62 -5.33
N GLY A 27 5.28 -0.86 -4.59
CA GLY A 27 6.61 -0.50 -5.05
C GLY A 27 6.60 0.09 -6.45
N CYS A 28 5.59 0.91 -6.74
CA CYS A 28 5.47 1.54 -8.04
C CYS A 28 5.59 3.06 -7.93
N ASP A 29 5.47 3.74 -9.06
CA ASP A 29 5.57 5.20 -9.09
C ASP A 29 4.83 5.76 -10.30
N GLU A 30 4.57 7.07 -10.27
CA GLU A 30 3.87 7.74 -11.36
C GLU A 30 4.36 7.22 -12.71
N LEU A 31 5.65 6.94 -12.80
CA LEU A 31 6.24 6.43 -14.04
C LEU A 31 5.49 5.19 -14.52
N SER A 32 5.27 4.25 -13.62
CA SER A 32 4.56 3.02 -13.97
C SER A 32 3.11 3.30 -14.33
N SER A 33 2.50 2.37 -15.05
CA SER A 33 1.10 2.52 -15.46
C SER A 33 0.23 1.46 -14.82
N VAL A 34 -1.07 1.71 -14.76
CA VAL A 34 -2.02 0.79 -14.16
C VAL A 34 -1.79 -0.63 -14.69
N GLU A 35 -1.30 -0.73 -15.91
CA GLU A 35 -1.02 -2.03 -16.52
C GLU A 35 0.10 -2.76 -15.80
N GLN A 36 1.13 -2.00 -15.41
CA GLN A 36 2.28 -2.56 -14.70
C GLN A 36 1.98 -2.71 -13.21
N ILE A 37 1.29 -1.72 -12.65
CA ILE A 37 0.95 -1.74 -11.23
C ILE A 37 0.32 -3.07 -10.83
N LEU A 38 -0.76 -3.44 -11.52
CA LEU A 38 -1.46 -4.69 -11.24
C LEU A 38 -0.47 -5.83 -11.07
N ALA A 39 0.29 -6.11 -12.13
CA ALA A 39 1.28 -7.18 -12.11
C ALA A 39 1.96 -7.27 -10.74
N GLU A 40 2.53 -6.15 -10.30
CA GLU A 40 3.21 -6.10 -9.02
C GLU A 40 2.27 -6.49 -7.88
N PHE A 41 1.03 -6.01 -7.96
CA PHE A 41 0.03 -6.31 -6.94
C PHE A 41 -0.24 -7.81 -6.86
N LYS A 42 -0.13 -8.48 -8.00
CA LYS A 42 -0.36 -9.92 -8.07
C LYS A 42 0.79 -10.68 -7.42
N VAL A 43 2.00 -10.41 -7.87
CA VAL A 43 3.19 -11.07 -7.34
C VAL A 43 3.41 -10.70 -5.88
N ARG A 44 3.42 -9.40 -5.59
CA ARG A 44 3.62 -8.93 -4.23
C ARG A 44 2.58 -9.51 -3.28
N ALA A 45 1.33 -9.57 -3.75
CA ALA A 45 0.24 -10.10 -2.95
C ALA A 45 0.42 -11.60 -2.71
N LEU A 46 0.85 -12.30 -3.75
CA LEU A 46 1.07 -13.75 -3.65
C LEU A 46 2.24 -14.07 -2.72
N GLU A 47 3.39 -13.48 -3.00
CA GLU A 47 4.58 -13.69 -2.18
C GLU A 47 4.28 -13.47 -0.70
N CYS A 48 3.32 -12.58 -0.43
CA CYS A 48 2.93 -12.26 0.93
C CYS A 48 1.44 -12.49 1.14
N HIS A 49 0.92 -13.56 0.55
CA HIS A 49 -0.49 -13.88 0.67
C HIS A 49 -0.79 -14.54 2.02
N PRO A 50 -1.89 -14.11 2.66
CA PRO A 50 -2.31 -14.63 3.96
C PRO A 50 -2.79 -16.08 3.87
N ASP A 51 -3.70 -16.34 2.95
CA ASP A 51 -4.25 -17.69 2.76
C ASP A 51 -3.13 -18.71 2.63
N LYS A 52 -2.22 -18.47 1.68
CA LYS A 52 -1.09 -19.37 1.46
C LYS A 52 -0.26 -19.53 2.72
N HIS A 53 0.07 -18.41 3.35
CA HIS A 53 0.87 -18.42 4.57
C HIS A 53 0.05 -17.92 5.76
N PRO A 54 -0.81 -18.79 6.29
CA PRO A 54 -1.66 -18.45 7.44
C PRO A 54 -0.88 -18.31 8.72
N GLU A 55 0.41 -18.64 8.67
CA GLU A 55 1.28 -18.54 9.84
C GLU A 55 1.64 -17.08 10.13
N ASN A 56 1.94 -16.34 9.07
CA ASN A 56 2.30 -14.93 9.22
C ASN A 56 1.06 -14.04 9.21
N PRO A 57 0.82 -13.34 10.32
CA PRO A 57 -0.33 -12.45 10.46
C PRO A 57 -0.22 -11.20 9.59
N LYS A 58 0.93 -10.53 9.67
CA LYS A 58 1.17 -9.33 8.89
C LYS A 58 0.64 -9.49 7.48
N ALA A 59 0.81 -10.68 6.90
CA ALA A 59 0.35 -10.95 5.55
C ALA A 59 -1.08 -10.45 5.35
N VAL A 60 -1.99 -10.94 6.17
CA VAL A 60 -3.40 -10.54 6.08
C VAL A 60 -3.52 -9.04 5.81
N GLU A 61 -2.80 -8.24 6.59
CA GLU A 61 -2.83 -6.79 6.43
C GLU A 61 -2.18 -6.38 5.11
N THR A 62 -0.99 -6.90 4.86
CA THR A 62 -0.26 -6.59 3.64
C THR A 62 -1.16 -6.67 2.41
N PHE A 63 -2.04 -7.66 2.40
CA PHE A 63 -2.97 -7.86 1.30
C PHE A 63 -4.09 -6.83 1.35
N GLN A 64 -4.57 -6.54 2.54
CA GLN A 64 -5.65 -5.58 2.74
C GLN A 64 -5.27 -4.22 2.15
N LYS A 65 -4.04 -3.79 2.40
CA LYS A 65 -3.55 -2.51 1.89
C LYS A 65 -3.22 -2.61 0.41
N LEU A 66 -2.82 -3.79 -0.04
CA LEU A 66 -2.47 -4.01 -1.43
C LEU A 66 -3.67 -3.75 -2.34
N GLN A 67 -4.77 -4.44 -2.07
CA GLN A 67 -5.98 -4.27 -2.86
C GLN A 67 -6.39 -2.80 -2.93
N LYS A 68 -6.16 -2.08 -1.85
CA LYS A 68 -6.51 -0.66 -1.79
C LYS A 68 -5.62 0.16 -2.72
N ALA A 69 -4.34 0.21 -2.41
CA ALA A 69 -3.38 0.96 -3.22
C ALA A 69 -3.60 0.69 -4.71
N LYS A 70 -3.60 -0.60 -5.08
CA LYS A 70 -3.81 -1.00 -6.46
C LYS A 70 -5.05 -0.34 -7.05
N GLU A 71 -6.15 -0.41 -6.30
CA GLU A 71 -7.41 0.16 -6.73
C GLU A 71 -7.29 1.68 -6.89
N ILE A 72 -6.84 2.34 -5.83
CA ILE A 72 -6.67 3.78 -5.85
C ILE A 72 -5.87 4.24 -7.06
N LEU A 73 -4.74 3.57 -7.29
CA LEU A 73 -3.88 3.90 -8.42
C LEU A 73 -4.55 3.54 -9.74
N THR A 74 -4.82 2.25 -9.93
CA THR A 74 -5.46 1.77 -11.15
C THR A 74 -6.50 2.77 -11.64
N ASN A 75 -7.26 3.33 -10.71
CA ASN A 75 -8.31 4.30 -11.05
C ASN A 75 -7.76 5.72 -11.00
N GLU A 76 -7.80 6.41 -12.15
CA GLU A 76 -7.31 7.78 -12.23
C GLU A 76 -8.18 8.72 -11.40
N GLU A 77 -9.45 8.38 -11.28
CA GLU A 77 -10.38 9.20 -10.51
C GLU A 77 -9.93 9.33 -9.05
N SER A 78 -9.73 8.19 -8.41
CA SER A 78 -9.29 8.17 -7.02
C SER A 78 -7.82 8.56 -6.90
N ARG A 79 -7.00 8.04 -7.80
CA ARG A 79 -5.57 8.32 -7.81
C ARG A 79 -5.32 9.82 -7.76
N ALA A 80 -6.13 10.58 -8.50
CA ALA A 80 -5.99 12.02 -8.54
C ALA A 80 -6.21 12.64 -7.17
N ARG A 81 -7.34 12.31 -6.55
CA ARG A 81 -7.67 12.82 -5.23
C ARG A 81 -6.53 12.58 -4.24
N TYR A 82 -5.89 11.42 -4.36
CA TYR A 82 -4.78 11.07 -3.48
C TYR A 82 -3.62 12.06 -3.64
N ASP A 83 -3.07 12.12 -4.85
CA ASP A 83 -1.95 13.02 -5.14
C ASP A 83 -2.13 14.35 -4.39
N HIS A 84 -3.36 14.85 -4.36
CA HIS A 84 -3.65 16.10 -3.68
C HIS A 84 -3.26 16.04 -2.21
N TRP A 85 -3.64 14.94 -1.56
CA TRP A 85 -3.32 14.76 -0.14
C TRP A 85 -1.82 14.72 0.08
N ARG A 86 -1.11 14.03 -0.81
CA ARG A 86 0.33 13.90 -0.71
C ARG A 86 0.98 15.27 -0.47
N ARG A 87 0.68 16.22 -1.35
CA ARG A 87 1.22 17.57 -1.25
C ARG A 87 0.78 18.23 0.05
N SER A 88 -0.50 18.06 0.38
CA SER A 88 -1.06 18.66 1.59
C SER A 88 -0.34 18.13 2.83
N GLN A 89 0.28 16.96 2.70
CA GLN A 89 1.01 16.35 3.81
C GLN A 89 0.25 16.53 5.11
N MET A 90 -1.02 16.13 5.11
CA MET A 90 -1.86 16.24 6.30
C MET A 90 -1.36 15.34 7.41
N SER A 91 -1.55 15.77 8.66
CA SER A 91 -1.11 14.99 9.82
C SER A 91 -1.62 13.55 9.73
N MET A 92 -2.88 13.41 9.34
CA MET A 92 -3.49 12.08 9.22
C MET A 92 -3.25 11.50 7.83
N PRO A 93 -3.29 10.16 7.73
CA PRO A 93 -3.08 9.45 6.46
C PRO A 93 -4.24 9.65 5.49
N PHE A 94 -3.95 9.55 4.20
CA PHE A 94 -4.97 9.72 3.17
C PHE A 94 -6.25 8.99 3.55
N GLN A 95 -6.14 7.69 3.78
CA GLN A 95 -7.29 6.88 4.14
C GLN A 95 -8.22 7.65 5.08
N GLN A 96 -7.65 8.20 6.15
CA GLN A 96 -8.43 8.96 7.12
C GLN A 96 -9.15 10.12 6.45
N TRP A 97 -8.38 10.99 5.79
CA TRP A 97 -8.95 12.14 5.11
C TRP A 97 -10.08 11.73 4.18
N GLU A 98 -9.87 10.65 3.44
CA GLU A 98 -10.89 10.14 2.52
C GLU A 98 -12.29 10.29 3.11
N ALA A 99 -12.42 9.95 4.39
CA ALA A 99 -13.71 10.04 5.08
C ALA A 99 -14.35 11.40 4.86
N LEU A 100 -13.61 12.46 5.18
CA LEU A 100 -14.10 13.82 5.02
C LEU A 100 -14.60 14.05 3.60
N ASN A 101 -13.80 13.64 2.62
CA ASN A 101 -14.16 13.80 1.22
C ASN A 101 -15.65 13.54 1.00
N ASP A 102 -16.12 12.38 1.45
CA ASP A 102 -17.52 12.02 1.30
C ASP A 102 -18.29 12.36 2.57
N SER A 103 -19.39 13.08 2.41
CA SER A 103 -20.23 13.48 3.54
C SER A 103 -21.18 12.36 3.94
N VAL A 104 -20.66 11.13 3.94
CA VAL A 104 -21.46 9.96 4.30
C VAL A 104 -20.80 9.16 5.42
N LYS A 105 -21.31 9.32 6.64
CA LYS A 105 -20.76 8.61 7.79
C LYS A 105 -21.12 7.13 7.74
N THR A 106 -20.24 6.34 7.14
CA THR A 106 -20.46 4.90 7.02
C THR A 106 -19.99 4.17 8.28
N SER A 107 -20.79 3.18 8.71
CA SER A 107 -20.46 2.42 9.90
C SER A 107 -19.54 1.25 9.56
N GLY A 108 -18.42 1.15 10.27
CA GLY A 108 -17.47 0.07 10.02
C GLY A 108 -16.48 -0.09 11.16
N PRO A 109 -16.92 -0.75 12.24
CA PRO A 109 -16.08 -0.99 13.42
C PRO A 109 -14.96 -1.99 13.13
N SER A 110 -13.73 -1.49 13.03
CA SER A 110 -12.59 -2.34 12.76
C SER A 110 -11.87 -2.71 14.05
N SER A 111 -11.55 -4.00 14.19
CA SER A 111 -10.87 -4.49 15.37
C SER A 111 -9.35 -4.42 15.21
N GLY A 112 -8.70 -3.67 16.08
CA GLY A 112 -7.26 -3.53 16.01
C GLY A 112 -6.78 -2.15 16.42
N GLY A 1 -1.42 -46.50 14.14
CA GLY A 1 -1.68 -45.33 13.33
C GLY A 1 -0.70 -45.19 12.18
N SER A 2 -1.20 -44.74 11.03
CA SER A 2 -0.35 -44.57 9.85
C SER A 2 0.60 -43.39 10.04
N SER A 3 1.83 -43.56 9.56
CA SER A 3 2.84 -42.53 9.68
C SER A 3 3.13 -41.88 8.33
N GLY A 4 3.55 -40.61 8.35
CA GLY A 4 3.83 -39.91 7.12
C GLY A 4 3.66 -38.41 7.25
N SER A 5 4.73 -37.73 7.64
CA SER A 5 4.69 -36.28 7.82
C SER A 5 6.01 -35.64 7.36
N SER A 6 5.90 -34.45 6.77
CA SER A 6 7.07 -33.73 6.28
C SER A 6 6.82 -32.23 6.29
N GLY A 7 7.90 -31.46 6.34
CA GLY A 7 7.79 -30.01 6.36
C GLY A 7 8.94 -29.34 7.07
N MET A 8 9.85 -28.77 6.29
CA MET A 8 11.01 -28.09 6.86
C MET A 8 11.11 -26.65 6.36
N ASP A 9 10.63 -25.72 7.19
CA ASP A 9 10.66 -24.31 6.82
C ASP A 9 11.54 -23.51 7.79
N ALA A 10 12.75 -23.19 7.35
CA ALA A 10 13.68 -22.43 8.18
C ALA A 10 14.10 -21.14 7.49
N ILE A 11 13.13 -20.44 6.91
CA ILE A 11 13.40 -19.19 6.22
C ILE A 11 12.73 -18.02 6.94
N LEU A 12 13.56 -17.06 7.38
CA LEU A 12 13.05 -15.89 8.08
C LEU A 12 13.22 -14.63 7.22
N ASN A 13 12.12 -13.90 7.02
CA ASN A 13 12.16 -12.68 6.23
C ASN A 13 11.95 -11.46 7.12
N TYR A 14 13.03 -10.70 7.32
CA TYR A 14 12.97 -9.49 8.15
C TYR A 14 13.10 -8.23 7.29
N ARG A 15 12.08 -7.40 7.32
CA ARG A 15 12.09 -6.16 6.55
C ARG A 15 11.51 -5.01 7.36
N SER A 16 11.72 -3.78 6.88
CA SER A 16 11.22 -2.60 7.57
C SER A 16 11.13 -1.41 6.61
N GLU A 17 10.26 -0.46 6.93
CA GLU A 17 10.08 0.72 6.10
C GLU A 17 9.99 1.98 6.95
N ASP A 18 10.31 3.13 6.35
CA ASP A 18 10.28 4.39 7.06
C ASP A 18 8.86 4.96 7.08
N THR A 19 8.24 5.05 5.89
CA THR A 19 6.89 5.57 5.78
C THR A 19 6.04 4.69 4.87
N GLU A 20 4.76 4.58 5.20
CA GLU A 20 3.84 3.76 4.41
C GLU A 20 3.35 4.52 3.18
N ASP A 21 4.12 4.44 2.10
CA ASP A 21 3.76 5.11 0.86
C ASP A 21 2.93 4.21 -0.05
N TYR A 22 1.83 4.74 -0.55
CA TYR A 22 0.95 3.97 -1.43
C TYR A 22 1.72 3.39 -2.61
N TYR A 23 2.72 4.13 -3.08
CA TYR A 23 3.54 3.69 -4.20
C TYR A 23 4.49 2.59 -3.78
N THR A 24 4.86 2.58 -2.50
CA THR A 24 5.77 1.58 -1.96
C THR A 24 5.07 0.24 -1.78
N LEU A 25 3.84 0.29 -1.29
CA LEU A 25 3.05 -0.92 -1.06
C LEU A 25 3.14 -1.86 -2.27
N LEU A 26 2.85 -1.33 -3.45
CA LEU A 26 2.91 -2.12 -4.68
C LEU A 26 4.27 -1.99 -5.34
N GLY A 27 5.10 -1.09 -4.83
CA GLY A 27 6.41 -0.88 -5.39
C GLY A 27 6.38 -0.27 -6.77
N CYS A 28 5.38 0.58 -7.01
CA CYS A 28 5.22 1.23 -8.30
C CYS A 28 5.59 2.71 -8.20
N ASP A 29 5.44 3.43 -9.31
CA ASP A 29 5.76 4.85 -9.35
C ASP A 29 4.78 5.59 -10.27
N GLU A 30 4.96 6.91 -10.38
CA GLU A 30 4.11 7.72 -11.22
C GLU A 30 4.24 7.33 -12.68
N LEU A 31 5.45 6.94 -13.08
CA LEU A 31 5.71 6.54 -14.45
C LEU A 31 5.00 5.22 -14.78
N SER A 32 4.73 4.43 -13.75
CA SER A 32 4.05 3.15 -13.93
C SER A 32 2.56 3.35 -14.19
N SER A 33 2.02 2.53 -15.08
CA SER A 33 0.60 2.62 -15.43
C SER A 33 -0.21 1.58 -14.68
N VAL A 34 -1.52 1.83 -14.54
CA VAL A 34 -2.40 0.91 -13.84
C VAL A 34 -2.09 -0.53 -14.21
N GLU A 35 -1.69 -0.75 -15.45
CA GLU A 35 -1.37 -2.09 -15.94
C GLU A 35 -0.08 -2.61 -15.29
N GLN A 36 0.95 -1.77 -15.29
CA GLN A 36 2.23 -2.14 -14.72
C GLN A 36 2.12 -2.32 -13.20
N ILE A 37 1.29 -1.48 -12.57
CA ILE A 37 1.09 -1.54 -11.13
C ILE A 37 0.46 -2.87 -10.73
N LEU A 38 -0.60 -3.26 -11.43
CA LEU A 38 -1.29 -4.51 -11.14
C LEU A 38 -0.31 -5.67 -11.03
N ALA A 39 0.46 -5.91 -12.08
CA ALA A 39 1.44 -6.98 -12.10
C ALA A 39 2.19 -7.05 -10.78
N GLU A 40 2.80 -5.93 -10.39
CA GLU A 40 3.55 -5.86 -9.14
C GLU A 40 2.68 -6.22 -7.95
N PHE A 41 1.44 -5.73 -7.96
CA PHE A 41 0.50 -5.99 -6.88
C PHE A 41 0.20 -7.50 -6.78
N LYS A 42 0.17 -8.15 -7.93
CA LYS A 42 -0.11 -9.59 -7.97
C LYS A 42 1.03 -10.38 -7.35
N VAL A 43 2.26 -10.10 -7.79
CA VAL A 43 3.44 -10.79 -7.27
C VAL A 43 3.68 -10.43 -5.81
N ARG A 44 3.46 -9.16 -5.48
CA ARG A 44 3.66 -8.69 -4.11
C ARG A 44 2.59 -9.25 -3.18
N ALA A 45 1.40 -9.47 -3.72
CA ALA A 45 0.29 -10.01 -2.94
C ALA A 45 0.37 -11.53 -2.86
N LEU A 46 0.87 -12.15 -3.92
CA LEU A 46 1.00 -13.60 -3.95
C LEU A 46 2.13 -14.08 -3.04
N GLU A 47 3.24 -13.37 -3.08
CA GLU A 47 4.39 -13.71 -2.25
C GLU A 47 4.02 -13.72 -0.78
N CYS A 48 3.11 -12.84 -0.40
CA CYS A 48 2.67 -12.74 0.99
C CYS A 48 1.15 -12.90 1.09
N HIS A 49 0.61 -13.81 0.30
CA HIS A 49 -0.83 -14.06 0.29
C HIS A 49 -1.26 -14.79 1.56
N PRO A 50 -2.42 -14.41 2.11
CA PRO A 50 -2.97 -15.00 3.32
C PRO A 50 -3.43 -16.44 3.11
N ASP A 51 -4.25 -16.64 2.08
CA ASP A 51 -4.76 -17.97 1.75
C ASP A 51 -3.62 -18.94 1.46
N LYS A 52 -2.69 -18.51 0.62
CA LYS A 52 -1.54 -19.33 0.24
C LYS A 52 -0.69 -19.65 1.46
N HIS A 53 -0.46 -18.64 2.29
CA HIS A 53 0.35 -18.81 3.50
C HIS A 53 -0.48 -18.51 4.75
N PRO A 54 -1.35 -19.47 5.12
CA PRO A 54 -2.21 -19.34 6.30
C PRO A 54 -1.43 -19.40 7.61
N GLU A 55 -0.23 -20.00 7.55
CA GLU A 55 0.61 -20.13 8.72
C GLU A 55 1.16 -18.78 9.16
N ASN A 56 0.97 -17.77 8.30
CA ASN A 56 1.44 -16.42 8.60
C ASN A 56 0.27 -15.46 8.78
N PRO A 57 0.22 -14.80 9.94
CA PRO A 57 -0.83 -13.84 10.26
C PRO A 57 -0.75 -12.56 9.43
N LYS A 58 0.45 -12.01 9.34
CA LYS A 58 0.68 -10.79 8.57
C LYS A 58 0.26 -10.98 7.11
N ALA A 59 0.24 -12.23 6.67
CA ALA A 59 -0.15 -12.55 5.30
C ALA A 59 -1.48 -11.88 4.94
N VAL A 60 -2.31 -11.67 5.95
CA VAL A 60 -3.62 -11.04 5.73
C VAL A 60 -3.49 -9.52 5.67
N GLU A 61 -2.82 -8.95 6.68
CA GLU A 61 -2.63 -7.51 6.75
C GLU A 61 -1.90 -6.99 5.51
N THR A 62 -0.92 -7.76 5.05
CA THR A 62 -0.14 -7.39 3.88
C THR A 62 -1.02 -7.30 2.64
N PHE A 63 -1.97 -8.22 2.53
CA PHE A 63 -2.89 -8.24 1.40
C PHE A 63 -3.92 -7.13 1.50
N GLN A 64 -4.28 -6.78 2.73
CA GLN A 64 -5.26 -5.73 2.97
C GLN A 64 -4.73 -4.37 2.53
N LYS A 65 -3.41 -4.20 2.63
CA LYS A 65 -2.78 -2.95 2.25
C LYS A 65 -2.31 -3.00 0.80
N LEU A 66 -2.17 -4.21 0.27
CA LEU A 66 -1.75 -4.40 -1.11
C LEU A 66 -2.91 -4.27 -2.07
N GLN A 67 -4.09 -4.70 -1.64
CA GLN A 67 -5.30 -4.62 -2.45
C GLN A 67 -5.89 -3.23 -2.43
N LYS A 68 -5.59 -2.48 -1.37
CA LYS A 68 -6.10 -1.12 -1.22
C LYS A 68 -5.36 -0.16 -2.15
N ALA A 69 -4.08 0.04 -1.90
CA ALA A 69 -3.26 0.94 -2.71
C ALA A 69 -3.57 0.75 -4.19
N LYS A 70 -3.81 -0.49 -4.59
CA LYS A 70 -4.11 -0.80 -5.99
C LYS A 70 -5.36 -0.05 -6.45
N GLU A 71 -6.49 -0.36 -5.83
CA GLU A 71 -7.76 0.29 -6.18
C GLU A 71 -7.60 1.80 -6.21
N ILE A 72 -6.82 2.33 -5.26
CA ILE A 72 -6.59 3.77 -5.18
C ILE A 72 -5.89 4.28 -6.44
N LEU A 73 -4.81 3.61 -6.82
CA LEU A 73 -4.05 3.98 -8.00
C LEU A 73 -4.79 3.63 -9.28
N THR A 74 -5.04 2.34 -9.47
CA THR A 74 -5.76 1.87 -10.66
C THR A 74 -6.85 2.84 -11.06
N ASN A 75 -7.57 3.37 -10.07
CA ASN A 75 -8.65 4.32 -10.33
C ASN A 75 -8.11 5.73 -10.51
N GLU A 76 -8.46 6.36 -11.61
CA GLU A 76 -8.01 7.71 -11.91
C GLU A 76 -8.66 8.72 -10.96
N GLU A 77 -9.92 8.49 -10.63
CA GLU A 77 -10.65 9.38 -9.73
C GLU A 77 -10.00 9.40 -8.34
N SER A 78 -9.76 8.22 -7.78
CA SER A 78 -9.15 8.11 -6.47
C SER A 78 -7.67 8.48 -6.52
N ARG A 79 -7.00 8.05 -7.60
CA ARG A 79 -5.58 8.34 -7.77
C ARG A 79 -5.33 9.85 -7.80
N ALA A 80 -6.03 10.53 -8.70
CA ALA A 80 -5.88 11.98 -8.83
C ALA A 80 -6.06 12.68 -7.49
N ARG A 81 -7.14 12.36 -6.80
CA ARG A 81 -7.42 12.96 -5.50
C ARG A 81 -6.29 12.69 -4.52
N TYR A 82 -5.88 11.42 -4.43
CA TYR A 82 -4.81 11.03 -3.52
C TYR A 82 -3.63 11.99 -3.62
N ASP A 83 -3.05 12.08 -4.82
CA ASP A 83 -1.92 12.96 -5.06
C ASP A 83 -2.14 14.32 -4.42
N HIS A 84 -3.29 14.92 -4.72
CA HIS A 84 -3.63 16.24 -4.17
C HIS A 84 -3.25 16.32 -2.69
N TRP A 85 -3.63 15.29 -1.94
CA TRP A 85 -3.33 15.25 -0.51
C TRP A 85 -1.86 14.94 -0.26
N ARG A 86 -1.22 14.30 -1.24
CA ARG A 86 0.19 13.95 -1.13
C ARG A 86 1.06 15.21 -1.05
N ARG A 87 0.66 16.25 -1.78
CA ARG A 87 1.41 17.50 -1.80
C ARG A 87 0.97 18.40 -0.65
N SER A 88 -0.15 18.05 -0.03
CA SER A 88 -0.66 18.83 1.09
C SER A 88 0.03 18.46 2.40
N GLN A 89 0.69 17.30 2.40
CA GLN A 89 1.39 16.82 3.58
C GLN A 89 0.59 17.10 4.85
N MET A 90 -0.71 16.82 4.79
CA MET A 90 -1.59 17.04 5.93
C MET A 90 -1.27 16.07 7.07
N SER A 91 -1.45 16.52 8.30
CA SER A 91 -1.19 15.70 9.47
C SER A 91 -1.82 14.31 9.31
N MET A 92 -3.12 14.29 9.09
CA MET A 92 -3.85 13.03 8.93
C MET A 92 -3.55 12.42 7.57
N PRO A 93 -3.71 11.08 7.47
CA PRO A 93 -3.47 10.34 6.23
C PRO A 93 -4.51 10.64 5.16
N PHE A 94 -4.17 10.37 3.91
CA PHE A 94 -5.09 10.61 2.80
C PHE A 94 -6.40 9.89 3.02
N GLN A 95 -6.32 8.63 3.44
CA GLN A 95 -7.52 7.83 3.69
C GLN A 95 -8.52 8.58 4.56
N GLN A 96 -8.01 9.56 5.31
CA GLN A 96 -8.86 10.36 6.20
C GLN A 96 -9.53 11.49 5.43
N TRP A 97 -8.74 12.19 4.61
CA TRP A 97 -9.26 13.29 3.82
C TRP A 97 -10.52 12.89 3.07
N GLU A 98 -10.55 11.64 2.61
CA GLU A 98 -11.71 11.13 1.88
C GLU A 98 -12.83 10.75 2.83
N ALA A 99 -12.46 10.21 3.99
CA ALA A 99 -13.44 9.80 4.99
C ALA A 99 -14.46 10.90 5.25
N LEU A 100 -14.01 12.15 5.18
CA LEU A 100 -14.89 13.30 5.41
C LEU A 100 -15.85 13.47 4.25
N ASN A 101 -15.37 13.22 3.03
CA ASN A 101 -16.19 13.35 1.83
C ASN A 101 -17.31 12.31 1.83
N ASP A 102 -17.05 11.16 2.43
CA ASP A 102 -18.04 10.09 2.49
C ASP A 102 -18.57 9.93 3.91
N SER A 103 -19.30 10.93 4.38
CA SER A 103 -19.87 10.90 5.72
C SER A 103 -20.85 9.74 5.87
N VAL A 104 -21.32 9.22 4.75
CA VAL A 104 -22.27 8.11 4.76
C VAL A 104 -21.70 6.92 5.54
N LYS A 105 -20.55 6.42 5.10
CA LYS A 105 -19.90 5.29 5.77
C LYS A 105 -20.86 4.12 5.88
N THR A 106 -21.52 3.78 4.78
CA THR A 106 -22.47 2.67 4.77
C THR A 106 -21.75 1.35 4.55
N SER A 107 -20.47 1.30 4.92
CA SER A 107 -19.67 0.09 4.77
C SER A 107 -18.33 0.23 5.46
N GLY A 108 -17.58 -0.86 5.54
CA GLY A 108 -16.28 -0.84 6.17
C GLY A 108 -15.35 -1.92 5.65
N PRO A 109 -15.33 -3.07 6.32
CA PRO A 109 -14.48 -4.21 5.93
C PRO A 109 -14.95 -4.85 4.63
N SER A 110 -14.00 -5.16 3.75
CA SER A 110 -14.31 -5.79 2.48
C SER A 110 -14.63 -7.27 2.65
N SER A 111 -15.38 -7.82 1.70
CA SER A 111 -15.76 -9.23 1.76
C SER A 111 -15.10 -10.02 0.64
N GLY A 112 -15.07 -11.34 0.78
CA GLY A 112 -14.45 -12.18 -0.23
C GLY A 112 -13.30 -13.01 0.33
N GLY A 1 52.33 -20.89 14.01
CA GLY A 1 51.17 -20.63 13.20
C GLY A 1 51.40 -19.54 12.18
N SER A 2 50.60 -19.52 11.12
CA SER A 2 50.72 -18.52 10.08
C SER A 2 49.44 -17.68 9.97
N SER A 3 49.61 -16.37 10.00
CA SER A 3 48.48 -15.45 9.91
C SER A 3 48.86 -14.19 9.16
N GLY A 4 47.91 -13.65 8.38
CA GLY A 4 48.16 -12.44 7.62
C GLY A 4 47.55 -12.49 6.23
N SER A 5 46.38 -11.87 6.09
CA SER A 5 45.68 -11.85 4.82
C SER A 5 44.80 -10.60 4.70
N SER A 6 44.47 -10.23 3.46
CA SER A 6 43.64 -9.06 3.22
C SER A 6 43.13 -9.06 1.77
N GLY A 7 41.87 -8.65 1.60
CA GLY A 7 41.29 -8.60 0.27
C GLY A 7 40.51 -7.33 0.04
N MET A 8 39.71 -7.32 -1.02
CA MET A 8 38.89 -6.15 -1.37
C MET A 8 37.50 -6.26 -0.77
N ASP A 9 37.05 -5.19 -0.12
CA ASP A 9 35.74 -5.17 0.51
C ASP A 9 34.63 -5.10 -0.56
N ALA A 10 33.94 -6.20 -0.75
CA ALA A 10 32.86 -6.27 -1.74
C ALA A 10 31.52 -6.51 -1.06
N ILE A 11 31.29 -5.82 0.05
CA ILE A 11 30.03 -5.96 0.79
C ILE A 11 29.04 -4.87 0.40
N LEU A 12 27.80 -5.27 0.16
CA LEU A 12 26.75 -4.34 -0.23
C LEU A 12 26.20 -3.61 0.99
N ASN A 13 26.50 -2.32 1.09
CA ASN A 13 26.03 -1.52 2.22
C ASN A 13 24.76 -0.75 1.85
N TYR A 14 24.41 -0.79 0.56
CA TYR A 14 23.21 -0.11 0.08
C TYR A 14 21.95 -0.71 0.69
N ARG A 15 21.18 0.13 1.38
CA ARG A 15 19.95 -0.33 2.01
C ARG A 15 18.73 0.34 1.36
N SER A 16 17.55 0.02 1.88
CA SER A 16 16.31 0.58 1.36
C SER A 16 15.45 1.16 2.48
N GLU A 17 14.45 1.97 2.11
CA GLU A 17 13.57 2.57 3.09
C GLU A 17 12.14 2.62 2.57
N ASP A 18 11.17 2.55 3.48
CA ASP A 18 9.76 2.58 3.11
C ASP A 18 9.01 3.64 3.92
N THR A 19 8.40 4.58 3.21
CA THR A 19 7.66 5.66 3.86
C THR A 19 6.16 5.36 3.87
N GLU A 20 5.82 4.07 3.94
CA GLU A 20 4.43 3.65 3.96
C GLU A 20 3.63 4.33 2.85
N ASP A 21 4.29 4.55 1.72
CA ASP A 21 3.65 5.20 0.58
C ASP A 21 2.86 4.18 -0.24
N TYR A 22 1.69 4.59 -0.73
CA TYR A 22 0.84 3.73 -1.52
C TYR A 22 1.60 3.16 -2.72
N TYR A 23 2.60 3.91 -3.18
CA TYR A 23 3.41 3.49 -4.32
C TYR A 23 4.40 2.40 -3.91
N THR A 24 4.86 2.46 -2.66
CA THR A 24 5.81 1.49 -2.15
C THR A 24 5.17 0.12 -1.97
N LEU A 25 3.96 0.12 -1.42
CA LEU A 25 3.23 -1.14 -1.19
C LEU A 25 3.20 -1.98 -2.46
N LEU A 26 3.04 -1.33 -3.60
CA LEU A 26 3.00 -2.02 -4.88
C LEU A 26 4.33 -1.87 -5.63
N GLY A 27 5.31 -1.29 -4.96
CA GLY A 27 6.61 -1.09 -5.56
C GLY A 27 6.51 -0.54 -6.98
N CYS A 28 5.60 0.39 -7.18
CA CYS A 28 5.40 1.00 -8.50
C CYS A 28 5.84 2.46 -8.49
N ASP A 29 5.82 3.08 -9.66
CA ASP A 29 6.22 4.48 -9.80
C ASP A 29 5.19 5.25 -10.60
N GLU A 30 5.41 6.56 -10.74
CA GLU A 30 4.50 7.41 -11.49
C GLU A 30 4.63 7.17 -12.99
N LEU A 31 5.77 6.61 -13.39
CA LEU A 31 6.03 6.33 -14.80
C LEU A 31 5.29 5.07 -15.24
N SER A 32 4.94 4.22 -14.28
CA SER A 32 4.24 2.98 -14.57
C SER A 32 2.75 3.24 -14.82
N SER A 33 2.08 2.27 -15.44
CA SER A 33 0.66 2.41 -15.73
C SER A 33 -0.15 1.33 -15.01
N VAL A 34 -1.46 1.55 -14.90
CA VAL A 34 -2.33 0.60 -14.23
C VAL A 34 -2.08 -0.82 -14.72
N GLU A 35 -1.91 -0.97 -16.03
CA GLU A 35 -1.65 -2.29 -16.62
C GLU A 35 -0.53 -3.01 -15.87
N GLN A 36 0.59 -2.32 -15.70
CA GLN A 36 1.74 -2.89 -15.01
C GLN A 36 1.48 -2.99 -13.52
N ILE A 37 1.23 -1.85 -12.88
CA ILE A 37 0.96 -1.81 -11.45
C ILE A 37 0.11 -2.99 -11.02
N LEU A 38 -0.94 -3.28 -11.78
CA LEU A 38 -1.84 -4.39 -11.48
C LEU A 38 -1.04 -5.67 -11.27
N ALA A 39 -0.14 -5.98 -12.19
CA ALA A 39 0.68 -7.18 -12.11
C ALA A 39 1.52 -7.17 -10.83
N GLU A 40 2.26 -6.08 -10.62
CA GLU A 40 3.11 -5.95 -9.45
C GLU A 40 2.33 -6.25 -8.17
N PHE A 41 1.06 -5.85 -8.14
CA PHE A 41 0.20 -6.07 -6.98
C PHE A 41 -0.04 -7.57 -6.78
N LYS A 42 -0.52 -8.23 -7.82
CA LYS A 42 -0.80 -9.67 -7.75
C LYS A 42 0.40 -10.42 -7.20
N VAL A 43 1.56 -10.23 -7.82
CA VAL A 43 2.78 -10.90 -7.40
C VAL A 43 3.16 -10.49 -5.98
N ARG A 44 3.18 -9.18 -5.73
CA ARG A 44 3.53 -8.66 -4.41
C ARG A 44 2.61 -9.25 -3.33
N ALA A 45 1.36 -9.50 -3.71
CA ALA A 45 0.39 -10.05 -2.78
C ALA A 45 0.54 -11.57 -2.67
N LEU A 46 0.90 -12.21 -3.77
CA LEU A 46 1.09 -13.66 -3.79
C LEU A 46 2.21 -14.08 -2.85
N GLU A 47 3.35 -13.41 -2.96
CA GLU A 47 4.50 -13.70 -2.12
C GLU A 47 4.18 -13.47 -0.65
N CYS A 48 3.07 -12.78 -0.40
CA CYS A 48 2.65 -12.48 0.96
C CYS A 48 1.16 -12.75 1.15
N HIS A 49 0.68 -13.83 0.55
CA HIS A 49 -0.72 -14.21 0.64
C HIS A 49 -1.00 -14.95 1.94
N PRO A 50 -2.11 -14.58 2.61
CA PRO A 50 -2.50 -15.20 3.88
C PRO A 50 -2.97 -16.64 3.70
N ASP A 51 -3.89 -16.85 2.76
CA ASP A 51 -4.42 -18.18 2.49
C ASP A 51 -3.30 -19.22 2.47
N LYS A 52 -2.18 -18.86 1.86
CA LYS A 52 -1.04 -19.75 1.78
C LYS A 52 -0.33 -19.88 3.13
N HIS A 53 -0.26 -18.76 3.86
CA HIS A 53 0.37 -18.75 5.16
C HIS A 53 -0.65 -18.54 6.27
N PRO A 54 -1.32 -19.64 6.67
CA PRO A 54 -2.34 -19.60 7.73
C PRO A 54 -1.74 -19.32 9.10
N GLU A 55 -2.56 -18.75 10.00
CA GLU A 55 -2.10 -18.45 11.35
C GLU A 55 -1.08 -17.32 11.33
N ASN A 56 -1.15 -16.48 10.31
CA ASN A 56 -0.24 -15.35 10.18
C ASN A 56 -0.99 -14.08 9.79
N PRO A 57 -1.25 -13.21 10.78
CA PRO A 57 -1.96 -11.95 10.56
C PRO A 57 -1.14 -10.94 9.76
N LYS A 58 0.14 -10.87 10.08
CA LYS A 58 1.05 -9.95 9.38
C LYS A 58 0.82 -9.99 7.88
N ALA A 59 0.74 -11.20 7.33
CA ALA A 59 0.51 -11.37 5.90
C ALA A 59 -0.76 -10.66 5.45
N VAL A 60 -1.86 -10.94 6.13
CA VAL A 60 -3.15 -10.32 5.80
C VAL A 60 -3.02 -8.81 5.74
N GLU A 61 -2.57 -8.22 6.84
CA GLU A 61 -2.40 -6.77 6.92
C GLU A 61 -1.72 -6.23 5.66
N THR A 62 -0.55 -6.79 5.35
CA THR A 62 0.20 -6.36 4.18
C THR A 62 -0.65 -6.42 2.91
N PHE A 63 -1.54 -7.41 2.86
CA PHE A 63 -2.42 -7.58 1.70
C PHE A 63 -3.51 -6.51 1.70
N GLN A 64 -4.20 -6.37 2.82
CA GLN A 64 -5.27 -5.39 2.95
C GLN A 64 -4.88 -4.06 2.31
N LYS A 65 -3.60 -3.73 2.41
CA LYS A 65 -3.09 -2.48 1.83
C LYS A 65 -2.79 -2.66 0.35
N LEU A 66 -2.22 -3.80 -0.01
CA LEU A 66 -1.88 -4.09 -1.40
C LEU A 66 -3.10 -3.91 -2.31
N GLN A 67 -4.24 -4.42 -1.85
CA GLN A 67 -5.48 -4.30 -2.61
C GLN A 67 -6.04 -2.89 -2.56
N LYS A 68 -5.54 -2.10 -1.62
CA LYS A 68 -5.98 -0.71 -1.46
C LYS A 68 -5.25 0.21 -2.44
N ALA A 69 -3.95 0.39 -2.21
CA ALA A 69 -3.14 1.24 -3.08
C ALA A 69 -3.39 0.92 -4.55
N LYS A 70 -3.57 -0.36 -4.85
CA LYS A 70 -3.81 -0.79 -6.22
C LYS A 70 -5.07 -0.13 -6.79
N GLU A 71 -6.19 -0.34 -6.11
CA GLU A 71 -7.46 0.24 -6.55
C GLU A 71 -7.35 1.76 -6.70
N ILE A 72 -6.79 2.41 -5.69
CA ILE A 72 -6.63 3.85 -5.70
C ILE A 72 -5.82 4.29 -6.92
N LEU A 73 -4.70 3.63 -7.17
CA LEU A 73 -3.85 3.95 -8.30
C LEU A 73 -4.55 3.64 -9.62
N THR A 74 -4.85 2.38 -9.84
CA THR A 74 -5.53 1.95 -11.06
C THR A 74 -6.56 2.97 -11.50
N ASN A 75 -7.30 3.52 -10.54
CA ASN A 75 -8.33 4.52 -10.82
C ASN A 75 -7.72 5.91 -10.89
N GLU A 76 -8.00 6.62 -11.99
CA GLU A 76 -7.48 7.97 -12.17
C GLU A 76 -8.17 8.95 -11.23
N GLU A 77 -9.44 8.71 -10.95
CA GLU A 77 -10.21 9.57 -10.06
C GLU A 77 -9.63 9.56 -8.65
N SER A 78 -9.35 8.37 -8.15
CA SER A 78 -8.80 8.22 -6.81
C SER A 78 -7.29 8.48 -6.81
N ARG A 79 -6.63 8.09 -7.90
CA ARG A 79 -5.19 8.28 -8.03
C ARG A 79 -4.83 9.76 -7.97
N ALA A 80 -5.62 10.59 -8.64
CA ALA A 80 -5.38 12.03 -8.66
C ALA A 80 -5.60 12.64 -7.28
N ARG A 81 -6.76 12.34 -6.69
CA ARG A 81 -7.09 12.86 -5.37
C ARG A 81 -5.98 12.54 -4.35
N TYR A 82 -5.49 11.31 -4.40
CA TYR A 82 -4.43 10.87 -3.50
C TYR A 82 -3.20 11.76 -3.64
N ASP A 83 -3.02 12.33 -4.82
CA ASP A 83 -1.87 13.20 -5.09
C ASP A 83 -2.13 14.61 -4.56
N HIS A 84 -3.40 14.90 -4.25
CA HIS A 84 -3.78 16.21 -3.73
C HIS A 84 -3.65 16.26 -2.22
N TRP A 85 -3.65 15.08 -1.60
CA TRP A 85 -3.53 14.99 -0.14
C TRP A 85 -2.07 14.85 0.28
N ARG A 86 -1.29 14.12 -0.52
CA ARG A 86 0.13 13.93 -0.23
C ARG A 86 0.86 15.26 -0.14
N ARG A 87 0.43 16.22 -0.97
CA ARG A 87 1.05 17.54 -0.98
C ARG A 87 0.87 18.24 0.37
N SER A 88 -0.27 17.99 1.01
CA SER A 88 -0.57 18.59 2.29
C SER A 88 -0.02 17.75 3.44
N GLN A 89 0.30 16.49 3.13
CA GLN A 89 0.83 15.57 4.13
C GLN A 89 0.18 15.82 5.50
N MET A 90 -1.15 15.93 5.49
CA MET A 90 -1.89 16.15 6.72
C MET A 90 -1.47 15.18 7.81
N SER A 91 -1.84 15.48 9.05
CA SER A 91 -1.49 14.63 10.18
C SER A 91 -2.03 13.22 9.98
N MET A 92 -3.28 13.13 9.54
CA MET A 92 -3.91 11.84 9.31
C MET A 92 -3.62 11.33 7.90
N PRO A 93 -3.69 10.00 7.71
CA PRO A 93 -3.44 9.37 6.41
C PRO A 93 -4.54 9.66 5.40
N PHE A 94 -4.22 9.52 4.12
CA PHE A 94 -5.18 9.77 3.06
C PHE A 94 -6.45 8.97 3.27
N GLN A 95 -6.29 7.74 3.75
CA GLN A 95 -7.43 6.86 3.99
C GLN A 95 -8.56 7.61 4.69
N GLN A 96 -8.22 8.25 5.81
CA GLN A 96 -9.20 9.01 6.57
C GLN A 96 -9.80 10.15 5.73
N TRP A 97 -8.93 10.92 5.09
CA TRP A 97 -9.37 12.02 4.25
C TRP A 97 -10.55 11.61 3.39
N GLU A 98 -10.44 10.45 2.75
CA GLU A 98 -11.50 9.95 1.89
C GLU A 98 -12.81 9.79 2.67
N ALA A 99 -12.71 9.31 3.91
CA ALA A 99 -13.88 9.12 4.75
C ALA A 99 -14.58 10.44 5.01
N LEU A 100 -13.84 11.53 4.94
CA LEU A 100 -14.40 12.86 5.17
C LEU A 100 -15.08 13.38 3.92
N ASN A 101 -14.67 12.88 2.77
CA ASN A 101 -15.24 13.30 1.49
C ASN A 101 -16.46 12.46 1.14
N ASP A 102 -16.32 11.14 1.24
CA ASP A 102 -17.41 10.22 0.94
C ASP A 102 -18.56 10.40 1.93
N SER A 103 -19.78 10.27 1.44
CA SER A 103 -20.96 10.42 2.28
C SER A 103 -21.49 9.05 2.72
N VAL A 104 -22.05 9.00 3.93
CA VAL A 104 -22.59 7.76 4.47
C VAL A 104 -23.97 7.47 3.88
N LYS A 105 -23.98 6.90 2.68
CA LYS A 105 -25.22 6.55 2.00
C LYS A 105 -25.42 5.05 1.97
N THR A 106 -24.52 4.35 1.29
CA THR A 106 -24.60 2.90 1.17
C THR A 106 -24.47 2.23 2.54
N SER A 107 -25.32 1.24 2.77
CA SER A 107 -25.31 0.52 4.05
C SER A 107 -23.89 0.36 4.57
N GLY A 108 -23.06 -0.35 3.81
CA GLY A 108 -21.68 -0.56 4.22
C GLY A 108 -21.38 -2.02 4.49
N PRO A 109 -20.14 -2.44 4.19
CA PRO A 109 -19.69 -3.82 4.39
C PRO A 109 -19.56 -4.16 5.87
N SER A 110 -19.15 -5.40 6.15
CA SER A 110 -18.97 -5.86 7.52
C SER A 110 -17.55 -5.59 8.01
N SER A 111 -17.01 -4.43 7.64
CA SER A 111 -15.66 -4.07 8.04
C SER A 111 -15.54 -3.96 9.56
N GLY A 112 -16.42 -3.16 10.15
CA GLY A 112 -16.41 -2.98 11.59
C GLY A 112 -17.76 -2.60 12.15
N GLY A 1 6.04 -39.69 6.73
CA GLY A 1 7.26 -39.43 5.99
C GLY A 1 8.45 -39.23 6.90
N SER A 2 9.59 -38.89 6.30
CA SER A 2 10.82 -38.67 7.07
C SER A 2 11.85 -37.93 6.24
N SER A 3 12.69 -37.14 6.91
CA SER A 3 13.72 -36.37 6.22
C SER A 3 14.63 -35.66 7.22
N GLY A 4 15.72 -35.09 6.73
CA GLY A 4 16.65 -34.40 7.60
C GLY A 4 17.04 -33.04 7.06
N SER A 5 16.66 -31.98 7.79
CA SER A 5 16.97 -30.62 7.38
C SER A 5 17.77 -29.89 8.44
N SER A 6 18.32 -28.74 8.09
CA SER A 6 19.12 -27.94 9.01
C SER A 6 18.69 -26.48 8.99
N GLY A 7 19.26 -25.69 9.89
CA GLY A 7 18.92 -24.28 9.95
C GLY A 7 20.12 -23.38 9.76
N MET A 8 19.97 -22.37 8.92
CA MET A 8 21.06 -21.44 8.64
C MET A 8 20.61 -20.00 8.84
N ASP A 9 21.56 -19.11 9.09
CA ASP A 9 21.26 -17.70 9.29
C ASP A 9 20.71 -17.06 8.01
N ALA A 10 21.59 -16.80 7.06
CA ALA A 10 21.20 -16.20 5.79
C ALA A 10 20.47 -14.88 6.02
N ILE A 11 20.94 -14.10 6.99
CA ILE A 11 20.33 -12.82 7.31
C ILE A 11 21.10 -11.67 6.67
N LEU A 12 20.39 -10.75 6.04
CA LEU A 12 21.00 -9.60 5.40
C LEU A 12 20.73 -8.32 6.18
N ASN A 13 21.74 -7.87 6.92
CA ASN A 13 21.62 -6.66 7.73
C ASN A 13 21.50 -5.42 6.84
N TYR A 14 20.52 -4.58 7.13
CA TYR A 14 20.29 -3.37 6.35
C TYR A 14 19.23 -2.49 7.01
N ARG A 15 19.17 -1.23 6.59
CA ARG A 15 18.20 -0.29 7.14
C ARG A 15 17.41 0.39 6.02
N SER A 16 16.26 0.96 6.37
CA SER A 16 15.40 1.63 5.40
C SER A 16 14.30 2.42 6.10
N GLU A 17 14.37 3.75 5.98
CA GLU A 17 13.38 4.61 6.60
C GLU A 17 11.97 4.09 6.36
N ASP A 18 11.17 4.07 7.42
CA ASP A 18 9.79 3.59 7.33
C ASP A 18 8.95 4.50 6.44
N THR A 19 9.01 4.26 5.13
CA THR A 19 8.26 5.06 4.18
C THR A 19 6.91 4.43 3.87
N GLU A 20 5.84 5.17 4.16
CA GLU A 20 4.49 4.68 3.91
C GLU A 20 3.83 5.45 2.77
N ASP A 21 4.05 4.96 1.54
CA ASP A 21 3.49 5.60 0.35
C ASP A 21 2.75 4.58 -0.50
N TYR A 22 1.52 4.93 -0.90
CA TYR A 22 0.71 4.04 -1.72
C TYR A 22 1.50 3.51 -2.91
N TYR A 23 2.42 4.32 -3.41
CA TYR A 23 3.25 3.94 -4.54
C TYR A 23 4.31 2.93 -4.12
N THR A 24 4.80 3.07 -2.90
CA THR A 24 5.82 2.17 -2.38
C THR A 24 5.27 0.76 -2.22
N LEU A 25 4.03 0.66 -1.76
CA LEU A 25 3.40 -0.65 -1.57
C LEU A 25 3.49 -1.49 -2.83
N LEU A 26 3.15 -0.88 -3.96
CA LEU A 26 3.19 -1.58 -5.25
C LEU A 26 4.50 -1.28 -5.98
N GLY A 27 5.44 -0.67 -5.28
CA GLY A 27 6.73 -0.35 -5.89
C GLY A 27 6.58 0.26 -7.26
N CYS A 28 5.52 1.06 -7.45
CA CYS A 28 5.27 1.70 -8.73
C CYS A 28 5.57 3.20 -8.66
N ASP A 29 5.63 3.83 -9.82
CA ASP A 29 5.90 5.27 -9.90
C ASP A 29 4.82 5.99 -10.69
N GLU A 30 4.99 7.29 -10.87
CA GLU A 30 4.03 8.11 -11.60
C GLU A 30 4.03 7.73 -13.08
N LEU A 31 5.12 7.14 -13.54
CA LEU A 31 5.24 6.73 -14.93
C LEU A 31 4.81 5.28 -15.12
N SER A 32 4.09 4.75 -14.13
CA SER A 32 3.61 3.37 -14.19
C SER A 32 2.23 3.30 -14.85
N SER A 33 2.00 2.24 -15.60
CA SER A 33 0.73 2.04 -16.29
C SER A 33 -0.11 0.98 -15.59
N VAL A 34 -1.43 1.14 -15.64
CA VAL A 34 -2.34 0.20 -15.02
C VAL A 34 -1.84 -1.24 -15.17
N GLU A 35 -1.67 -1.67 -16.41
CA GLU A 35 -1.19 -3.02 -16.70
C GLU A 35 -0.05 -3.40 -15.76
N GLN A 36 0.98 -2.55 -15.72
CA GLN A 36 2.14 -2.80 -14.87
C GLN A 36 1.74 -2.83 -13.40
N ILE A 37 1.21 -1.71 -12.91
CA ILE A 37 0.79 -1.60 -11.52
C ILE A 37 0.15 -2.91 -11.04
N LEU A 38 -0.97 -3.28 -11.66
CA LEU A 38 -1.67 -4.51 -11.30
C LEU A 38 -0.68 -5.65 -11.05
N ALA A 39 0.14 -5.93 -12.06
CA ALA A 39 1.13 -6.99 -11.95
C ALA A 39 1.91 -6.89 -10.64
N GLU A 40 2.65 -5.80 -10.48
CA GLU A 40 3.45 -5.59 -9.28
C GLU A 40 2.64 -5.91 -8.04
N PHE A 41 1.33 -5.65 -8.09
CA PHE A 41 0.45 -5.91 -6.96
C PHE A 41 0.17 -7.41 -6.83
N LYS A 42 -0.15 -8.04 -7.95
CA LYS A 42 -0.44 -9.47 -7.96
C LYS A 42 0.73 -10.27 -7.41
N VAL A 43 1.95 -9.83 -7.72
CA VAL A 43 3.15 -10.51 -7.24
C VAL A 43 3.43 -10.17 -5.78
N ARG A 44 3.25 -8.89 -5.43
CA ARG A 44 3.49 -8.43 -4.07
C ARG A 44 2.49 -9.07 -3.11
N ALA A 45 1.26 -9.24 -3.57
CA ALA A 45 0.22 -9.84 -2.75
C ALA A 45 0.42 -11.34 -2.61
N LEU A 46 0.75 -11.99 -3.71
CA LEU A 46 0.97 -13.44 -3.72
C LEU A 46 2.06 -13.82 -2.73
N GLU A 47 3.20 -13.15 -2.81
CA GLU A 47 4.33 -13.42 -1.92
C GLU A 47 3.92 -13.20 -0.46
N CYS A 48 3.07 -12.20 -0.23
CA CYS A 48 2.62 -11.87 1.11
C CYS A 48 1.14 -12.22 1.28
N HIS A 49 0.69 -13.24 0.55
CA HIS A 49 -0.71 -13.66 0.61
C HIS A 49 -0.97 -14.46 1.90
N PRO A 50 -2.14 -14.22 2.51
CA PRO A 50 -2.54 -14.89 3.75
C PRO A 50 -2.84 -16.37 3.52
N ASP A 51 -3.61 -16.66 2.48
CA ASP A 51 -3.97 -18.04 2.17
C ASP A 51 -2.76 -18.97 2.31
N LYS A 52 -1.69 -18.66 1.59
CA LYS A 52 -0.47 -19.46 1.65
C LYS A 52 0.03 -19.59 3.08
N HIS A 53 -0.05 -18.48 3.83
CA HIS A 53 0.40 -18.48 5.22
C HIS A 53 -0.74 -18.06 6.15
N PRO A 54 -1.61 -19.03 6.48
CA PRO A 54 -2.76 -18.80 7.36
C PRO A 54 -2.33 -18.56 8.81
N GLU A 55 -3.28 -18.13 9.63
CA GLU A 55 -3.00 -17.86 11.04
C GLU A 55 -1.89 -16.83 11.19
N ASN A 56 -1.89 -15.83 10.31
CA ASN A 56 -0.89 -14.78 10.35
C ASN A 56 -1.51 -13.41 10.09
N PRO A 57 -1.38 -12.50 11.06
CA PRO A 57 -1.91 -11.15 10.96
C PRO A 57 -1.19 -10.30 9.92
N LYS A 58 0.15 -10.35 9.96
CA LYS A 58 0.97 -9.59 9.02
C LYS A 58 0.49 -9.80 7.59
N ALA A 59 0.72 -10.99 7.06
CA ALA A 59 0.30 -11.32 5.70
C ALA A 59 -1.04 -10.68 5.37
N VAL A 60 -2.05 -10.99 6.18
CA VAL A 60 -3.39 -10.45 5.97
C VAL A 60 -3.35 -8.92 5.87
N GLU A 61 -2.75 -8.29 6.87
CA GLU A 61 -2.65 -6.83 6.89
C GLU A 61 -2.01 -6.30 5.61
N THR A 62 -0.91 -6.93 5.20
CA THR A 62 -0.20 -6.53 4.00
C THR A 62 -1.06 -6.74 2.76
N PHE A 63 -1.94 -7.74 2.81
CA PHE A 63 -2.82 -8.04 1.69
C PHE A 63 -4.00 -7.06 1.64
N GLN A 64 -4.41 -6.58 2.81
CA GLN A 64 -5.51 -5.64 2.90
C GLN A 64 -5.11 -4.27 2.37
N LYS A 65 -3.88 -3.86 2.65
CA LYS A 65 -3.37 -2.58 2.20
C LYS A 65 -2.98 -2.64 0.73
N LEU A 66 -2.67 -3.84 0.26
CA LEU A 66 -2.28 -4.03 -1.15
C LEU A 66 -3.50 -3.99 -2.06
N GLN A 67 -4.56 -4.69 -1.66
CA GLN A 67 -5.79 -4.74 -2.45
C GLN A 67 -6.43 -3.36 -2.53
N LYS A 68 -6.11 -2.51 -1.56
CA LYS A 68 -6.66 -1.16 -1.52
C LYS A 68 -5.88 -0.23 -2.43
N ALA A 69 -4.66 0.12 -2.00
CA ALA A 69 -3.80 1.00 -2.77
C ALA A 69 -3.86 0.66 -4.26
N LYS A 70 -3.88 -0.64 -4.57
CA LYS A 70 -3.93 -1.10 -5.95
C LYS A 70 -5.03 -0.37 -6.73
N GLU A 71 -6.27 -0.50 -6.26
CA GLU A 71 -7.40 0.15 -6.90
C GLU A 71 -7.28 1.67 -6.82
N ILE A 72 -6.83 2.16 -5.67
CA ILE A 72 -6.67 3.59 -5.46
C ILE A 72 -5.85 4.22 -6.59
N LEU A 73 -5.06 3.40 -7.27
CA LEU A 73 -4.23 3.87 -8.37
C LEU A 73 -4.88 3.58 -9.71
N THR A 74 -5.23 2.31 -9.93
CA THR A 74 -5.86 1.90 -11.18
C THR A 74 -6.87 2.94 -11.65
N ASN A 75 -7.55 3.57 -10.69
CA ASN A 75 -8.55 4.59 -11.02
C ASN A 75 -7.89 5.95 -11.21
N GLU A 76 -8.62 6.88 -11.83
CA GLU A 76 -8.11 8.22 -12.07
C GLU A 76 -8.73 9.22 -11.10
N GLU A 77 -9.77 8.79 -10.40
CA GLU A 77 -10.45 9.64 -9.44
C GLU A 77 -9.72 9.65 -8.10
N SER A 78 -9.40 8.46 -7.60
CA SER A 78 -8.71 8.33 -6.32
C SER A 78 -7.20 8.49 -6.52
N ARG A 79 -6.70 8.04 -7.66
CA ARG A 79 -5.29 8.13 -7.97
C ARG A 79 -4.83 9.59 -8.05
N ALA A 80 -5.64 10.41 -8.70
CA ALA A 80 -5.33 11.82 -8.84
C ALA A 80 -5.55 12.58 -7.53
N ARG A 81 -6.72 12.38 -6.93
CA ARG A 81 -7.06 13.04 -5.68
C ARG A 81 -5.97 12.79 -4.63
N TYR A 82 -5.65 11.52 -4.40
CA TYR A 82 -4.65 11.15 -3.42
C TYR A 82 -3.45 12.09 -3.50
N ASP A 83 -3.10 12.51 -4.71
CA ASP A 83 -1.97 13.41 -4.92
C ASP A 83 -2.10 14.65 -4.03
N HIS A 84 -3.28 15.25 -4.03
CA HIS A 84 -3.53 16.44 -3.23
C HIS A 84 -3.16 16.20 -1.77
N TRP A 85 -3.31 14.96 -1.32
CA TRP A 85 -2.98 14.60 0.06
C TRP A 85 -1.47 14.55 0.27
N ARG A 86 -0.76 14.03 -0.73
CA ARG A 86 0.69 13.92 -0.65
C ARG A 86 1.32 15.25 -0.27
N ARG A 87 1.14 16.25 -1.13
CA ARG A 87 1.68 17.57 -0.89
C ARG A 87 1.21 18.12 0.45
N SER A 88 -0.05 17.85 0.79
CA SER A 88 -0.62 18.32 2.04
C SER A 88 0.15 17.76 3.24
N GLN A 89 0.59 16.51 3.11
CA GLN A 89 1.33 15.85 4.18
C GLN A 89 0.54 15.88 5.49
N MET A 90 -0.73 15.52 5.41
CA MET A 90 -1.59 15.50 6.58
C MET A 90 -1.13 14.44 7.59
N SER A 91 -1.37 14.70 8.87
CA SER A 91 -0.97 13.77 9.92
C SER A 91 -1.56 12.38 9.67
N MET A 92 -2.85 12.33 9.38
CA MET A 92 -3.53 11.06 9.12
C MET A 92 -3.33 10.63 7.68
N PRO A 93 -3.44 9.32 7.43
CA PRO A 93 -3.27 8.75 6.08
C PRO A 93 -4.43 9.11 5.16
N PHE A 94 -4.17 9.10 3.86
CA PHE A 94 -5.19 9.42 2.87
C PHE A 94 -6.46 8.61 3.11
N GLN A 95 -6.30 7.29 3.20
CA GLN A 95 -7.44 6.40 3.42
C GLN A 95 -8.44 7.03 4.38
N GLN A 96 -7.94 7.84 5.32
CA GLN A 96 -8.79 8.50 6.30
C GLN A 96 -9.37 9.79 5.72
N TRP A 97 -8.51 10.63 5.16
CA TRP A 97 -8.95 11.89 4.58
C TRP A 97 -10.09 11.67 3.60
N GLU A 98 -9.92 10.72 2.70
CA GLU A 98 -10.95 10.41 1.70
C GLU A 98 -12.26 10.02 2.38
N ALA A 99 -12.16 9.17 3.38
CA ALA A 99 -13.34 8.71 4.12
C ALA A 99 -14.23 9.89 4.52
N LEU A 100 -13.66 10.82 5.29
CA LEU A 100 -14.40 11.98 5.74
C LEU A 100 -15.32 12.50 4.64
N ASN A 101 -14.74 12.81 3.48
CA ASN A 101 -15.50 13.31 2.35
C ASN A 101 -16.58 12.31 1.94
N ASP A 102 -16.18 11.05 1.78
CA ASP A 102 -17.12 10.01 1.38
C ASP A 102 -18.41 10.09 2.20
N SER A 103 -19.42 9.34 1.78
CA SER A 103 -20.70 9.33 2.46
C SER A 103 -20.92 8.01 3.21
N VAL A 104 -21.88 8.01 4.12
CA VAL A 104 -22.18 6.82 4.91
C VAL A 104 -21.07 6.51 5.90
N LYS A 105 -20.50 7.55 6.49
CA LYS A 105 -19.43 7.40 7.46
C LYS A 105 -19.82 6.40 8.56
N THR A 106 -19.53 5.13 8.33
CA THR A 106 -19.86 4.08 9.30
C THR A 106 -18.65 3.73 10.14
N SER A 107 -18.89 3.08 11.28
CA SER A 107 -17.82 2.68 12.18
C SER A 107 -18.17 1.38 12.90
N GLY A 108 -17.15 0.71 13.42
CA GLY A 108 -17.36 -0.55 14.12
C GLY A 108 -16.50 -0.66 15.37
N PRO A 109 -15.22 -0.98 15.18
CA PRO A 109 -14.27 -1.14 16.29
C PRO A 109 -13.93 0.18 16.95
N SER A 110 -13.19 0.13 18.05
CA SER A 110 -12.81 1.32 18.79
C SER A 110 -11.33 1.66 18.54
N SER A 111 -11.07 2.92 18.19
CA SER A 111 -9.71 3.37 17.92
C SER A 111 -9.41 4.64 18.71
N GLY A 112 -8.15 5.07 18.65
CA GLY A 112 -7.73 6.27 19.36
C GLY A 112 -6.35 6.74 18.97
N GLY A 1 40.81 -27.97 -18.85
CA GLY A 1 39.75 -26.98 -18.72
C GLY A 1 39.25 -26.85 -17.30
N SER A 2 38.73 -25.68 -16.95
CA SER A 2 38.22 -25.43 -15.61
C SER A 2 37.52 -24.08 -15.53
N SER A 3 36.79 -23.86 -14.45
CA SER A 3 36.07 -22.60 -14.26
C SER A 3 36.31 -22.04 -12.87
N GLY A 4 36.41 -20.72 -12.77
CA GLY A 4 36.64 -20.08 -11.48
C GLY A 4 35.37 -19.98 -10.65
N SER A 5 34.96 -18.75 -10.36
CA SER A 5 33.76 -18.52 -9.56
C SER A 5 33.41 -17.03 -9.52
N SER A 6 32.15 -16.73 -9.27
CA SER A 6 31.69 -15.34 -9.20
C SER A 6 32.02 -14.73 -7.85
N GLY A 7 32.18 -13.41 -7.82
CA GLY A 7 32.50 -12.72 -6.59
C GLY A 7 31.27 -12.45 -5.75
N MET A 8 31.00 -11.17 -5.51
CA MET A 8 29.84 -10.78 -4.71
C MET A 8 28.56 -10.78 -5.55
N ASP A 9 27.42 -10.91 -4.90
CA ASP A 9 26.14 -10.92 -5.58
C ASP A 9 25.00 -10.65 -4.62
N ALA A 10 23.83 -10.31 -5.16
CA ALA A 10 22.66 -10.03 -4.33
C ALA A 10 22.94 -8.91 -3.34
N ILE A 11 23.72 -7.93 -3.77
CA ILE A 11 24.07 -6.79 -2.92
C ILE A 11 22.93 -5.79 -2.86
N LEU A 12 22.33 -5.65 -1.68
CA LEU A 12 21.23 -4.72 -1.48
C LEU A 12 21.30 -4.07 -0.11
N ASN A 13 21.30 -2.74 -0.09
CA ASN A 13 21.36 -1.99 1.16
C ASN A 13 20.21 -1.00 1.27
N TYR A 14 18.99 -1.54 1.34
CA TYR A 14 17.80 -0.71 1.45
C TYR A 14 17.34 -0.60 2.89
N ARG A 15 18.14 -1.14 3.81
CA ARG A 15 17.82 -1.10 5.23
C ARG A 15 18.30 0.20 5.86
N SER A 16 17.58 1.28 5.60
CA SER A 16 17.94 2.59 6.15
C SER A 16 16.86 3.10 7.10
N GLU A 17 15.71 3.46 6.55
CA GLU A 17 14.60 3.96 7.36
C GLU A 17 13.29 3.30 6.95
N ASP A 18 12.25 3.52 7.75
CA ASP A 18 10.94 2.94 7.46
C ASP A 18 9.98 4.02 6.97
N THR A 19 9.38 3.78 5.80
CA THR A 19 8.44 4.73 5.22
C THR A 19 7.14 4.04 4.82
N GLU A 20 6.02 4.72 5.03
CA GLU A 20 4.71 4.17 4.69
C GLU A 20 4.04 5.01 3.60
N ASP A 21 4.16 4.55 2.36
CA ASP A 21 3.56 5.25 1.23
C ASP A 21 2.82 4.28 0.32
N TYR A 22 1.71 4.74 -0.24
CA TYR A 22 0.91 3.90 -1.13
C TYR A 22 1.73 3.40 -2.31
N TYR A 23 2.50 4.30 -2.90
CA TYR A 23 3.34 3.96 -4.04
C TYR A 23 4.34 2.87 -3.67
N THR A 24 4.70 2.82 -2.39
CA THR A 24 5.65 1.83 -1.89
C THR A 24 5.03 0.45 -1.86
N LEU A 25 3.80 0.37 -1.37
CA LEU A 25 3.09 -0.90 -1.27
C LEU A 25 3.24 -1.71 -2.56
N LEU A 26 2.94 -1.06 -3.68
CA LEU A 26 3.05 -1.72 -4.98
C LEU A 26 4.37 -1.38 -5.66
N GLY A 27 5.26 -0.73 -4.92
CA GLY A 27 6.54 -0.36 -5.47
C GLY A 27 6.45 0.20 -6.88
N CYS A 28 5.47 1.08 -7.10
CA CYS A 28 5.26 1.68 -8.41
C CYS A 28 5.37 3.19 -8.33
N ASP A 29 5.23 3.85 -9.48
CA ASP A 29 5.31 5.30 -9.55
C ASP A 29 4.35 5.86 -10.58
N GLU A 30 4.08 7.16 -10.51
CA GLU A 30 3.17 7.81 -11.44
C GLU A 30 3.47 7.39 -12.88
N LEU A 31 4.76 7.19 -13.18
CA LEU A 31 5.18 6.79 -14.51
C LEU A 31 4.58 5.43 -14.88
N SER A 32 4.44 4.56 -13.88
CA SER A 32 3.90 3.22 -14.11
C SER A 32 2.40 3.30 -14.42
N SER A 33 1.97 2.50 -15.38
CA SER A 33 0.57 2.47 -15.79
C SER A 33 -0.20 1.42 -15.00
N VAL A 34 -1.52 1.58 -14.95
CA VAL A 34 -2.38 0.65 -14.22
C VAL A 34 -2.08 -0.79 -14.62
N GLU A 35 -1.63 -0.99 -15.86
CA GLU A 35 -1.31 -2.31 -16.35
C GLU A 35 -0.11 -2.89 -15.61
N GLN A 36 0.95 -2.09 -15.49
CA GLN A 36 2.17 -2.52 -14.82
C GLN A 36 1.93 -2.68 -13.31
N ILE A 37 1.30 -1.67 -12.72
CA ILE A 37 1.01 -1.70 -11.29
C ILE A 37 0.30 -2.99 -10.90
N LEU A 38 -0.63 -3.43 -11.73
CA LEU A 38 -1.39 -4.66 -11.48
C LEU A 38 -0.45 -5.84 -11.32
N ALA A 39 0.57 -5.92 -12.17
CA ALA A 39 1.53 -7.00 -12.13
C ALA A 39 2.18 -7.09 -10.75
N GLU A 40 2.90 -6.04 -10.37
CA GLU A 40 3.58 -6.01 -9.08
C GLU A 40 2.62 -6.36 -7.95
N PHE A 41 1.38 -5.91 -8.08
CA PHE A 41 0.36 -6.18 -7.07
C PHE A 41 0.04 -7.67 -7.00
N LYS A 42 -0.26 -8.26 -8.15
CA LYS A 42 -0.58 -9.68 -8.22
C LYS A 42 0.51 -10.51 -7.55
N VAL A 43 1.75 -10.30 -7.97
CA VAL A 43 2.88 -11.04 -7.41
C VAL A 43 3.09 -10.68 -5.95
N ARG A 44 3.22 -9.38 -5.67
CA ARG A 44 3.43 -8.90 -4.31
C ARG A 44 2.44 -9.56 -3.35
N ALA A 45 1.17 -9.58 -3.73
CA ALA A 45 0.14 -10.17 -2.90
C ALA A 45 0.24 -11.70 -2.90
N LEU A 46 0.77 -12.25 -3.98
CA LEU A 46 0.92 -13.70 -4.10
C LEU A 46 2.00 -14.21 -3.14
N GLU A 47 3.22 -13.73 -3.34
CA GLU A 47 4.34 -14.14 -2.49
C GLU A 47 4.06 -13.83 -1.02
N CYS A 48 3.12 -12.92 -0.79
CA CYS A 48 2.75 -12.53 0.57
C CYS A 48 1.26 -12.78 0.82
N HIS A 49 0.75 -13.89 0.27
CA HIS A 49 -0.65 -14.23 0.44
C HIS A 49 -0.90 -14.89 1.79
N PRO A 50 -2.02 -14.54 2.43
CA PRO A 50 -2.40 -15.09 3.74
C PRO A 50 -2.77 -16.57 3.66
N ASP A 51 -3.44 -16.95 2.58
CA ASP A 51 -3.85 -18.34 2.40
C ASP A 51 -2.65 -19.27 2.44
N LYS A 52 -1.59 -18.89 1.74
CA LYS A 52 -0.37 -19.70 1.69
C LYS A 52 0.22 -19.86 3.08
N HIS A 53 0.28 -18.75 3.83
CA HIS A 53 0.83 -18.77 5.18
C HIS A 53 -0.27 -18.53 6.22
N PRO A 54 -1.00 -19.61 6.56
CA PRO A 54 -2.09 -19.54 7.53
C PRO A 54 -1.58 -19.31 8.95
N GLU A 55 -2.51 -19.05 9.87
CA GLU A 55 -2.15 -18.81 11.26
C GLU A 55 -1.19 -17.62 11.39
N ASN A 56 -1.25 -16.71 10.42
CA ASN A 56 -0.39 -15.54 10.42
C ASN A 56 -1.13 -14.31 9.91
N PRO A 57 -1.50 -13.42 10.84
CA PRO A 57 -2.23 -12.18 10.52
C PRO A 57 -1.36 -11.19 9.76
N LYS A 58 -0.09 -11.07 10.18
CA LYS A 58 0.83 -10.16 9.53
C LYS A 58 0.66 -10.17 8.02
N ALA A 59 0.49 -11.36 7.46
CA ALA A 59 0.30 -11.52 6.02
C ALA A 59 -0.94 -10.77 5.54
N VAL A 60 -2.09 -11.11 6.13
CA VAL A 60 -3.35 -10.48 5.77
C VAL A 60 -3.19 -8.96 5.68
N GLU A 61 -2.42 -8.39 6.59
CA GLU A 61 -2.19 -6.95 6.61
C GLU A 61 -1.44 -6.50 5.36
N THR A 62 -0.46 -7.30 4.94
CA THR A 62 0.33 -6.98 3.75
C THR A 62 -0.50 -7.11 2.48
N PHE A 63 -1.55 -7.92 2.55
CA PHE A 63 -2.43 -8.14 1.41
C PHE A 63 -3.55 -7.10 1.39
N GLN A 64 -3.99 -6.68 2.57
CA GLN A 64 -5.05 -5.69 2.69
C GLN A 64 -4.59 -4.33 2.20
N LYS A 65 -3.31 -4.04 2.41
CA LYS A 65 -2.73 -2.77 1.99
C LYS A 65 -2.41 -2.78 0.50
N LEU A 66 -2.06 -3.95 -0.02
CA LEU A 66 -1.72 -4.10 -1.43
C LEU A 66 -2.96 -3.87 -2.31
N GLN A 67 -4.08 -4.40 -1.87
CA GLN A 67 -5.33 -4.26 -2.62
C GLN A 67 -5.79 -2.81 -2.64
N LYS A 68 -5.45 -2.07 -1.58
CA LYS A 68 -5.82 -0.67 -1.47
C LYS A 68 -5.11 0.16 -2.53
N ALA A 69 -3.81 0.41 -2.32
CA ALA A 69 -3.01 1.19 -3.25
C ALA A 69 -3.36 0.83 -4.70
N LYS A 70 -3.62 -0.44 -4.94
CA LYS A 70 -3.96 -0.92 -6.27
C LYS A 70 -5.21 -0.21 -6.80
N GLU A 71 -6.30 -0.33 -6.06
CA GLU A 71 -7.56 0.29 -6.45
C GLU A 71 -7.43 1.81 -6.46
N ILE A 72 -6.86 2.36 -5.39
CA ILE A 72 -6.67 3.80 -5.27
C ILE A 72 -5.92 4.36 -6.47
N LEU A 73 -4.89 3.64 -6.91
CA LEU A 73 -4.08 4.06 -8.04
C LEU A 73 -4.79 3.74 -9.36
N THR A 74 -5.00 2.46 -9.61
CA THR A 74 -5.67 2.02 -10.83
C THR A 74 -6.74 3.02 -11.26
N ASN A 75 -7.54 3.47 -10.30
CA ASN A 75 -8.61 4.42 -10.57
C ASN A 75 -8.05 5.85 -10.66
N GLU A 76 -8.36 6.54 -11.75
CA GLU A 76 -7.90 7.91 -11.95
C GLU A 76 -8.50 8.83 -10.89
N GLU A 77 -9.79 8.66 -10.62
CA GLU A 77 -10.47 9.50 -9.64
C GLU A 77 -9.79 9.40 -8.28
N SER A 78 -9.56 8.17 -7.82
CA SER A 78 -8.92 7.95 -6.53
C SER A 78 -7.48 8.47 -6.54
N ARG A 79 -6.70 8.01 -7.50
CA ARG A 79 -5.31 8.44 -7.62
C ARG A 79 -5.20 9.96 -7.61
N ALA A 80 -5.92 10.61 -8.52
CA ALA A 80 -5.90 12.05 -8.62
C ALA A 80 -6.12 12.70 -7.25
N ARG A 81 -7.20 12.30 -6.59
CA ARG A 81 -7.52 12.84 -5.27
C ARG A 81 -6.36 12.66 -4.30
N TYR A 82 -5.84 11.44 -4.24
CA TYR A 82 -4.72 11.12 -3.36
C TYR A 82 -3.53 12.04 -3.64
N ASP A 83 -3.13 12.11 -4.90
CA ASP A 83 -2.01 12.94 -5.30
C ASP A 83 -2.14 14.34 -4.70
N HIS A 84 -3.35 14.86 -4.68
CA HIS A 84 -3.61 16.19 -4.14
C HIS A 84 -3.45 16.20 -2.62
N TRP A 85 -3.69 15.05 -2.00
CA TRP A 85 -3.57 14.94 -0.55
C TRP A 85 -2.11 14.84 -0.13
N ARG A 86 -1.41 13.83 -0.64
CA ARG A 86 -0.01 13.62 -0.32
C ARG A 86 0.78 14.92 -0.50
N ARG A 87 0.35 15.74 -1.45
CA ARG A 87 1.02 17.01 -1.73
C ARG A 87 0.94 17.94 -0.52
N SER A 88 -0.20 17.93 0.15
CA SER A 88 -0.41 18.77 1.32
C SER A 88 0.21 18.14 2.57
N GLN A 89 0.46 16.84 2.50
CA GLN A 89 1.06 16.11 3.61
C GLN A 89 0.31 16.41 4.91
N MET A 90 -1.02 16.23 4.88
CA MET A 90 -1.84 16.48 6.06
C MET A 90 -1.38 15.64 7.23
N SER A 91 -1.68 16.11 8.44
CA SER A 91 -1.29 15.39 9.65
C SER A 91 -1.87 13.99 9.67
N MET A 92 -3.12 13.87 9.20
CA MET A 92 -3.79 12.57 9.16
C MET A 92 -3.56 11.88 7.82
N PRO A 93 -3.66 10.54 7.82
CA PRO A 93 -3.46 9.73 6.62
C PRO A 93 -4.58 9.91 5.60
N PHE A 94 -4.37 9.44 4.38
CA PHE A 94 -5.36 9.55 3.32
C PHE A 94 -6.62 8.78 3.68
N GLN A 95 -6.45 7.55 4.15
CA GLN A 95 -7.57 6.71 4.52
C GLN A 95 -8.62 7.50 5.30
N GLN A 96 -8.16 8.56 5.97
CA GLN A 96 -9.06 9.41 6.76
C GLN A 96 -9.66 10.51 5.89
N TRP A 97 -8.80 11.25 5.21
CA TRP A 97 -9.25 12.34 4.35
C TRP A 97 -10.42 11.91 3.48
N GLU A 98 -10.33 10.70 2.92
CA GLU A 98 -11.39 10.16 2.08
C GLU A 98 -12.76 10.43 2.68
N ALA A 99 -12.98 9.93 3.89
CA ALA A 99 -14.25 10.12 4.58
C ALA A 99 -14.67 11.59 4.57
N LEU A 100 -13.75 12.47 4.97
CA LEU A 100 -14.04 13.90 5.00
C LEU A 100 -14.62 14.37 3.67
N ASN A 101 -14.16 13.77 2.58
CA ASN A 101 -14.64 14.12 1.25
C ASN A 101 -16.06 13.61 1.03
N ASP A 102 -16.23 12.30 1.14
CA ASP A 102 -17.54 11.68 0.94
C ASP A 102 -18.23 11.46 2.29
N SER A 103 -19.39 12.10 2.46
CA SER A 103 -20.15 11.98 3.70
C SER A 103 -21.07 10.75 3.66
N VAL A 104 -20.54 9.61 4.09
CA VAL A 104 -21.31 8.38 4.11
C VAL A 104 -21.98 8.16 5.46
N LYS A 105 -23.04 8.93 5.71
CA LYS A 105 -23.78 8.83 6.96
C LYS A 105 -24.38 7.44 7.13
N THR A 106 -24.58 6.75 6.01
CA THR A 106 -25.15 5.40 6.03
C THR A 106 -24.20 4.41 6.69
N SER A 107 -22.93 4.46 6.28
CA SER A 107 -21.92 3.57 6.83
C SER A 107 -22.48 2.16 7.03
N GLY A 108 -23.34 1.74 6.10
CA GLY A 108 -23.94 0.42 6.20
C GLY A 108 -24.89 0.30 7.38
N PRO A 109 -25.06 -0.94 7.86
CA PRO A 109 -25.96 -1.22 9.00
C PRO A 109 -25.42 -0.66 10.31
N SER A 110 -24.27 0.01 10.24
CA SER A 110 -23.65 0.59 11.42
C SER A 110 -23.54 -0.44 12.53
N SER A 111 -23.13 -1.65 12.18
CA SER A 111 -22.98 -2.73 13.15
C SER A 111 -21.98 -2.36 14.23
N GLY A 112 -22.10 -3.01 15.39
CA GLY A 112 -21.19 -2.72 16.49
C GLY A 112 -21.83 -1.87 17.56
N GLY A 1 -6.44 -6.47 37.65
CA GLY A 1 -6.76 -7.26 36.47
C GLY A 1 -5.63 -7.28 35.47
N SER A 2 -5.07 -8.46 35.24
CA SER A 2 -3.96 -8.61 34.30
C SER A 2 -3.77 -10.08 33.92
N SER A 3 -3.74 -10.34 32.62
CA SER A 3 -3.57 -11.69 32.11
C SER A 3 -3.25 -11.68 30.62
N GLY A 4 -2.09 -12.22 30.26
CA GLY A 4 -1.67 -12.26 28.87
C GLY A 4 -0.92 -13.53 28.53
N SER A 5 -0.63 -13.72 27.24
CA SER A 5 0.09 -14.90 26.78
C SER A 5 1.56 -14.81 27.14
N SER A 6 2.31 -15.85 26.80
CA SER A 6 3.75 -15.89 27.10
C SER A 6 4.55 -16.05 25.82
N GLY A 7 5.84 -15.72 25.89
CA GLY A 7 6.70 -15.82 24.73
C GLY A 7 7.83 -16.83 24.93
N MET A 8 8.80 -16.81 24.03
CA MET A 8 9.94 -17.72 24.12
C MET A 8 11.25 -16.96 24.06
N ASP A 9 11.46 -16.22 22.97
CA ASP A 9 12.68 -15.45 22.78
C ASP A 9 12.43 -14.25 21.87
N ALA A 10 12.63 -13.05 22.42
CA ALA A 10 12.43 -11.82 21.66
C ALA A 10 13.76 -11.17 21.31
N ILE A 11 14.76 -12.00 20.99
CA ILE A 11 16.08 -11.50 20.63
C ILE A 11 16.33 -11.63 19.14
N LEU A 12 16.56 -10.50 18.48
CA LEU A 12 16.81 -10.49 17.04
C LEU A 12 17.68 -9.30 16.65
N ASN A 13 18.31 -9.39 15.49
CA ASN A 13 19.17 -8.32 15.00
C ASN A 13 18.65 -7.76 13.68
N TYR A 14 17.34 -7.79 13.51
CA TYR A 14 16.71 -7.29 12.29
C TYR A 14 15.41 -6.56 12.59
N ARG A 15 15.26 -5.37 12.02
CA ARG A 15 14.06 -4.56 12.23
C ARG A 15 13.65 -3.86 10.94
N SER A 16 12.55 -4.31 10.35
CA SER A 16 12.04 -3.73 9.12
C SER A 16 11.05 -2.61 9.41
N GLU A 17 10.56 -1.96 8.36
CA GLU A 17 9.60 -0.87 8.51
C GLU A 17 8.71 -0.76 7.27
N ASP A 18 7.41 -0.91 7.47
CA ASP A 18 6.46 -0.82 6.36
C ASP A 18 6.06 0.62 6.10
N THR A 19 6.39 1.11 4.90
CA THR A 19 6.07 2.49 4.52
C THR A 19 4.65 2.58 3.95
N GLU A 20 3.79 3.33 4.64
CA GLU A 20 2.41 3.50 4.20
C GLU A 20 2.37 3.95 2.74
N ASP A 21 3.47 4.50 2.26
CA ASP A 21 3.55 4.98 0.88
C ASP A 21 2.78 4.05 -0.05
N TYR A 22 1.65 4.53 -0.56
CA TYR A 22 0.83 3.74 -1.47
C TYR A 22 1.64 3.23 -2.64
N TYR A 23 2.58 4.04 -3.11
CA TYR A 23 3.44 3.66 -4.23
C TYR A 23 4.42 2.57 -3.82
N THR A 24 4.74 2.52 -2.53
CA THR A 24 5.66 1.53 -2.01
C THR A 24 4.98 0.18 -1.83
N LEU A 25 3.72 0.21 -1.42
CA LEU A 25 2.95 -1.01 -1.21
C LEU A 25 3.05 -1.94 -2.42
N LEU A 26 2.93 -1.36 -3.61
CA LEU A 26 3.01 -2.13 -4.85
C LEU A 26 4.40 -2.04 -5.45
N GLY A 27 5.28 -1.30 -4.80
CA GLY A 27 6.64 -1.15 -5.29
C GLY A 27 6.70 -0.51 -6.66
N CYS A 28 5.68 0.27 -6.99
CA CYS A 28 5.62 0.94 -8.29
C CYS A 28 5.89 2.43 -8.14
N ASP A 29 5.80 3.15 -9.25
CA ASP A 29 6.04 4.59 -9.25
C ASP A 29 5.06 5.31 -10.17
N GLU A 30 5.19 6.63 -10.27
CA GLU A 30 4.32 7.43 -11.10
C GLU A 30 4.49 7.08 -12.58
N LEU A 31 5.72 6.68 -12.93
CA LEU A 31 6.02 6.31 -14.32
C LEU A 31 5.26 5.06 -14.73
N SER A 32 5.18 4.09 -13.82
CA SER A 32 4.48 2.84 -14.08
C SER A 32 2.99 3.09 -14.32
N SER A 33 2.44 2.41 -15.32
CA SER A 33 1.03 2.55 -15.66
C SER A 33 0.18 1.50 -14.96
N VAL A 34 -1.13 1.68 -14.99
CA VAL A 34 -2.05 0.75 -14.35
C VAL A 34 -1.82 -0.68 -14.85
N GLU A 35 -1.52 -0.80 -16.13
CA GLU A 35 -1.27 -2.10 -16.74
C GLU A 35 -0.18 -2.86 -15.99
N GLN A 36 0.84 -2.12 -15.54
CA GLN A 36 1.95 -2.71 -14.80
C GLN A 36 1.62 -2.83 -13.32
N ILE A 37 1.26 -1.71 -12.71
CA ILE A 37 0.91 -1.68 -11.30
C ILE A 37 0.13 -2.93 -10.90
N LEU A 38 -0.92 -3.23 -11.64
CA LEU A 38 -1.75 -4.40 -11.37
C LEU A 38 -0.89 -5.64 -11.17
N ALA A 39 -0.16 -6.03 -12.21
CA ALA A 39 0.70 -7.21 -12.14
C ALA A 39 1.50 -7.22 -10.85
N GLU A 40 2.33 -6.20 -10.65
CA GLU A 40 3.15 -6.10 -9.44
C GLU A 40 2.31 -6.34 -8.20
N PHE A 41 1.12 -5.75 -8.16
CA PHE A 41 0.22 -5.89 -7.02
C PHE A 41 -0.15 -7.36 -6.81
N LYS A 42 -0.44 -8.06 -7.91
CA LYS A 42 -0.81 -9.46 -7.85
C LYS A 42 0.31 -10.29 -7.24
N VAL A 43 1.50 -10.20 -7.83
CA VAL A 43 2.66 -10.94 -7.34
C VAL A 43 2.94 -10.62 -5.87
N ARG A 44 2.82 -9.35 -5.52
CA ARG A 44 3.06 -8.91 -4.15
C ARG A 44 1.94 -9.42 -3.21
N ALA A 45 0.78 -9.68 -3.78
CA ALA A 45 -0.36 -10.16 -3.01
C ALA A 45 -0.23 -11.66 -2.72
N LEU A 46 0.26 -12.40 -3.71
CA LEU A 46 0.42 -13.85 -3.57
C LEU A 46 1.58 -14.17 -2.63
N GLU A 47 2.72 -13.52 -2.88
CA GLU A 47 3.90 -13.74 -2.05
C GLU A 47 3.59 -13.53 -0.58
N CYS A 48 2.74 -12.55 -0.30
CA CYS A 48 2.36 -12.24 1.08
C CYS A 48 0.85 -12.39 1.27
N HIS A 49 0.30 -13.46 0.70
CA HIS A 49 -1.13 -13.72 0.82
C HIS A 49 -1.47 -14.37 2.16
N PRO A 50 -2.59 -13.93 2.76
CA PRO A 50 -3.05 -14.46 4.05
C PRO A 50 -3.53 -15.91 3.95
N ASP A 51 -4.40 -16.17 2.97
CA ASP A 51 -4.93 -17.51 2.77
C ASP A 51 -3.80 -18.52 2.53
N LYS A 52 -2.83 -18.11 1.73
CA LYS A 52 -1.69 -18.97 1.41
C LYS A 52 -0.71 -19.03 2.58
N HIS A 53 -0.43 -17.87 3.17
CA HIS A 53 0.50 -17.78 4.30
C HIS A 53 -0.21 -17.24 5.53
N PRO A 54 -1.18 -17.99 6.04
CA PRO A 54 -1.96 -17.60 7.23
C PRO A 54 -1.12 -17.64 8.51
N GLU A 55 -0.06 -18.45 8.48
CA GLU A 55 0.82 -18.58 9.63
C GLU A 55 1.37 -17.22 10.07
N ASN A 56 1.28 -16.24 9.18
CA ASN A 56 1.75 -14.89 9.47
C ASN A 56 0.59 -13.91 9.59
N PRO A 57 0.50 -13.23 10.73
CA PRO A 57 -0.56 -12.25 11.00
C PRO A 57 -0.41 -10.99 10.15
N LYS A 58 0.83 -10.62 9.87
CA LYS A 58 1.10 -9.43 9.06
C LYS A 58 0.69 -9.66 7.61
N ALA A 59 0.66 -10.93 7.20
CA ALA A 59 0.27 -11.28 5.84
C ALA A 59 -1.03 -10.59 5.43
N VAL A 60 -2.02 -10.64 6.33
CA VAL A 60 -3.32 -10.03 6.07
C VAL A 60 -3.19 -8.52 5.94
N GLU A 61 -2.48 -7.91 6.88
CA GLU A 61 -2.29 -6.46 6.88
C GLU A 61 -1.69 -5.99 5.55
N THR A 62 -0.45 -6.39 5.29
CA THR A 62 0.23 -6.02 4.06
C THR A 62 -0.65 -6.27 2.84
N PHE A 63 -1.56 -7.23 2.97
CA PHE A 63 -2.47 -7.57 1.88
C PHE A 63 -3.59 -6.54 1.76
N GLN A 64 -4.25 -6.26 2.88
CA GLN A 64 -5.34 -5.29 2.91
C GLN A 64 -4.93 -3.99 2.22
N LYS A 65 -3.67 -3.61 2.38
CA LYS A 65 -3.15 -2.39 1.78
C LYS A 65 -2.89 -2.59 0.29
N LEU A 66 -2.21 -3.67 -0.05
CA LEU A 66 -1.89 -3.98 -1.44
C LEU A 66 -3.12 -3.77 -2.33
N GLN A 67 -4.27 -4.22 -1.85
CA GLN A 67 -5.51 -4.09 -2.61
C GLN A 67 -6.04 -2.66 -2.54
N LYS A 68 -5.60 -1.92 -1.52
CA LYS A 68 -6.03 -0.54 -1.34
C LYS A 68 -5.32 0.38 -2.33
N ALA A 69 -3.99 0.46 -2.21
CA ALA A 69 -3.19 1.30 -3.09
C ALA A 69 -3.60 1.11 -4.55
N LYS A 70 -3.82 -0.15 -4.93
CA LYS A 70 -4.21 -0.47 -6.30
C LYS A 70 -5.48 0.25 -6.69
N GLU A 71 -6.59 -0.11 -6.04
CA GLU A 71 -7.88 0.50 -6.32
C GLU A 71 -7.73 2.02 -6.50
N ILE A 72 -6.88 2.62 -5.67
CA ILE A 72 -6.64 4.06 -5.74
C ILE A 72 -5.84 4.43 -6.98
N LEU A 73 -4.79 3.66 -7.24
CA LEU A 73 -3.92 3.90 -8.39
C LEU A 73 -4.65 3.56 -9.70
N THR A 74 -4.99 2.28 -9.86
CA THR A 74 -5.68 1.82 -11.06
C THR A 74 -6.65 2.88 -11.57
N ASN A 75 -7.45 3.43 -10.66
CA ASN A 75 -8.42 4.46 -11.02
C ASN A 75 -7.78 5.84 -11.02
N GLU A 76 -8.01 6.60 -12.09
CA GLU A 76 -7.45 7.94 -12.21
C GLU A 76 -8.03 8.86 -11.15
N GLU A 77 -9.34 9.05 -11.18
CA GLU A 77 -10.01 9.91 -10.22
C GLU A 77 -9.44 9.72 -8.83
N SER A 78 -9.28 8.47 -8.42
CA SER A 78 -8.75 8.15 -7.10
C SER A 78 -7.27 8.47 -7.03
N ARG A 79 -6.50 7.98 -7.99
CA ARG A 79 -5.07 8.22 -8.04
C ARG A 79 -4.76 9.71 -7.86
N ALA A 80 -5.56 10.56 -8.49
CA ALA A 80 -5.37 12.00 -8.39
C ALA A 80 -5.58 12.49 -6.97
N ARG A 81 -6.67 12.06 -6.35
CA ARG A 81 -6.98 12.46 -4.99
C ARG A 81 -5.81 12.17 -4.05
N TYR A 82 -5.32 10.93 -4.10
CA TYR A 82 -4.20 10.52 -3.25
C TYR A 82 -3.04 11.52 -3.36
N ASP A 83 -2.81 12.00 -4.58
CA ASP A 83 -1.74 12.97 -4.82
C ASP A 83 -2.09 14.34 -4.24
N HIS A 84 -3.38 14.67 -4.29
CA HIS A 84 -3.85 15.95 -3.76
C HIS A 84 -3.63 16.04 -2.26
N TRP A 85 -3.78 14.91 -1.58
CA TRP A 85 -3.60 14.86 -0.13
C TRP A 85 -2.12 14.95 0.24
N ARG A 86 -1.28 14.31 -0.56
CA ARG A 86 0.16 14.31 -0.31
C ARG A 86 0.69 15.73 -0.26
N ARG A 87 0.06 16.63 -1.01
CA ARG A 87 0.48 18.02 -1.05
C ARG A 87 0.25 18.70 0.31
N SER A 88 -0.63 18.12 1.11
CA SER A 88 -0.93 18.66 2.43
C SER A 88 -0.38 17.76 3.54
N GLN A 89 0.00 16.54 3.16
CA GLN A 89 0.54 15.58 4.12
C GLN A 89 -0.13 15.74 5.48
N MET A 90 -1.41 16.04 5.47
CA MET A 90 -2.17 16.22 6.71
C MET A 90 -1.70 15.23 7.77
N SER A 91 -1.91 15.58 9.03
CA SER A 91 -1.51 14.73 10.15
C SER A 91 -1.95 13.29 9.91
N MET A 92 -3.21 13.12 9.53
CA MET A 92 -3.75 11.78 9.28
C MET A 92 -3.44 11.34 7.85
N PRO A 93 -3.41 10.02 7.63
CA PRO A 93 -3.11 9.44 6.31
C PRO A 93 -4.25 9.67 5.32
N PHE A 94 -3.95 9.49 4.04
CA PHE A 94 -4.95 9.67 2.99
C PHE A 94 -6.17 8.79 3.23
N GLN A 95 -5.92 7.51 3.52
CA GLN A 95 -6.99 6.56 3.77
C GLN A 95 -8.13 7.22 4.54
N GLN A 96 -7.80 7.84 5.66
CA GLN A 96 -8.78 8.51 6.50
C GLN A 96 -9.51 9.61 5.72
N TRP A 97 -8.74 10.60 5.27
CA TRP A 97 -9.30 11.71 4.51
C TRP A 97 -10.31 11.21 3.48
N GLU A 98 -9.94 10.15 2.76
CA GLU A 98 -10.82 9.57 1.74
C GLU A 98 -12.22 9.34 2.30
N ALA A 99 -12.29 8.79 3.50
CA ALA A 99 -13.58 8.52 4.14
C ALA A 99 -14.38 9.81 4.32
N LEU A 100 -13.68 10.94 4.31
CA LEU A 100 -14.33 12.24 4.48
C LEU A 100 -14.75 12.82 3.13
N ASN A 101 -13.97 12.50 2.10
CA ASN A 101 -14.25 13.00 0.76
C ASN A 101 -14.87 11.90 -0.10
N ASP A 102 -15.90 11.23 0.44
CA ASP A 102 -16.58 10.16 -0.27
C ASP A 102 -17.86 9.76 0.46
N SER A 103 -18.71 9.02 -0.24
CA SER A 103 -19.98 8.57 0.34
C SER A 103 -19.83 7.19 0.97
N VAL A 104 -20.08 7.12 2.28
CA VAL A 104 -19.96 5.86 3.01
C VAL A 104 -20.44 6.03 4.45
N LYS A 105 -21.52 5.33 4.80
CA LYS A 105 -22.07 5.39 6.14
C LYS A 105 -21.19 4.62 7.13
N THR A 106 -20.67 3.49 6.68
CA THR A 106 -19.81 2.67 7.53
C THR A 106 -20.53 2.22 8.79
N SER A 107 -21.81 1.87 8.64
CA SER A 107 -22.62 1.43 9.77
C SER A 107 -22.47 -0.07 10.00
N GLY A 108 -22.70 -0.50 11.23
CA GLY A 108 -22.59 -1.92 11.56
C GLY A 108 -21.15 -2.36 11.73
N PRO A 109 -20.90 -3.67 11.59
CA PRO A 109 -19.57 -4.25 11.73
C PRO A 109 -18.64 -3.85 10.57
N SER A 110 -17.46 -3.35 10.92
CA SER A 110 -16.49 -2.94 9.92
C SER A 110 -15.11 -3.49 10.24
N SER A 111 -14.72 -3.40 11.50
CA SER A 111 -13.41 -3.90 11.95
C SER A 111 -13.48 -4.40 13.38
N GLY A 112 -12.41 -5.05 13.82
CA GLY A 112 -12.36 -5.58 15.17
C GLY A 112 -13.47 -6.59 15.45
N GLY A 1 43.05 -7.77 16.57
CA GLY A 1 41.79 -8.37 16.15
C GLY A 1 41.98 -9.73 15.52
N SER A 2 41.06 -10.10 14.63
CA SER A 2 41.12 -11.39 13.96
C SER A 2 40.03 -11.50 12.90
N SER A 3 40.16 -12.50 12.02
CA SER A 3 39.20 -12.73 10.96
C SER A 3 38.14 -13.74 11.37
N GLY A 4 37.12 -13.89 10.55
CA GLY A 4 36.05 -14.83 10.85
C GLY A 4 35.04 -14.95 9.72
N SER A 5 34.62 -16.17 9.43
CA SER A 5 33.66 -16.41 8.36
C SER A 5 32.24 -16.25 8.87
N SER A 6 31.73 -15.02 8.84
CA SER A 6 30.38 -14.73 9.31
C SER A 6 29.37 -14.95 8.20
N GLY A 7 28.08 -14.82 8.53
CA GLY A 7 27.03 -15.00 7.55
C GLY A 7 26.84 -13.79 6.67
N MET A 8 25.59 -13.46 6.38
CA MET A 8 25.27 -12.30 5.55
C MET A 8 24.36 -11.33 6.27
N ASP A 9 24.92 -10.22 6.73
CA ASP A 9 24.16 -9.20 7.45
C ASP A 9 24.03 -7.93 6.61
N ALA A 10 23.80 -8.10 5.31
CA ALA A 10 23.65 -6.98 4.40
C ALA A 10 22.18 -6.67 4.15
N ILE A 11 21.56 -5.91 5.05
CA ILE A 11 20.16 -5.54 4.91
C ILE A 11 19.98 -4.03 5.02
N LEU A 12 19.11 -3.49 4.17
CA LEU A 12 18.84 -2.06 4.16
C LEU A 12 18.76 -1.51 5.58
N ASN A 13 19.04 -0.22 5.72
CA ASN A 13 18.99 0.43 7.03
C ASN A 13 17.56 0.74 7.44
N TYR A 14 16.96 -0.17 8.20
CA TYR A 14 15.58 0.01 8.66
C TYR A 14 15.55 0.71 10.02
N ARG A 15 16.58 1.50 10.29
CA ARG A 15 16.67 2.24 11.55
C ARG A 15 15.29 2.70 12.01
N SER A 16 14.63 3.49 11.18
CA SER A 16 13.30 4.01 11.50
C SER A 16 12.23 3.28 10.71
N GLU A 17 12.50 3.07 9.42
CA GLU A 17 11.55 2.38 8.55
C GLU A 17 10.11 2.77 8.88
N ASP A 18 9.91 4.05 9.20
CA ASP A 18 8.58 4.55 9.54
C ASP A 18 7.94 5.24 8.35
N THR A 19 7.91 4.54 7.22
CA THR A 19 7.32 5.08 6.00
C THR A 19 6.37 4.08 5.35
N GLU A 20 5.07 4.39 5.39
CA GLU A 20 4.06 3.51 4.82
C GLU A 20 3.25 4.25 3.75
N ASP A 21 3.85 4.42 2.58
CA ASP A 21 3.19 5.10 1.47
C ASP A 21 2.51 4.10 0.54
N TYR A 22 1.51 4.57 -0.20
CA TYR A 22 0.78 3.71 -1.12
C TYR A 22 1.69 3.24 -2.25
N TYR A 23 2.41 4.16 -2.86
CA TYR A 23 3.32 3.84 -3.95
C TYR A 23 4.34 2.80 -3.51
N THR A 24 4.50 2.64 -2.20
CA THR A 24 5.45 1.68 -1.66
C THR A 24 4.82 0.30 -1.52
N LEU A 25 3.55 0.27 -1.08
CA LEU A 25 2.83 -0.99 -0.91
C LEU A 25 2.93 -1.85 -2.16
N LEU A 26 2.71 -1.23 -3.32
CA LEU A 26 2.78 -1.95 -4.59
C LEU A 26 4.16 -1.81 -5.22
N GLY A 27 5.01 -0.98 -4.62
CA GLY A 27 6.35 -0.76 -5.13
C GLY A 27 6.34 -0.15 -6.51
N CYS A 28 5.38 0.73 -6.76
CA CYS A 28 5.27 1.39 -8.06
C CYS A 28 5.69 2.85 -7.97
N ASP A 29 5.73 3.53 -9.11
CA ASP A 29 6.12 4.93 -9.15
C ASP A 29 5.28 5.70 -10.17
N GLU A 30 5.23 7.01 -10.01
CA GLU A 30 4.45 7.86 -10.91
C GLU A 30 4.72 7.49 -12.37
N LEU A 31 5.94 7.06 -12.64
CA LEU A 31 6.34 6.68 -14.00
C LEU A 31 5.64 5.39 -14.42
N SER A 32 5.46 4.48 -13.46
CA SER A 32 4.82 3.20 -13.73
C SER A 32 3.35 3.41 -14.14
N SER A 33 2.88 2.59 -15.06
CA SER A 33 1.51 2.69 -15.54
C SER A 33 0.64 1.58 -14.92
N VAL A 34 -0.67 1.78 -14.97
CA VAL A 34 -1.61 0.81 -14.42
C VAL A 34 -1.15 -0.62 -14.70
N GLU A 35 -0.85 -0.90 -15.96
CA GLU A 35 -0.41 -2.23 -16.37
C GLU A 35 0.64 -2.77 -15.39
N GLN A 36 1.72 -2.02 -15.21
CA GLN A 36 2.78 -2.42 -14.31
C GLN A 36 2.29 -2.47 -12.86
N ILE A 37 1.73 -1.35 -12.40
CA ILE A 37 1.20 -1.27 -11.05
C ILE A 37 0.55 -2.58 -10.62
N LEU A 38 -0.22 -3.16 -11.53
CA LEU A 38 -0.90 -4.42 -11.25
C LEU A 38 0.10 -5.56 -11.10
N ALA A 39 0.97 -5.71 -12.09
CA ALA A 39 1.98 -6.77 -12.07
C ALA A 39 2.62 -6.87 -10.69
N GLU A 40 3.05 -5.74 -10.15
CA GLU A 40 3.69 -5.71 -8.83
C GLU A 40 2.69 -6.08 -7.74
N PHE A 41 1.55 -5.40 -7.75
CA PHE A 41 0.51 -5.66 -6.75
C PHE A 41 0.13 -7.13 -6.72
N LYS A 42 0.21 -7.78 -7.88
CA LYS A 42 -0.12 -9.21 -7.98
C LYS A 42 0.95 -10.06 -7.33
N VAL A 43 2.17 -9.97 -7.84
CA VAL A 43 3.29 -10.75 -7.29
C VAL A 43 3.46 -10.48 -5.80
N ARG A 44 3.37 -9.22 -5.41
CA ARG A 44 3.53 -8.84 -4.01
C ARG A 44 2.40 -9.43 -3.17
N ALA A 45 1.22 -9.57 -3.77
CA ALA A 45 0.07 -10.13 -3.07
C ALA A 45 0.22 -11.63 -2.86
N LEU A 46 0.59 -12.34 -3.92
CA LEU A 46 0.79 -13.79 -3.86
C LEU A 46 1.92 -14.14 -2.90
N GLU A 47 3.04 -13.46 -3.03
CA GLU A 47 4.20 -13.70 -2.18
C GLU A 47 3.83 -13.52 -0.71
N CYS A 48 2.76 -12.78 -0.46
CA CYS A 48 2.30 -12.52 0.91
C CYS A 48 0.82 -12.87 1.06
N HIS A 49 0.38 -13.88 0.31
CA HIS A 49 -1.01 -14.31 0.36
C HIS A 49 -1.31 -15.05 1.66
N PRO A 50 -2.46 -14.73 2.28
CA PRO A 50 -2.87 -15.36 3.54
C PRO A 50 -3.27 -16.83 3.35
N ASP A 51 -4.15 -17.07 2.38
CA ASP A 51 -4.61 -18.42 2.10
C ASP A 51 -3.43 -19.38 1.93
N LYS A 52 -2.40 -18.92 1.23
CA LYS A 52 -1.21 -19.73 1.00
C LYS A 52 -0.35 -19.80 2.26
N HIS A 53 -0.25 -18.70 2.97
CA HIS A 53 0.55 -18.64 4.19
C HIS A 53 -0.32 -18.17 5.37
N PRO A 54 -1.23 -19.04 5.83
CA PRO A 54 -2.12 -18.73 6.95
C PRO A 54 -1.38 -18.67 8.28
N GLU A 55 -0.35 -19.50 8.42
CA GLU A 55 0.44 -19.54 9.65
C GLU A 55 0.73 -18.12 10.15
N ASN A 56 0.87 -17.19 9.21
CA ASN A 56 1.15 -15.79 9.57
C ASN A 56 -0.10 -14.93 9.40
N PRO A 57 -0.53 -14.28 10.48
CA PRO A 57 -1.71 -13.42 10.48
C PRO A 57 -1.48 -12.14 9.69
N LYS A 58 -0.32 -11.53 9.89
CA LYS A 58 0.02 -10.29 9.19
C LYS A 58 -0.32 -10.39 7.71
N ALA A 59 -0.06 -11.55 7.12
CA ALA A 59 -0.33 -11.77 5.71
C ALA A 59 -1.61 -11.06 5.28
N VAL A 60 -2.73 -11.45 5.87
CA VAL A 60 -4.02 -10.84 5.57
C VAL A 60 -3.92 -9.33 5.51
N GLU A 61 -3.26 -8.75 6.51
CA GLU A 61 -3.09 -7.30 6.56
C GLU A 61 -2.28 -6.79 5.38
N THR A 62 -1.20 -7.51 5.06
CA THR A 62 -0.35 -7.13 3.93
C THR A 62 -1.13 -7.10 2.63
N PHE A 63 -2.17 -7.91 2.54
CA PHE A 63 -3.00 -7.97 1.35
C PHE A 63 -4.07 -6.89 1.37
N GLN A 64 -4.80 -6.82 2.48
CA GLN A 64 -5.86 -5.82 2.64
C GLN A 64 -5.37 -4.44 2.20
N LYS A 65 -4.09 -4.17 2.41
CA LYS A 65 -3.50 -2.89 2.04
C LYS A 65 -3.08 -2.89 0.58
N LEU A 66 -2.67 -4.05 0.09
CA LEU A 66 -2.24 -4.18 -1.30
C LEU A 66 -3.42 -4.01 -2.26
N GLN A 67 -4.55 -4.61 -1.90
CA GLN A 67 -5.74 -4.52 -2.72
C GLN A 67 -6.34 -3.12 -2.67
N LYS A 68 -6.07 -2.41 -1.58
CA LYS A 68 -6.58 -1.06 -1.40
C LYS A 68 -5.85 -0.08 -2.30
N ALA A 69 -4.54 0.04 -2.11
CA ALA A 69 -3.73 0.94 -2.92
C ALA A 69 -4.02 0.77 -4.40
N LYS A 70 -4.08 -0.48 -4.85
CA LYS A 70 -4.35 -0.78 -6.25
C LYS A 70 -5.54 0.04 -6.76
N GLU A 71 -6.72 -0.25 -6.23
CA GLU A 71 -7.93 0.46 -6.62
C GLU A 71 -7.71 1.96 -6.62
N ILE A 72 -7.09 2.47 -5.54
CA ILE A 72 -6.81 3.88 -5.42
C ILE A 72 -6.03 4.41 -6.62
N LEU A 73 -5.05 3.64 -7.07
CA LEU A 73 -4.23 4.02 -8.20
C LEU A 73 -4.90 3.62 -9.51
N THR A 74 -5.01 2.31 -9.74
CA THR A 74 -5.63 1.80 -10.95
C THR A 74 -6.77 2.70 -11.42
N ASN A 75 -7.48 3.29 -10.45
CA ASN A 75 -8.59 4.17 -10.77
C ASN A 75 -8.10 5.58 -11.07
N GLU A 76 -8.51 6.13 -12.21
CA GLU A 76 -8.11 7.46 -12.61
C GLU A 76 -8.70 8.52 -11.67
N GLU A 77 -9.87 8.22 -11.12
CA GLU A 77 -10.54 9.14 -10.20
C GLU A 77 -9.79 9.23 -8.89
N SER A 78 -9.49 8.07 -8.30
CA SER A 78 -8.77 8.02 -7.03
C SER A 78 -7.33 8.49 -7.20
N ARG A 79 -6.64 7.94 -8.20
CA ARG A 79 -5.25 8.30 -8.45
C ARG A 79 -5.10 9.81 -8.59
N ALA A 80 -6.16 10.47 -9.04
CA ALA A 80 -6.14 11.92 -9.21
C ALA A 80 -6.15 12.63 -7.86
N ARG A 81 -7.20 12.39 -7.07
CA ARG A 81 -7.32 13.01 -5.76
C ARG A 81 -6.13 12.65 -4.88
N TYR A 82 -5.59 11.46 -5.08
CA TYR A 82 -4.45 11.00 -4.31
C TYR A 82 -3.30 12.00 -4.37
N ASP A 83 -3.03 12.51 -5.56
CA ASP A 83 -1.96 13.48 -5.76
C ASP A 83 -2.29 14.80 -5.06
N HIS A 84 -3.56 15.19 -5.12
CA HIS A 84 -4.00 16.44 -4.50
C HIS A 84 -3.62 16.46 -3.02
N TRP A 85 -3.85 15.36 -2.33
CA TRP A 85 -3.53 15.26 -0.91
C TRP A 85 -2.04 15.42 -0.67
N ARG A 86 -1.25 14.91 -1.61
CA ARG A 86 0.21 15.00 -1.50
C ARG A 86 0.67 16.45 -1.57
N ARG A 87 -0.05 17.27 -2.32
CA ARG A 87 0.28 18.68 -2.46
C ARG A 87 -0.05 19.44 -1.19
N SER A 88 -1.23 19.19 -0.63
CA SER A 88 -1.67 19.86 0.58
C SER A 88 -0.88 19.36 1.80
N GLN A 89 -0.10 18.30 1.59
CA GLN A 89 0.70 17.73 2.66
C GLN A 89 -0.04 17.81 4.00
N MET A 90 -1.26 17.32 4.03
CA MET A 90 -2.07 17.34 5.23
C MET A 90 -1.32 16.69 6.40
N SER A 91 -1.69 17.07 7.62
CA SER A 91 -1.06 16.53 8.82
C SER A 91 -1.35 15.04 8.96
N MET A 92 -2.53 14.63 8.53
CA MET A 92 -2.94 13.23 8.62
C MET A 92 -2.72 12.52 7.28
N PRO A 93 -2.55 11.20 7.34
CA PRO A 93 -2.33 10.38 6.13
C PRO A 93 -3.57 10.28 5.27
N PHE A 94 -3.38 9.91 4.01
CA PHE A 94 -4.48 9.76 3.07
C PHE A 94 -5.62 8.94 3.68
N GLN A 95 -5.31 7.69 3.98
CA GLN A 95 -6.30 6.78 4.56
C GLN A 95 -7.20 7.53 5.55
N GLN A 96 -6.61 8.40 6.35
CA GLN A 96 -7.35 9.17 7.33
C GLN A 96 -8.28 10.17 6.65
N TRP A 97 -7.76 10.86 5.64
CA TRP A 97 -8.54 11.85 4.91
C TRP A 97 -9.88 11.26 4.47
N GLU A 98 -9.83 10.24 3.63
CA GLU A 98 -11.04 9.59 3.14
C GLU A 98 -12.12 9.58 4.22
N ALA A 99 -11.79 9.00 5.37
CA ALA A 99 -12.72 8.92 6.49
C ALA A 99 -13.45 10.24 6.70
N LEU A 100 -12.71 11.34 6.61
CA LEU A 100 -13.27 12.67 6.80
C LEU A 100 -14.21 13.02 5.64
N ASN A 101 -13.66 13.10 4.44
CA ASN A 101 -14.44 13.42 3.26
C ASN A 101 -15.47 12.33 2.98
N ASP A 102 -14.99 11.13 2.69
CA ASP A 102 -15.87 9.99 2.40
C ASP A 102 -16.56 9.50 3.67
N SER A 103 -17.87 9.72 3.74
CA SER A 103 -18.65 9.31 4.90
C SER A 103 -19.75 8.33 4.49
N VAL A 104 -19.40 7.05 4.49
CA VAL A 104 -20.36 6.01 4.12
C VAL A 104 -21.18 5.56 5.33
N LYS A 105 -20.59 5.68 6.52
CA LYS A 105 -21.27 5.28 7.75
C LYS A 105 -20.52 5.84 8.97
N THR A 106 -21.14 5.70 10.14
CA THR A 106 -20.55 6.18 11.38
C THR A 106 -19.08 5.77 11.48
N SER A 107 -18.19 6.75 11.43
CA SER A 107 -16.76 6.48 11.51
C SER A 107 -16.34 6.21 12.96
N GLY A 108 -15.40 5.28 13.12
CA GLY A 108 -14.93 4.94 14.45
C GLY A 108 -13.95 3.78 14.44
N PRO A 109 -12.97 3.82 15.36
CA PRO A 109 -11.95 2.78 15.47
C PRO A 109 -12.52 1.45 15.98
N SER A 110 -12.90 0.59 15.04
CA SER A 110 -13.47 -0.71 15.40
C SER A 110 -12.53 -1.49 16.31
N SER A 111 -11.24 -1.46 15.99
CA SER A 111 -10.23 -2.15 16.77
C SER A 111 -10.32 -1.76 18.25
N GLY A 112 -10.18 -0.48 18.52
CA GLY A 112 -10.25 0.00 19.89
C GLY A 112 -8.89 0.21 20.50
N GLY A 1 6.90 -29.91 0.64
CA GLY A 1 6.94 -28.74 1.51
C GLY A 1 5.98 -28.85 2.68
N SER A 2 6.51 -28.74 3.89
CA SER A 2 5.69 -28.83 5.08
C SER A 2 5.56 -27.47 5.77
N SER A 3 5.36 -26.43 4.96
CA SER A 3 5.22 -25.07 5.47
C SER A 3 6.55 -24.58 6.05
N GLY A 4 7.64 -24.85 5.33
CA GLY A 4 8.94 -24.42 5.79
C GLY A 4 9.69 -23.62 4.74
N SER A 5 9.27 -22.37 4.55
CA SER A 5 9.89 -21.49 3.56
C SER A 5 11.40 -21.42 3.78
N SER A 6 12.12 -21.03 2.75
CA SER A 6 13.58 -20.93 2.81
C SER A 6 14.02 -19.47 2.88
N GLY A 7 15.31 -19.25 3.09
CA GLY A 7 15.84 -17.90 3.17
C GLY A 7 15.93 -17.40 4.60
N MET A 8 17.08 -16.86 4.96
CA MET A 8 17.30 -16.34 6.32
C MET A 8 16.74 -14.92 6.44
N ASP A 9 15.56 -14.70 5.86
CA ASP A 9 14.92 -13.40 5.90
C ASP A 9 15.94 -12.28 5.71
N ALA A 10 16.88 -12.48 4.80
CA ALA A 10 17.91 -11.50 4.52
C ALA A 10 17.31 -10.22 3.96
N ILE A 11 16.81 -9.37 4.84
CA ILE A 11 16.20 -8.10 4.43
C ILE A 11 16.87 -6.92 5.14
N LEU A 12 17.01 -5.81 4.40
CA LEU A 12 17.64 -4.62 4.96
C LEU A 12 17.03 -4.26 6.31
N ASN A 13 17.75 -3.47 7.09
CA ASN A 13 17.29 -3.05 8.41
C ASN A 13 17.28 -1.53 8.52
N TYR A 14 16.76 -0.86 7.50
CA TYR A 14 16.70 0.59 7.49
C TYR A 14 15.54 1.08 6.61
N ARG A 15 14.71 1.95 7.17
CA ARG A 15 13.57 2.49 6.44
C ARG A 15 13.19 3.87 6.98
N SER A 16 12.33 4.56 6.24
CA SER A 16 11.88 5.89 6.65
C SER A 16 11.00 5.83 7.89
N GLU A 17 10.74 6.98 8.49
CA GLU A 17 9.91 7.05 9.69
C GLU A 17 8.62 6.26 9.50
N ASP A 18 7.86 6.11 10.58
CA ASP A 18 6.60 5.39 10.54
C ASP A 18 5.63 6.03 9.55
N THR A 19 5.76 5.66 8.28
CA THR A 19 4.90 6.20 7.23
C THR A 19 4.52 5.12 6.23
N GLU A 20 3.21 4.97 6.02
CA GLU A 20 2.70 3.97 5.08
C GLU A 20 2.27 4.62 3.77
N ASP A 21 3.16 4.57 2.78
CA ASP A 21 2.88 5.16 1.47
C ASP A 21 2.17 4.15 0.58
N TYR A 22 1.19 4.63 -0.17
CA TYR A 22 0.42 3.77 -1.07
C TYR A 22 1.30 3.26 -2.22
N TYR A 23 2.26 4.09 -2.62
CA TYR A 23 3.17 3.73 -3.70
C TYR A 23 4.03 2.54 -3.32
N THR A 24 4.65 2.62 -2.14
CA THR A 24 5.51 1.55 -1.65
C THR A 24 4.81 0.20 -1.72
N LEU A 25 3.60 0.14 -1.17
CA LEU A 25 2.83 -1.10 -1.17
C LEU A 25 2.95 -1.81 -2.52
N LEU A 26 2.79 -1.05 -3.59
CA LEU A 26 2.89 -1.60 -4.95
C LEU A 26 4.27 -1.35 -5.55
N GLY A 27 5.10 -0.61 -4.81
CA GLY A 27 6.44 -0.32 -5.29
C GLY A 27 6.43 0.30 -6.67
N CYS A 28 5.58 1.29 -6.87
CA CYS A 28 5.47 1.96 -8.17
C CYS A 28 5.71 3.46 -8.01
N ASP A 29 5.57 4.20 -9.12
CA ASP A 29 5.77 5.64 -9.11
C ASP A 29 4.95 6.30 -10.20
N GLU A 30 4.91 7.64 -10.19
CA GLU A 30 4.16 8.40 -11.17
C GLU A 30 4.55 7.99 -12.59
N LEU A 31 5.81 7.56 -12.75
CA LEU A 31 6.30 7.14 -14.06
C LEU A 31 5.65 5.83 -14.50
N SER A 32 5.51 4.90 -13.55
CA SER A 32 4.91 3.61 -13.83
C SER A 32 3.46 3.77 -14.28
N SER A 33 2.96 2.78 -15.01
CA SER A 33 1.59 2.81 -15.50
C SER A 33 0.74 1.75 -14.81
N VAL A 34 -0.58 1.93 -14.85
CA VAL A 34 -1.50 0.99 -14.22
C VAL A 34 -1.20 -0.44 -14.65
N GLU A 35 -0.64 -0.60 -15.85
CA GLU A 35 -0.30 -1.92 -16.37
C GLU A 35 0.76 -2.58 -15.50
N GLN A 36 1.81 -1.84 -15.17
CA GLN A 36 2.88 -2.35 -14.34
C GLN A 36 2.45 -2.48 -12.88
N ILE A 37 1.79 -1.45 -12.38
CA ILE A 37 1.32 -1.45 -10.99
C ILE A 37 0.53 -2.72 -10.68
N LEU A 38 -0.43 -3.04 -11.53
CA LEU A 38 -1.25 -4.23 -11.36
C LEU A 38 -0.39 -5.46 -11.16
N ALA A 39 0.42 -5.78 -12.16
CA ALA A 39 1.30 -6.94 -12.11
C ALA A 39 2.02 -7.00 -10.77
N GLU A 40 2.78 -5.95 -10.45
CA GLU A 40 3.52 -5.89 -9.20
C GLU A 40 2.63 -6.26 -8.02
N PHE A 41 1.38 -5.81 -8.07
CA PHE A 41 0.43 -6.08 -7.00
C PHE A 41 0.06 -7.56 -6.96
N LYS A 42 0.09 -8.19 -8.12
CA LYS A 42 -0.24 -9.61 -8.23
C LYS A 42 0.86 -10.47 -7.60
N VAL A 43 2.11 -10.05 -7.79
CA VAL A 43 3.25 -10.78 -7.24
C VAL A 43 3.46 -10.45 -5.77
N ARG A 44 3.29 -9.17 -5.43
CA ARG A 44 3.46 -8.73 -4.06
C ARG A 44 2.37 -9.29 -3.15
N ALA A 45 1.17 -9.44 -3.71
CA ALA A 45 0.03 -9.98 -2.97
C ALA A 45 0.19 -11.47 -2.73
N LEU A 46 0.85 -12.15 -3.66
CA LEU A 46 1.06 -13.58 -3.56
C LEU A 46 2.22 -13.90 -2.61
N GLU A 47 3.29 -13.13 -2.71
CA GLU A 47 4.46 -13.32 -1.85
C GLU A 47 4.05 -13.30 -0.38
N CYS A 48 3.13 -12.41 -0.03
CA CYS A 48 2.66 -12.29 1.34
C CYS A 48 1.20 -12.65 1.45
N HIS A 49 0.77 -13.62 0.64
CA HIS A 49 -0.62 -14.07 0.64
C HIS A 49 -0.96 -14.77 1.96
N PRO A 50 -2.17 -14.52 2.46
CA PRO A 50 -2.65 -15.12 3.72
C PRO A 50 -2.91 -16.62 3.58
N ASP A 51 -3.62 -17.00 2.52
CA ASP A 51 -3.94 -18.40 2.27
C ASP A 51 -2.68 -19.26 2.37
N LYS A 52 -1.59 -18.76 1.81
CA LYS A 52 -0.32 -19.49 1.82
C LYS A 52 0.10 -19.81 3.26
N HIS A 53 0.13 -18.79 4.11
CA HIS A 53 0.51 -18.97 5.50
C HIS A 53 -0.53 -18.38 6.43
N PRO A 54 -1.61 -19.14 6.67
CA PRO A 54 -2.72 -18.71 7.54
C PRO A 54 -2.31 -18.66 9.00
N GLU A 55 -1.04 -18.97 9.27
CA GLU A 55 -0.53 -18.96 10.64
C GLU A 55 -0.25 -17.54 11.12
N ASN A 56 0.24 -16.71 10.21
CA ASN A 56 0.54 -15.31 10.54
C ASN A 56 -0.55 -14.39 10.01
N PRO A 57 -1.18 -13.64 10.93
CA PRO A 57 -2.25 -12.70 10.58
C PRO A 57 -1.73 -11.49 9.81
N LYS A 58 -0.56 -10.99 10.21
CA LYS A 58 0.05 -9.85 9.55
C LYS A 58 -0.08 -9.95 8.03
N ALA A 59 0.22 -11.13 7.50
CA ALA A 59 0.14 -11.37 6.06
C ALA A 59 -1.18 -10.83 5.50
N VAL A 60 -2.28 -11.18 6.15
CA VAL A 60 -3.60 -10.75 5.72
C VAL A 60 -3.66 -9.23 5.59
N GLU A 61 -3.01 -8.54 6.52
CA GLU A 61 -2.99 -7.08 6.51
C GLU A 61 -2.34 -6.55 5.24
N THR A 62 -1.10 -6.97 5.00
CA THR A 62 -0.36 -6.54 3.82
C THR A 62 -1.17 -6.77 2.54
N PHE A 63 -2.00 -7.81 2.57
CA PHE A 63 -2.83 -8.13 1.41
C PHE A 63 -3.96 -7.13 1.24
N GLN A 64 -4.60 -6.77 2.36
CA GLN A 64 -5.70 -5.81 2.33
C GLN A 64 -5.23 -4.47 1.81
N LYS A 65 -4.12 -3.98 2.35
CA LYS A 65 -3.56 -2.70 1.94
C LYS A 65 -3.12 -2.74 0.47
N LEU A 66 -2.86 -3.94 -0.03
CA LEU A 66 -2.45 -4.12 -1.42
C LEU A 66 -3.61 -3.93 -2.38
N GLN A 67 -4.71 -4.63 -2.11
CA GLN A 67 -5.90 -4.53 -2.95
C GLN A 67 -6.50 -3.12 -2.89
N LYS A 68 -6.12 -2.37 -1.87
CA LYS A 68 -6.61 -1.01 -1.70
C LYS A 68 -5.86 -0.04 -2.62
N ALA A 69 -4.57 0.14 -2.37
CA ALA A 69 -3.75 1.02 -3.18
C ALA A 69 -3.96 0.76 -4.67
N LYS A 70 -4.05 -0.51 -5.03
CA LYS A 70 -4.25 -0.89 -6.42
C LYS A 70 -5.42 -0.13 -7.04
N GLU A 71 -6.57 -0.18 -6.37
CA GLU A 71 -7.77 0.50 -6.85
C GLU A 71 -7.58 2.01 -6.78
N ILE A 72 -6.99 2.48 -5.69
CA ILE A 72 -6.76 3.90 -5.50
C ILE A 72 -5.89 4.48 -6.62
N LEU A 73 -5.04 3.63 -7.20
CA LEU A 73 -4.16 4.05 -8.28
C LEU A 73 -4.75 3.69 -9.64
N THR A 74 -4.88 2.38 -9.90
CA THR A 74 -5.43 1.91 -11.16
C THR A 74 -6.52 2.86 -11.67
N ASN A 75 -7.42 3.27 -10.78
CA ASN A 75 -8.49 4.17 -11.15
C ASN A 75 -8.01 5.62 -11.16
N GLU A 76 -8.15 6.28 -12.31
CA GLU A 76 -7.72 7.68 -12.44
C GLU A 76 -8.50 8.57 -11.49
N GLU A 77 -9.76 8.22 -11.24
CA GLU A 77 -10.61 9.01 -10.34
C GLU A 77 -9.97 9.11 -8.96
N SER A 78 -9.74 7.97 -8.33
CA SER A 78 -9.14 7.93 -7.01
C SER A 78 -7.71 8.45 -7.04
N ARG A 79 -6.91 7.90 -7.94
CA ARG A 79 -5.51 8.31 -8.07
C ARG A 79 -5.39 9.83 -8.03
N ALA A 80 -6.28 10.51 -8.73
CA ALA A 80 -6.28 11.97 -8.77
C ALA A 80 -6.43 12.56 -7.38
N ARG A 81 -7.54 12.24 -6.72
CA ARG A 81 -7.81 12.74 -5.38
C ARG A 81 -6.60 12.56 -4.47
N TYR A 82 -6.05 11.35 -4.44
CA TYR A 82 -4.90 11.05 -3.62
C TYR A 82 -3.79 12.08 -3.84
N ASP A 83 -3.25 12.11 -5.05
CA ASP A 83 -2.19 13.05 -5.39
C ASP A 83 -2.44 14.41 -4.75
N HIS A 84 -3.67 14.90 -4.88
CA HIS A 84 -4.04 16.20 -4.30
C HIS A 84 -3.61 16.27 -2.84
N TRP A 85 -3.85 15.20 -2.09
CA TRP A 85 -3.50 15.15 -0.69
C TRP A 85 -1.98 15.24 -0.49
N ARG A 86 -1.25 14.56 -1.37
CA ARG A 86 0.21 14.56 -1.30
C ARG A 86 0.76 15.98 -1.29
N ARG A 87 0.25 16.81 -2.21
CA ARG A 87 0.68 18.20 -2.31
C ARG A 87 0.42 18.94 -1.01
N SER A 88 -0.70 18.65 -0.38
CA SER A 88 -1.08 19.29 0.88
C SER A 88 -0.17 18.84 2.01
N GLN A 89 0.57 17.76 1.78
CA GLN A 89 1.48 17.22 2.78
C GLN A 89 0.89 17.37 4.18
N MET A 90 -0.36 16.96 4.34
CA MET A 90 -1.04 17.04 5.62
C MET A 90 -0.34 16.17 6.67
N SER A 91 -0.56 16.49 7.93
CA SER A 91 0.05 15.74 9.03
C SER A 91 -0.37 14.28 8.97
N MET A 92 -1.68 14.03 8.91
CA MET A 92 -2.21 12.69 8.85
C MET A 92 -2.11 12.12 7.45
N PRO A 93 -2.06 10.78 7.35
CA PRO A 93 -1.97 10.08 6.06
C PRO A 93 -3.26 10.20 5.24
N PHE A 94 -3.21 9.71 4.00
CA PHE A 94 -4.37 9.76 3.12
C PHE A 94 -5.44 8.78 3.57
N GLN A 95 -5.00 7.64 4.10
CA GLN A 95 -5.93 6.62 4.57
C GLN A 95 -7.01 7.22 5.45
N GLN A 96 -6.70 8.34 6.08
CA GLN A 96 -7.64 9.02 6.95
C GLN A 96 -8.50 10.01 6.17
N TRP A 97 -7.85 10.84 5.36
CA TRP A 97 -8.55 11.84 4.56
C TRP A 97 -9.81 11.24 3.93
N GLU A 98 -9.69 10.02 3.44
CA GLU A 98 -10.83 9.34 2.81
C GLU A 98 -12.08 9.49 3.66
N ALA A 99 -12.05 8.92 4.87
CA ALA A 99 -13.19 8.99 5.77
C ALA A 99 -13.52 10.43 6.12
N LEU A 100 -12.50 11.20 6.49
CA LEU A 100 -12.68 12.60 6.85
C LEU A 100 -13.54 13.32 5.82
N ASN A 101 -13.53 12.81 4.58
CA ASN A 101 -14.31 13.41 3.51
C ASN A 101 -15.68 12.73 3.39
N ASP A 102 -15.68 11.40 3.33
CA ASP A 102 -16.91 10.64 3.21
C ASP A 102 -17.95 11.13 4.22
N SER A 103 -17.69 10.89 5.50
CA SER A 103 -18.61 11.30 6.55
C SER A 103 -18.68 12.82 6.65
N VAL A 104 -19.82 13.33 7.12
CA VAL A 104 -20.01 14.77 7.25
C VAL A 104 -19.20 15.32 8.42
N LYS A 105 -19.02 14.50 9.44
CA LYS A 105 -18.27 14.90 10.63
C LYS A 105 -16.98 14.09 10.76
N THR A 106 -15.89 14.78 11.05
CA THR A 106 -14.59 14.13 11.20
C THR A 106 -14.71 12.85 12.02
N SER A 107 -13.89 11.86 11.69
CA SER A 107 -13.90 10.59 12.39
C SER A 107 -12.68 10.45 13.29
N GLY A 108 -12.74 9.49 14.22
CA GLY A 108 -11.63 9.27 15.12
C GLY A 108 -10.77 8.09 14.72
N PRO A 109 -9.46 8.20 14.94
CA PRO A 109 -8.50 7.14 14.60
C PRO A 109 -8.65 5.92 15.49
N SER A 110 -8.90 4.77 14.87
CA SER A 110 -9.07 3.52 15.61
C SER A 110 -7.76 2.73 15.64
N SER A 111 -7.08 2.77 16.77
CA SER A 111 -5.82 2.06 16.92
C SER A 111 -6.04 0.54 16.91
N GLY A 112 -7.06 0.10 17.62
CA GLY A 112 -7.37 -1.32 17.67
C GLY A 112 -6.89 -1.97 18.96
N GLY A 1 54.09 -17.74 -10.45
CA GLY A 1 52.67 -17.66 -10.16
C GLY A 1 52.33 -16.50 -9.24
N SER A 2 51.05 -16.36 -8.93
CA SER A 2 50.59 -15.27 -8.07
C SER A 2 49.26 -15.62 -7.40
N SER A 3 48.79 -14.74 -6.54
CA SER A 3 47.53 -14.96 -5.83
C SER A 3 46.90 -13.63 -5.42
N GLY A 4 45.59 -13.52 -5.63
CA GLY A 4 44.89 -12.29 -5.28
C GLY A 4 43.71 -12.55 -4.34
N SER A 5 43.01 -11.48 -3.98
CA SER A 5 41.86 -11.60 -3.09
C SER A 5 40.91 -10.42 -3.28
N SER A 6 39.78 -10.46 -2.57
CA SER A 6 38.79 -9.40 -2.67
C SER A 6 37.74 -9.54 -1.57
N GLY A 7 37.09 -8.43 -1.22
CA GLY A 7 36.08 -8.45 -0.18
C GLY A 7 34.72 -8.02 -0.71
N MET A 8 33.67 -8.43 0.00
CA MET A 8 32.31 -8.08 -0.40
C MET A 8 31.46 -7.73 0.83
N ASP A 9 30.26 -7.23 0.58
CA ASP A 9 29.35 -6.87 1.66
C ASP A 9 27.96 -7.46 1.44
N ALA A 10 27.49 -8.23 2.42
CA ALA A 10 26.19 -8.87 2.33
C ALA A 10 25.26 -8.37 3.44
N ILE A 11 25.49 -7.14 3.88
CA ILE A 11 24.67 -6.55 4.94
C ILE A 11 23.64 -5.58 4.36
N LEU A 12 22.37 -5.83 4.66
CA LEU A 12 21.30 -4.97 4.17
C LEU A 12 20.49 -4.40 5.34
N ASN A 13 20.11 -3.13 5.22
CA ASN A 13 19.33 -2.47 6.26
C ASN A 13 18.15 -1.71 5.65
N TYR A 14 17.14 -2.47 5.21
CA TYR A 14 15.95 -1.88 4.62
C TYR A 14 14.76 -2.00 5.55
N ARG A 15 13.68 -1.29 5.22
CA ARG A 15 12.47 -1.32 6.03
C ARG A 15 12.75 -0.84 7.45
N SER A 16 13.52 0.24 7.57
CA SER A 16 13.88 0.79 8.87
C SER A 16 12.89 1.88 9.28
N GLU A 17 12.48 2.69 8.30
CA GLU A 17 11.55 3.78 8.56
C GLU A 17 10.10 3.29 8.43
N ASP A 18 9.23 3.83 9.27
CA ASP A 18 7.82 3.46 9.26
C ASP A 18 6.99 4.51 8.54
N THR A 19 6.61 4.20 7.30
CA THR A 19 5.81 5.12 6.49
C THR A 19 4.80 4.37 5.64
N GLU A 20 3.57 4.87 5.59
CA GLU A 20 2.52 4.24 4.81
C GLU A 20 2.48 4.81 3.40
N ASP A 21 3.53 4.55 2.62
CA ASP A 21 3.61 5.03 1.26
C ASP A 21 2.87 4.11 0.29
N TYR A 22 1.76 4.60 -0.25
CA TYR A 22 0.95 3.82 -1.18
C TYR A 22 1.80 3.28 -2.32
N TYR A 23 2.44 4.19 -3.06
CA TYR A 23 3.29 3.81 -4.18
C TYR A 23 4.22 2.66 -3.80
N THR A 24 4.79 2.74 -2.60
CA THR A 24 5.69 1.71 -2.12
C THR A 24 5.00 0.35 -2.05
N LEU A 25 3.77 0.35 -1.55
CA LEU A 25 3.00 -0.89 -1.43
C LEU A 25 3.08 -1.70 -2.72
N LEU A 26 3.01 -1.01 -3.86
CA LEU A 26 3.06 -1.67 -5.16
C LEU A 26 4.39 -1.39 -5.84
N GLY A 27 5.25 -0.61 -5.17
CA GLY A 27 6.54 -0.29 -5.74
C GLY A 27 6.44 0.26 -7.16
N CYS A 28 5.55 1.23 -7.35
CA CYS A 28 5.35 1.83 -8.66
C CYS A 28 5.53 3.35 -8.60
N ASP A 29 5.27 4.02 -9.72
CA ASP A 29 5.41 5.46 -9.79
C ASP A 29 4.65 6.02 -11.00
N GLU A 30 4.69 7.34 -11.16
CA GLU A 30 4.01 7.99 -12.26
C GLU A 30 4.50 7.42 -13.60
N LEU A 31 5.65 6.78 -13.58
CA LEU A 31 6.23 6.19 -14.79
C LEU A 31 5.51 4.89 -15.16
N SER A 32 5.22 4.08 -14.14
CA SER A 32 4.54 2.81 -14.36
C SER A 32 3.09 3.03 -14.78
N SER A 33 2.49 2.01 -15.39
CA SER A 33 1.11 2.10 -15.85
C SER A 33 0.21 1.18 -15.03
N VAL A 34 -1.09 1.36 -15.18
CA VAL A 34 -2.07 0.55 -14.45
C VAL A 34 -1.78 -0.93 -14.62
N GLU A 35 -1.38 -1.32 -15.83
CA GLU A 35 -1.08 -2.71 -16.13
C GLU A 35 0.10 -3.20 -15.27
N GLN A 36 1.21 -2.47 -15.33
CA GLN A 36 2.39 -2.84 -14.56
C GLN A 36 2.09 -2.85 -13.06
N ILE A 37 1.19 -1.98 -12.64
CA ILE A 37 0.81 -1.90 -11.23
C ILE A 37 -0.11 -3.04 -10.84
N LEU A 38 -0.86 -3.56 -11.81
CA LEU A 38 -1.77 -4.66 -11.56
C LEU A 38 -1.02 -5.98 -11.48
N ALA A 39 0.05 -6.11 -12.26
CA ALA A 39 0.85 -7.32 -12.27
C ALA A 39 1.58 -7.50 -10.94
N GLU A 40 2.45 -6.55 -10.61
CA GLU A 40 3.20 -6.61 -9.36
C GLU A 40 2.28 -6.80 -8.17
N PHE A 41 1.08 -6.25 -8.26
CA PHE A 41 0.10 -6.35 -7.19
C PHE A 41 -0.41 -7.79 -7.06
N LYS A 42 -0.69 -8.42 -8.19
CA LYS A 42 -1.17 -9.79 -8.21
C LYS A 42 -0.17 -10.73 -7.54
N VAL A 43 1.11 -10.54 -7.83
CA VAL A 43 2.16 -11.37 -7.26
C VAL A 43 2.45 -10.96 -5.81
N ARG A 44 2.53 -9.66 -5.57
CA ARG A 44 2.80 -9.15 -4.23
C ARG A 44 1.76 -9.65 -3.23
N ALA A 45 0.50 -9.71 -3.67
CA ALA A 45 -0.58 -10.17 -2.81
C ALA A 45 -0.44 -11.66 -2.52
N LEU A 46 -0.09 -12.43 -3.54
CA LEU A 46 0.08 -13.87 -3.39
C LEU A 46 1.22 -14.19 -2.41
N GLU A 47 2.37 -13.57 -2.63
CA GLU A 47 3.53 -13.78 -1.77
C GLU A 47 3.16 -13.60 -0.30
N CYS A 48 2.39 -12.55 -0.02
CA CYS A 48 1.98 -12.26 1.34
C CYS A 48 0.45 -12.34 1.47
N HIS A 49 -0.12 -13.42 0.97
CA HIS A 49 -1.56 -13.63 1.02
C HIS A 49 -1.97 -14.31 2.33
N PRO A 50 -3.10 -13.87 2.90
CA PRO A 50 -3.61 -14.42 4.15
C PRO A 50 -4.13 -15.84 3.98
N ASP A 51 -4.89 -16.07 2.91
CA ASP A 51 -5.44 -17.39 2.64
C ASP A 51 -4.34 -18.44 2.52
N LYS A 52 -3.29 -18.10 1.78
CA LYS A 52 -2.16 -19.00 1.58
C LYS A 52 -1.30 -19.07 2.83
N HIS A 53 -1.32 -18.00 3.63
CA HIS A 53 -0.54 -17.94 4.86
C HIS A 53 -1.41 -17.54 6.04
N PRO A 54 -2.14 -18.52 6.60
CA PRO A 54 -3.03 -18.29 7.74
C PRO A 54 -2.26 -17.99 9.03
N GLU A 55 -1.14 -18.69 9.21
CA GLU A 55 -0.31 -18.51 10.39
C GLU A 55 0.64 -17.33 10.21
N ASN A 56 0.17 -16.29 9.54
CA ASN A 56 0.99 -15.11 9.29
C ASN A 56 0.15 -13.83 9.43
N PRO A 57 0.35 -13.12 10.55
CA PRO A 57 -0.36 -11.88 10.83
C PRO A 57 0.06 -10.73 9.90
N LYS A 58 1.27 -10.84 9.37
CA LYS A 58 1.80 -9.82 8.47
C LYS A 58 1.15 -9.92 7.10
N ALA A 59 1.04 -11.14 6.59
CA ALA A 59 0.43 -11.37 5.28
C ALA A 59 -0.88 -10.62 5.15
N VAL A 60 -1.78 -10.83 6.11
CA VAL A 60 -3.08 -10.17 6.09
C VAL A 60 -2.93 -8.66 5.88
N GLU A 61 -2.06 -8.04 6.65
CA GLU A 61 -1.81 -6.61 6.54
C GLU A 61 -1.26 -6.25 5.17
N THR A 62 -0.12 -6.84 4.82
CA THR A 62 0.52 -6.59 3.54
C THR A 62 -0.48 -6.74 2.39
N PHE A 63 -1.48 -7.59 2.59
CA PHE A 63 -2.49 -7.84 1.57
C PHE A 63 -3.56 -6.75 1.61
N GLN A 64 -4.05 -6.44 2.81
CA GLN A 64 -5.07 -5.43 2.97
C GLN A 64 -4.61 -4.08 2.44
N LYS A 65 -3.29 -3.86 2.49
CA LYS A 65 -2.70 -2.61 2.01
C LYS A 65 -2.40 -2.68 0.53
N LEU A 66 -2.11 -3.89 0.05
CA LEU A 66 -1.80 -4.11 -1.35
C LEU A 66 -3.03 -3.89 -2.22
N GLN A 67 -4.12 -4.56 -1.87
CA GLN A 67 -5.37 -4.44 -2.62
C GLN A 67 -5.84 -2.98 -2.65
N LYS A 68 -5.51 -2.23 -1.61
CA LYS A 68 -5.90 -0.83 -1.52
C LYS A 68 -5.15 0.02 -2.54
N ALA A 69 -3.85 0.20 -2.31
CA ALA A 69 -3.02 0.98 -3.21
C ALA A 69 -3.35 0.68 -4.66
N LYS A 70 -3.41 -0.61 -5.00
CA LYS A 70 -3.72 -1.04 -6.36
C LYS A 70 -4.96 -0.33 -6.88
N GLU A 71 -5.99 -0.23 -6.04
CA GLU A 71 -7.23 0.42 -6.43
C GLU A 71 -7.07 1.94 -6.42
N ILE A 72 -6.61 2.48 -5.29
CA ILE A 72 -6.42 3.91 -5.15
C ILE A 72 -5.59 4.47 -6.31
N LEU A 73 -4.79 3.60 -6.92
CA LEU A 73 -3.94 4.00 -8.05
C LEU A 73 -4.63 3.71 -9.38
N THR A 74 -4.82 2.42 -9.68
CA THR A 74 -5.47 2.02 -10.91
C THR A 74 -6.60 2.97 -11.29
N ASN A 75 -7.22 3.57 -10.28
CA ASN A 75 -8.32 4.50 -10.50
C ASN A 75 -7.79 5.92 -10.71
N GLU A 76 -8.08 6.48 -11.88
CA GLU A 76 -7.63 7.84 -12.20
C GLU A 76 -8.37 8.87 -11.37
N GLU A 77 -9.48 8.45 -10.76
CA GLU A 77 -10.28 9.34 -9.94
C GLU A 77 -9.64 9.53 -8.57
N SER A 78 -9.36 8.43 -7.88
CA SER A 78 -8.75 8.47 -6.56
C SER A 78 -7.27 8.82 -6.65
N ARG A 79 -6.60 8.22 -7.63
CA ARG A 79 -5.17 8.47 -7.84
C ARG A 79 -4.88 9.97 -7.93
N ALA A 80 -5.79 10.70 -8.56
CA ALA A 80 -5.64 12.14 -8.72
C ALA A 80 -5.65 12.84 -7.37
N ARG A 81 -6.81 12.85 -6.72
CA ARG A 81 -6.96 13.49 -5.42
C ARG A 81 -5.83 13.07 -4.48
N TYR A 82 -5.52 11.79 -4.48
CA TYR A 82 -4.46 11.26 -3.61
C TYR A 82 -3.26 12.20 -3.61
N ASP A 83 -3.00 12.82 -4.74
CA ASP A 83 -1.88 13.74 -4.88
C ASP A 83 -2.16 15.05 -4.13
N HIS A 84 -3.41 15.51 -4.19
CA HIS A 84 -3.80 16.75 -3.53
C HIS A 84 -3.69 16.61 -2.01
N TRP A 85 -3.81 15.37 -1.52
CA TRP A 85 -3.73 15.10 -0.09
C TRP A 85 -2.27 15.02 0.35
N ARG A 86 -1.49 14.20 -0.34
CA ARG A 86 -0.08 14.04 -0.01
C ARG A 86 0.58 15.38 0.26
N ARG A 87 0.42 16.31 -0.67
CA ARG A 87 1.00 17.63 -0.54
C ARG A 87 0.44 18.36 0.68
N SER A 88 -0.76 17.96 1.10
CA SER A 88 -1.41 18.57 2.24
C SER A 88 -0.92 17.95 3.54
N GLN A 89 -0.36 16.75 3.45
CA GLN A 89 0.16 16.05 4.63
C GLN A 89 -0.72 16.31 5.84
N MET A 90 -2.03 16.18 5.66
CA MET A 90 -2.98 16.41 6.76
C MET A 90 -2.59 15.60 7.99
N SER A 91 -3.02 16.07 9.16
CA SER A 91 -2.71 15.39 10.41
C SER A 91 -3.19 13.94 10.39
N MET A 92 -4.31 13.72 9.71
CA MET A 92 -4.88 12.37 9.61
C MET A 92 -4.42 11.69 8.32
N PRO A 93 -4.42 10.35 8.33
CA PRO A 93 -4.01 9.55 7.17
C PRO A 93 -5.00 9.64 6.02
N PHE A 94 -4.49 9.56 4.79
CA PHE A 94 -5.33 9.64 3.60
C PHE A 94 -6.61 8.85 3.80
N GLN A 95 -6.46 7.58 4.17
CA GLN A 95 -7.62 6.70 4.38
C GLN A 95 -8.77 7.48 5.01
N GLN A 96 -8.45 8.35 5.96
CA GLN A 96 -9.46 9.15 6.64
C GLN A 96 -9.95 10.28 5.75
N TRP A 97 -9.04 11.18 5.39
CA TRP A 97 -9.37 12.31 4.54
C TRP A 97 -10.28 11.89 3.40
N GLU A 98 -9.83 10.91 2.62
CA GLU A 98 -10.61 10.41 1.49
C GLU A 98 -12.01 10.00 1.94
N ALA A 99 -12.10 9.39 3.11
CA ALA A 99 -13.38 8.95 3.65
C ALA A 99 -14.37 10.10 3.72
N LEU A 100 -13.85 11.32 3.80
CA LEU A 100 -14.68 12.51 3.87
C LEU A 100 -15.34 12.80 2.52
N ASN A 101 -14.52 12.85 1.48
CA ASN A 101 -15.02 13.11 0.13
C ASN A 101 -16.07 12.07 -0.28
N ASP A 102 -15.73 10.80 -0.08
CA ASP A 102 -16.65 9.72 -0.43
C ASP A 102 -17.48 9.30 0.78
N SER A 103 -18.52 10.06 1.06
CA SER A 103 -19.40 9.77 2.19
C SER A 103 -19.68 8.28 2.29
N VAL A 104 -19.68 7.76 3.51
CA VAL A 104 -19.94 6.34 3.75
C VAL A 104 -20.73 6.13 5.03
N LYS A 105 -21.97 5.67 4.88
CA LYS A 105 -22.84 5.42 6.03
C LYS A 105 -22.43 4.13 6.75
N THR A 106 -22.23 3.07 5.98
CA THR A 106 -21.84 1.78 6.55
C THR A 106 -22.54 1.53 7.88
N SER A 107 -23.81 1.91 7.95
CA SER A 107 -24.59 1.73 9.17
C SER A 107 -24.76 0.25 9.50
N GLY A 108 -24.01 -0.22 10.49
CA GLY A 108 -24.08 -1.61 10.89
C GLY A 108 -22.82 -2.09 11.59
N PRO A 109 -22.73 -1.84 12.90
CA PRO A 109 -21.57 -2.23 13.71
C PRO A 109 -21.48 -3.73 13.89
N SER A 110 -22.53 -4.45 13.48
CA SER A 110 -22.58 -5.90 13.60
C SER A 110 -21.49 -6.54 12.73
N SER A 111 -20.59 -7.28 13.38
CA SER A 111 -19.51 -7.95 12.67
C SER A 111 -19.86 -9.40 12.38
N GLY A 112 -20.28 -10.12 13.41
CA GLY A 112 -20.64 -11.52 13.25
C GLY A 112 -19.44 -12.40 12.96
#